data_7QWN
#
_entry.id   7QWN
#
_cell.length_a   137.052
_cell.length_b   69.203
_cell.length_c   144.540
_cell.angle_alpha   90.000
_cell.angle_beta   94.389
_cell.angle_gamma   90.000
#
_symmetry.space_group_name_H-M   'C 1 2 1'
#
loop_
_entity.id
_entity.type
_entity.pdbx_description
1 polymer 'Steroid C26-monooxygenase'
2 non-polymer 'ethyl 5-pyridin-4-yl-1~{H}-indole-2-carboxylate'
3 non-polymer 'PROTOPORPHYRIN IX CONTAINING FE'
4 non-polymer 'SULFATE ION'
5 non-polymer 'CHLORIDE ION'
6 water water
#
_entity_poly.entity_id   1
_entity_poly.type   'polypeptide(L)'
_entity_poly.pdbx_seq_one_letter_code
;NGPSPNLPPGFDFTDPAIYAERLPVAEFAELRSAAPIWWNGQDPGKGGGFHDGGFWAITKLNDVKEISRHSDVFSSYENG
VIPRFKNDIAREDIEVQRFVMLNMDAPHHTRLRKIISRGFTPRAVGRLHDELQERAQKIAAEAAAAGSGDFVEQVSCELP
LQAIAGLLGVPQEDRGKLFHWSNEMTGNEDPEYAHIDPKASSAELIGYAMKMAEEKAKNPADDIVTQLIQADIDGEKLSD
DEFGFFVVMLAVAGNETTRNSITQGMMAFAEHPDQWELYKKVRPETAADEIVRWATPVTAFQRTALRDYELSGVQIKKGQ
RVVMFYRSANFDEEVFQDPFTFNILRNPNPHVGFGGTGAHYCIGANLARMTINLIFNAVADHMPDLKPISAPERLRSGWL
NGIKHWQVDYTGRCPVA
;
_entity_poly.pdbx_strand_id   A,B,C
#
loop_
_chem_comp.id
_chem_comp.type
_chem_comp.name
_chem_comp.formula
CL non-polymer 'CHLORIDE ION' 'Cl -1'
DQE non-polymer 'ethyl 5-pyridin-4-yl-1~{H}-indole-2-carboxylate' 'C16 H14 N2 O2'
HEM non-polymer 'PROTOPORPHYRIN IX CONTAINING FE' 'C34 H32 Fe N4 O4'
SO4 non-polymer 'SULFATE ION' 'O4 S -2'
#
# COMPACT_ATOMS: atom_id res chain seq x y z
N GLY A 2 60.97 -20.15 2.66
CA GLY A 2 61.05 -21.32 1.80
C GLY A 2 60.69 -21.04 0.36
N PRO A 3 60.81 -22.05 -0.50
CA PRO A 3 60.51 -21.85 -1.92
C PRO A 3 59.06 -21.46 -2.14
N SER A 4 58.81 -20.79 -3.26
CA SER A 4 57.43 -20.46 -3.63
C SER A 4 56.68 -21.71 -4.06
N PRO A 5 55.36 -21.74 -3.90
CA PRO A 5 54.62 -22.92 -4.33
C PRO A 5 54.65 -23.09 -5.84
N ASN A 6 54.65 -24.35 -6.25
CA ASN A 6 54.71 -24.71 -7.67
C ASN A 6 53.30 -24.59 -8.25
N LEU A 7 52.98 -23.37 -8.70
CA LEU A 7 51.70 -23.05 -9.31
C LEU A 7 51.95 -22.27 -10.59
N PRO A 8 51.07 -22.40 -11.58
CA PRO A 8 51.20 -21.57 -12.80
C PRO A 8 51.27 -20.09 -12.44
N PRO A 9 52.06 -19.29 -13.17
CA PRO A 9 52.05 -17.85 -12.91
C PRO A 9 50.66 -17.28 -13.06
N GLY A 10 50.31 -16.40 -12.12
CA GLY A 10 49.00 -15.77 -12.14
C GLY A 10 47.82 -16.64 -11.73
N PHE A 11 48.06 -17.88 -11.29
CA PHE A 11 46.97 -18.74 -10.84
C PHE A 11 46.11 -18.04 -9.79
N ASP A 12 44.79 -18.15 -9.95
CA ASP A 12 43.81 -17.55 -9.04
C ASP A 12 42.89 -18.66 -8.58
N PHE A 13 42.88 -18.94 -7.28
CA PHE A 13 42.08 -20.04 -6.76
C PHE A 13 40.58 -19.74 -6.79
N THR A 14 40.17 -18.52 -7.14
CA THR A 14 38.75 -18.21 -7.34
C THR A 14 38.35 -18.12 -8.81
N ASP A 15 39.22 -18.51 -9.72
CA ASP A 15 38.96 -18.38 -11.15
C ASP A 15 37.84 -19.33 -11.57
N PRO A 16 36.69 -18.83 -12.00
CA PRO A 16 35.59 -19.75 -12.39
C PRO A 16 35.98 -20.67 -13.52
N ALA A 17 36.94 -20.29 -14.37
CA ALA A 17 37.31 -21.13 -15.50
C ALA A 17 37.97 -22.43 -15.03
N ILE A 18 38.56 -22.42 -13.85
CA ILE A 18 39.08 -23.67 -13.30
C ILE A 18 37.93 -24.60 -12.95
N TYR A 19 36.99 -24.11 -12.14
CA TYR A 19 35.93 -24.93 -11.57
C TYR A 19 34.95 -25.44 -12.62
N ALA A 20 34.83 -24.76 -13.77
CA ALA A 20 34.03 -25.29 -14.87
C ALA A 20 34.58 -26.60 -15.41
N GLU A 21 35.85 -26.89 -15.16
CA GLU A 21 36.51 -28.08 -15.64
C GLU A 21 36.86 -29.08 -14.55
N ARG A 22 37.25 -28.61 -13.37
CA ARG A 22 37.85 -29.47 -12.36
C ARG A 22 37.92 -28.73 -11.03
N LEU A 23 38.16 -29.51 -9.97
CA LEU A 23 38.56 -29.00 -8.67
C LEU A 23 40.07 -28.93 -8.60
N PRO A 24 40.67 -27.79 -8.22
CA PRO A 24 42.14 -27.69 -8.24
C PRO A 24 42.80 -28.40 -7.06
N VAL A 25 42.62 -29.73 -7.00
CA VAL A 25 42.97 -30.48 -5.80
C VAL A 25 44.47 -30.48 -5.57
N ALA A 26 45.26 -30.72 -6.63
CA ALA A 26 46.71 -30.74 -6.48
C ALA A 26 47.25 -29.35 -6.11
N GLU A 27 46.64 -28.30 -6.65
CA GLU A 27 47.10 -26.95 -6.35
C GLU A 27 46.87 -26.61 -4.88
N PHE A 28 45.70 -26.99 -4.34
CA PHE A 28 45.46 -26.79 -2.91
C PHE A 28 46.46 -27.59 -2.09
N ALA A 29 46.73 -28.84 -2.49
CA ALA A 29 47.68 -29.64 -1.73
C ALA A 29 49.07 -29.03 -1.75
N GLU A 30 49.44 -28.38 -2.85
CA GLU A 30 50.74 -27.71 -2.92
C GLU A 30 50.82 -26.54 -1.96
N LEU A 31 49.74 -25.78 -1.82
CA LEU A 31 49.74 -24.69 -0.84
C LEU A 31 49.86 -25.23 0.59
N ARG A 32 49.11 -26.29 0.91
CA ARG A 32 49.17 -26.83 2.27
C ARG A 32 50.60 -27.24 2.62
N SER A 33 51.32 -27.80 1.65
CA SER A 33 52.69 -28.26 1.88
C SER A 33 53.70 -27.11 1.89
N ALA A 34 53.60 -26.18 0.94
CA ALA A 34 54.66 -25.21 0.72
C ALA A 34 54.32 -23.78 1.11
N ALA A 35 53.05 -23.43 1.23
CA ALA A 35 52.68 -22.07 1.59
C ALA A 35 51.25 -22.04 2.09
N PRO A 36 50.99 -22.55 3.30
CA PRO A 36 49.59 -22.77 3.73
C PRO A 36 48.78 -21.50 3.82
N ILE A 37 49.42 -20.35 4.02
CA ILE A 37 48.80 -19.04 3.90
C ILE A 37 49.60 -18.29 2.85
N TRP A 38 48.95 -17.95 1.74
CA TRP A 38 49.62 -17.53 0.52
C TRP A 38 48.86 -16.39 -0.12
N TRP A 39 49.59 -15.35 -0.53
CA TRP A 39 48.95 -14.21 -1.17
C TRP A 39 48.61 -14.57 -2.61
N ASN A 40 47.31 -14.58 -2.92
CA ASN A 40 46.72 -14.85 -4.24
C ASN A 40 46.57 -13.49 -4.92
N GLY A 41 47.56 -13.09 -5.72
CA GLY A 41 47.47 -11.81 -6.42
C GLY A 41 46.43 -11.85 -7.52
N GLN A 42 45.82 -10.69 -7.78
CA GLN A 42 44.83 -10.54 -8.85
C GLN A 42 45.11 -9.30 -9.68
N ASP A 43 45.18 -9.47 -11.00
CA ASP A 43 45.49 -8.38 -11.92
C ASP A 43 44.34 -7.38 -12.00
N PRO A 44 44.62 -6.14 -12.41
CA PRO A 44 43.57 -5.11 -12.43
C PRO A 44 42.37 -5.58 -13.23
N GLY A 45 41.19 -5.37 -12.67
CA GLY A 45 39.97 -5.81 -13.31
C GLY A 45 39.71 -7.30 -13.33
N LYS A 46 40.49 -8.10 -12.62
CA LYS A 46 40.31 -9.56 -12.67
C LYS A 46 40.05 -10.14 -11.28
N GLY A 47 39.54 -9.32 -10.37
CA GLY A 47 39.31 -9.70 -8.99
C GLY A 47 37.90 -10.13 -8.68
N GLY A 48 37.07 -10.35 -9.69
CA GLY A 48 35.72 -10.85 -9.43
C GLY A 48 34.83 -9.91 -8.64
N GLY A 49 34.98 -8.61 -8.86
CA GLY A 49 34.21 -7.61 -8.17
C GLY A 49 34.98 -6.87 -7.08
N PHE A 50 36.18 -7.33 -6.75
CA PHE A 50 37.00 -6.76 -5.70
C PHE A 50 38.28 -6.23 -6.34
N HIS A 51 38.66 -5.01 -5.94
CA HIS A 51 39.70 -4.26 -6.62
C HIS A 51 40.82 -3.86 -5.67
N ASP A 52 41.38 -4.84 -4.97
CA ASP A 52 42.35 -4.57 -3.91
C ASP A 52 43.66 -5.30 -4.13
N GLY A 53 43.87 -5.88 -5.29
CA GLY A 53 45.13 -6.50 -5.60
C GLY A 53 45.22 -7.97 -5.31
N GLY A 54 44.27 -8.52 -4.56
CA GLY A 54 44.26 -9.94 -4.27
C GLY A 54 43.83 -10.21 -2.85
N PHE A 55 44.18 -11.40 -2.38
CA PHE A 55 43.69 -11.87 -1.09
C PHE A 55 44.63 -12.95 -0.57
N TRP A 56 44.48 -13.26 0.72
CA TRP A 56 45.20 -14.35 1.35
C TRP A 56 44.40 -15.65 1.22
N ALA A 57 45.02 -16.64 0.58
CA ALA A 57 44.43 -17.97 0.46
C ALA A 57 44.69 -18.73 1.75
N ILE A 58 43.62 -19.21 2.39
CA ILE A 58 43.70 -19.93 3.65
C ILE A 58 43.38 -21.39 3.36
N THR A 59 44.35 -22.27 3.60
CA THR A 59 44.23 -23.64 3.13
C THR A 59 44.21 -24.69 4.23
N LYS A 60 44.54 -24.33 5.48
CA LYS A 60 44.61 -25.27 6.58
C LYS A 60 43.36 -25.17 7.45
N LEU A 61 42.86 -26.32 7.91
CA LEU A 61 41.61 -26.33 8.65
C LEU A 61 41.72 -25.55 9.96
N ASN A 62 42.85 -25.62 10.66
CA ASN A 62 42.97 -24.87 11.92
C ASN A 62 42.91 -23.36 11.68
N ASP A 63 43.51 -22.90 10.58
CA ASP A 63 43.42 -21.48 10.22
C ASP A 63 41.99 -21.08 9.84
N VAL A 64 41.29 -21.92 9.08
CA VAL A 64 39.88 -21.65 8.79
C VAL A 64 39.08 -21.52 10.08
N LYS A 65 39.32 -22.40 11.06
CA LYS A 65 38.56 -22.32 12.30
C LYS A 65 38.93 -21.05 13.07
N GLU A 66 40.22 -20.69 13.08
CA GLU A 66 40.63 -19.50 13.83
C GLU A 66 39.99 -18.25 13.25
N ILE A 67 39.98 -18.12 11.91
CA ILE A 67 39.30 -16.97 11.30
C ILE A 67 37.82 -16.98 11.63
N SER A 68 37.17 -18.14 11.51
CA SER A 68 35.72 -18.20 11.73
C SER A 68 35.35 -17.84 13.16
N ARG A 69 36.18 -18.22 14.14
CA ARG A 69 35.90 -17.93 15.53
CA ARG A 69 35.89 -17.92 15.53
C ARG A 69 36.15 -16.46 15.88
N HIS A 70 37.14 -15.84 15.26
CA HIS A 70 37.44 -14.43 15.52
C HIS A 70 36.66 -13.51 14.58
N SER A 71 35.34 -13.60 14.66
CA SER A 71 34.50 -12.74 13.83
C SER A 71 34.58 -11.28 14.27
N ASP A 72 35.10 -11.01 15.47
CA ASP A 72 35.31 -9.61 15.87
C ASP A 72 36.37 -8.95 15.00
N VAL A 73 37.34 -9.72 14.51
CA VAL A 73 38.38 -9.22 13.63
C VAL A 73 38.06 -9.46 12.17
N PHE A 74 37.54 -10.64 11.84
CA PHE A 74 37.36 -11.07 10.46
C PHE A 74 35.89 -10.88 10.09
N SER A 75 35.63 -9.81 9.34
CA SER A 75 34.27 -9.32 9.12
C SER A 75 33.63 -9.95 7.90
N SER A 76 32.33 -10.27 8.03
CA SER A 76 31.52 -10.68 6.89
C SER A 76 30.91 -9.50 6.16
N TYR A 77 30.59 -8.43 6.90
CA TYR A 77 29.87 -7.30 6.35
C TYR A 77 30.73 -6.45 5.42
N GLU A 78 32.01 -6.27 5.73
CA GLU A 78 32.81 -5.25 5.04
C GLU A 78 32.82 -5.47 3.53
N ASN A 79 33.02 -6.71 3.09
CA ASN A 79 33.01 -7.00 1.66
C ASN A 79 32.10 -8.17 1.31
N GLY A 80 31.21 -8.57 2.21
CA GLY A 80 30.44 -9.78 2.01
C GLY A 80 31.35 -11.00 2.06
N VAL A 81 30.74 -12.18 1.95
CA VAL A 81 31.48 -13.43 2.09
C VAL A 81 31.67 -14.17 0.78
N ILE A 82 30.97 -13.79 -0.27
CA ILE A 82 31.20 -14.41 -1.59
CA ILE A 82 31.19 -14.39 -1.60
C ILE A 82 32.47 -13.82 -2.18
N PRO A 83 33.45 -14.65 -2.56
CA PRO A 83 34.75 -14.14 -3.01
C PRO A 83 34.88 -13.91 -4.50
N ARG A 84 33.82 -14.15 -5.28
CA ARG A 84 33.92 -14.03 -6.73
C ARG A 84 32.56 -13.78 -7.35
N PHE A 85 32.44 -12.65 -8.04
CA PHE A 85 31.34 -12.34 -8.93
C PHE A 85 31.90 -12.08 -10.33
N LYS A 86 31.02 -11.72 -11.26
CA LYS A 86 31.48 -11.23 -12.56
CA LYS A 86 31.47 -11.21 -12.56
C LYS A 86 32.42 -10.04 -12.33
N ASN A 87 33.47 -9.98 -13.16
CA ASN A 87 34.50 -8.96 -12.93
C ASN A 87 33.94 -7.55 -12.94
N ASP A 88 32.85 -7.31 -13.68
CA ASP A 88 32.29 -5.98 -13.87
C ASP A 88 31.17 -5.65 -12.89
N ILE A 89 30.92 -6.49 -11.88
CA ILE A 89 29.82 -6.21 -10.98
C ILE A 89 30.01 -4.86 -10.29
N ALA A 90 28.92 -4.10 -10.17
CA ALA A 90 28.98 -2.80 -9.53
C ALA A 90 29.06 -2.96 -8.02
N ARG A 91 29.88 -2.12 -7.39
CA ARG A 91 30.05 -2.23 -5.95
C ARG A 91 28.70 -2.18 -5.23
N GLU A 92 27.77 -1.38 -5.74
CA GLU A 92 26.48 -1.28 -5.06
C GLU A 92 25.76 -2.63 -5.06
N ASP A 93 25.99 -3.46 -6.08
CA ASP A 93 25.36 -4.78 -6.13
C ASP A 93 26.03 -5.80 -5.22
N ILE A 94 27.25 -5.54 -4.76
CA ILE A 94 27.83 -6.31 -3.68
C ILE A 94 27.23 -5.89 -2.35
N GLU A 95 27.15 -4.58 -2.11
CA GLU A 95 26.74 -4.08 -0.80
C GLU A 95 25.27 -4.34 -0.52
N VAL A 96 24.44 -4.47 -1.55
CA VAL A 96 23.03 -4.78 -1.29
C VAL A 96 22.90 -6.14 -0.62
N GLN A 97 23.90 -7.01 -0.76
CA GLN A 97 23.86 -8.34 -0.13
C GLN A 97 24.07 -8.29 1.37
N ARG A 98 24.45 -7.13 1.92
CA ARG A 98 24.56 -6.96 3.36
C ARG A 98 23.21 -7.07 4.07
N PHE A 99 22.11 -7.10 3.32
CA PHE A 99 20.80 -7.20 3.95
C PHE A 99 20.42 -8.63 4.31
N VAL A 100 21.24 -9.64 3.98
CA VAL A 100 21.01 -11.01 4.47
C VAL A 100 21.96 -11.28 5.64
N MET A 101 21.48 -12.13 6.57
CA MET A 101 22.20 -12.41 7.81
CA MET A 101 22.22 -12.36 7.80
C MET A 101 23.63 -12.88 7.56
N LEU A 102 23.83 -13.65 6.49
CA LEU A 102 25.17 -14.17 6.20
C LEU A 102 26.22 -13.07 6.10
N ASN A 103 25.83 -11.88 5.61
CA ASN A 103 26.76 -10.79 5.33
C ASN A 103 26.68 -9.67 6.37
N MET A 104 26.27 -10.00 7.58
CA MET A 104 26.13 -9.08 8.69
C MET A 104 27.15 -9.41 9.76
N ASP A 105 27.63 -8.38 10.45
CA ASP A 105 28.43 -8.52 11.66
C ASP A 105 27.57 -8.23 12.87
N ALA A 106 28.08 -8.64 14.05
CA ALA A 106 27.48 -8.23 15.30
C ALA A 106 27.59 -6.72 15.48
N PRO A 107 26.61 -6.08 16.14
CA PRO A 107 25.46 -6.71 16.81
C PRO A 107 24.25 -7.01 15.93
N HIS A 108 24.17 -6.48 14.70
CA HIS A 108 23.01 -6.76 13.86
C HIS A 108 22.85 -8.26 13.60
N HIS A 109 23.96 -8.95 13.31
CA HIS A 109 23.90 -10.38 13.09
C HIS A 109 23.36 -11.11 14.31
N THR A 110 23.80 -10.68 15.50
CA THR A 110 23.44 -11.37 16.73
C THR A 110 21.93 -11.36 16.93
N ARG A 111 21.31 -10.20 16.78
CA ARG A 111 19.85 -10.10 16.92
C ARG A 111 19.13 -10.99 15.92
N LEU A 112 19.51 -10.92 14.64
CA LEU A 112 18.78 -11.66 13.62
C LEU A 112 18.93 -13.16 13.79
N ARG A 113 20.15 -13.62 14.10
CA ARG A 113 20.37 -15.04 14.31
C ARG A 113 19.55 -15.56 15.49
N LYS A 114 19.47 -14.79 16.57
CA LYS A 114 18.67 -15.20 17.72
C LYS A 114 17.21 -15.40 17.31
N ILE A 115 16.65 -14.44 16.55
CA ILE A 115 15.28 -14.59 16.08
C ILE A 115 15.16 -15.82 15.18
N ILE A 116 16.05 -15.92 14.18
CA ILE A 116 15.96 -16.99 13.18
C ILE A 116 16.07 -18.36 13.84
N SER A 117 16.77 -18.43 14.97
CA SER A 117 16.95 -19.71 15.64
C SER A 117 15.62 -20.38 15.97
N ARG A 118 14.55 -19.58 16.13
CA ARG A 118 13.25 -20.16 16.42
C ARG A 118 12.78 -21.07 15.30
N GLY A 119 13.30 -20.89 14.09
CA GLY A 119 12.89 -21.66 12.95
C GLY A 119 13.75 -22.86 12.66
N PHE A 120 14.85 -23.04 13.39
CA PHE A 120 15.74 -24.16 13.14
C PHE A 120 16.01 -24.95 14.39
N THR A 121 15.11 -24.87 15.35
CA THR A 121 15.20 -25.73 16.50
C THR A 121 15.23 -27.17 16.01
N PRO A 122 15.88 -28.06 16.74
CA PRO A 122 15.78 -29.49 16.42
C PRO A 122 14.36 -29.96 16.27
N ARG A 123 13.44 -29.49 17.11
CA ARG A 123 12.05 -29.89 17.00
C ARG A 123 11.46 -29.49 15.66
N ALA A 124 11.68 -28.24 15.24
CA ALA A 124 11.09 -27.78 13.98
C ALA A 124 11.62 -28.58 12.81
N VAL A 125 12.93 -28.83 12.79
CA VAL A 125 13.51 -29.61 11.71
C VAL A 125 13.04 -31.05 11.76
N GLY A 126 12.96 -31.62 12.97
CA GLY A 126 12.49 -32.99 13.09
C GLY A 126 11.05 -33.18 12.65
N ARG A 127 10.24 -32.14 12.78
CA ARG A 127 8.86 -32.23 12.32
C ARG A 127 8.77 -32.44 10.81
N LEU A 128 9.86 -32.21 10.07
CA LEU A 128 9.84 -32.41 8.63
C LEU A 128 10.26 -33.81 8.22
N HIS A 129 10.69 -34.64 9.16
CA HIS A 129 11.31 -35.91 8.82
C HIS A 129 10.39 -36.79 7.98
N ASP A 130 9.13 -36.93 8.40
CA ASP A 130 8.25 -37.90 7.77
C ASP A 130 7.87 -37.46 6.37
N GLU A 131 7.47 -36.20 6.20
CA GLU A 131 7.13 -35.72 4.86
C GLU A 131 8.32 -35.76 3.92
N LEU A 132 9.51 -35.38 4.40
CA LEU A 132 10.69 -35.44 3.55
C LEU A 132 11.08 -36.89 3.24
N GLN A 133 10.85 -37.81 4.18
CA GLN A 133 11.11 -39.21 3.88
C GLN A 133 10.17 -39.73 2.81
N GLU A 134 8.87 -39.47 2.97
CA GLU A 134 7.90 -39.80 1.94
C GLU A 134 8.30 -39.23 0.58
N ARG A 135 8.74 -37.97 0.55
CA ARG A 135 8.99 -37.38 -0.77
C ARG A 135 10.28 -37.91 -1.37
N ALA A 136 11.27 -38.24 -0.54
CA ALA A 136 12.49 -38.88 -1.03
C ALA A 136 12.18 -40.21 -1.70
N GLN A 137 11.33 -41.03 -1.08
CA GLN A 137 11.03 -42.34 -1.66
C GLN A 137 10.31 -42.19 -2.99
N LYS A 138 9.40 -41.22 -3.08
CA LYS A 138 8.72 -40.95 -4.34
C LYS A 138 9.69 -40.45 -5.39
N ILE A 139 10.58 -39.54 -5.02
CA ILE A 139 11.56 -39.03 -5.98
C ILE A 139 12.37 -40.18 -6.57
N ALA A 140 12.88 -41.07 -5.71
CA ALA A 140 13.71 -42.16 -6.19
C ALA A 140 12.91 -43.16 -7.01
N ALA A 141 11.65 -43.39 -6.64
CA ALA A 141 10.80 -44.30 -7.40
C ALA A 141 10.47 -43.72 -8.77
N GLU A 142 10.16 -42.42 -8.84
CA GLU A 142 9.93 -41.80 -10.12
C GLU A 142 11.16 -41.91 -11.00
N ALA A 143 12.33 -41.61 -10.44
CA ALA A 143 13.56 -41.69 -11.21
C ALA A 143 13.78 -43.11 -11.73
N ALA A 144 13.67 -44.10 -10.85
CA ALA A 144 13.94 -45.48 -11.26
C ALA A 144 12.98 -45.92 -12.36
N ALA A 145 11.74 -45.43 -12.32
CA ALA A 145 10.76 -45.74 -13.35
C ALA A 145 11.12 -45.13 -14.70
N ALA A 146 11.90 -44.05 -14.73
CA ALA A 146 12.34 -43.48 -15.99
C ALA A 146 13.47 -44.28 -16.62
N GLY A 147 14.10 -45.18 -15.87
CA GLY A 147 15.16 -46.02 -16.39
C GLY A 147 16.52 -45.38 -16.42
N SER A 148 16.63 -44.21 -17.02
CA SER A 148 17.89 -43.49 -17.07
C SER A 148 17.57 -42.02 -17.22
N GLY A 149 18.55 -41.19 -16.88
CA GLY A 149 18.36 -39.76 -17.03
C GLY A 149 19.39 -38.98 -16.24
N ASP A 150 19.06 -37.71 -16.01
CA ASP A 150 19.96 -36.75 -15.39
C ASP A 150 19.78 -36.85 -13.88
N PHE A 151 20.75 -37.49 -13.22
CA PHE A 151 20.70 -37.67 -11.77
C PHE A 151 20.56 -36.34 -11.04
N VAL A 152 21.22 -35.30 -11.54
CA VAL A 152 21.14 -33.99 -10.89
C VAL A 152 19.69 -33.54 -10.84
N GLU A 153 18.97 -33.69 -11.95
CA GLU A 153 17.63 -33.14 -12.06
C GLU A 153 16.58 -34.08 -11.47
N GLN A 154 16.75 -35.39 -11.64
CA GLN A 154 15.73 -36.34 -11.23
C GLN A 154 15.93 -36.89 -9.83
N VAL A 155 17.09 -36.72 -9.20
CA VAL A 155 17.32 -37.20 -7.86
C VAL A 155 17.78 -36.09 -6.92
N SER A 156 18.69 -35.22 -7.36
CA SER A 156 19.32 -34.30 -6.42
C SER A 156 18.53 -33.01 -6.18
N CYS A 157 17.79 -32.51 -7.17
CA CYS A 157 17.29 -31.14 -7.13
CA CYS A 157 17.32 -31.13 -7.09
C CYS A 157 16.09 -30.97 -6.20
N GLU A 158 15.16 -31.92 -6.21
CA GLU A 158 13.86 -31.64 -5.61
C GLU A 158 13.85 -31.66 -4.08
N LEU A 159 14.51 -32.62 -3.44
CA LEU A 159 14.30 -32.73 -2.00
C LEU A 159 14.80 -31.49 -1.26
N PRO A 160 15.95 -30.88 -1.61
CA PRO A 160 16.35 -29.66 -0.89
C PRO A 160 15.33 -28.54 -1.02
N LEU A 161 14.70 -28.41 -2.19
CA LEU A 161 13.69 -27.39 -2.38
C LEU A 161 12.45 -27.71 -1.55
N GLN A 162 12.07 -28.98 -1.47
CA GLN A 162 10.91 -29.35 -0.65
C GLN A 162 11.18 -29.14 0.84
N ALA A 163 12.44 -29.28 1.27
CA ALA A 163 12.79 -28.99 2.65
C ALA A 163 12.55 -27.52 2.98
N ILE A 164 13.01 -26.64 2.09
CA ILE A 164 12.77 -25.20 2.26
C ILE A 164 11.28 -24.91 2.28
N ALA A 165 10.55 -25.45 1.29
CA ALA A 165 9.11 -25.21 1.22
C ALA A 165 8.40 -25.70 2.47
N GLY A 166 8.76 -26.89 2.96
CA GLY A 166 8.12 -27.42 4.15
C GLY A 166 8.46 -26.64 5.40
N LEU A 167 9.72 -26.23 5.53
CA LEU A 167 10.09 -25.41 6.67
C LEU A 167 9.26 -24.13 6.70
N LEU A 168 9.08 -23.48 5.56
CA LEU A 168 8.36 -22.21 5.51
C LEU A 168 6.85 -22.39 5.44
N GLY A 169 6.35 -23.59 5.22
CA GLY A 169 4.93 -23.79 5.01
C GLY A 169 4.41 -23.15 3.73
N VAL A 170 5.14 -23.30 2.63
CA VAL A 170 4.72 -22.71 1.36
C VAL A 170 3.67 -23.61 0.72
N PRO A 171 2.49 -23.10 0.39
CA PRO A 171 1.45 -23.95 -0.19
C PRO A 171 1.95 -24.64 -1.46
N GLN A 172 1.35 -25.81 -1.76
CA GLN A 172 1.82 -26.61 -2.88
C GLN A 172 1.74 -25.83 -4.19
N GLU A 173 0.68 -25.05 -4.39
CA GLU A 173 0.53 -24.35 -5.66
C GLU A 173 1.58 -23.26 -5.86
N ASP A 174 2.27 -22.84 -4.80
CA ASP A 174 3.29 -21.80 -4.89
C ASP A 174 4.70 -22.36 -4.98
N ARG A 175 4.89 -23.67 -4.76
CA ARG A 175 6.23 -24.21 -4.71
C ARG A 175 6.92 -24.13 -6.06
N GLY A 176 6.16 -24.27 -7.16
CA GLY A 176 6.77 -24.11 -8.47
C GLY A 176 7.49 -22.79 -8.63
N LYS A 177 6.84 -21.69 -8.27
CA LYS A 177 7.51 -20.42 -8.48
C LYS A 177 8.56 -20.17 -7.40
N LEU A 178 8.33 -20.66 -6.17
CA LEU A 178 9.40 -20.59 -5.17
C LEU A 178 10.66 -21.26 -5.71
N PHE A 179 10.52 -22.46 -6.26
CA PHE A 179 11.67 -23.18 -6.79
C PHE A 179 12.30 -22.43 -7.95
N HIS A 180 11.48 -21.87 -8.83
CA HIS A 180 12.03 -21.08 -9.93
C HIS A 180 12.88 -19.93 -9.39
N TRP A 181 12.33 -19.14 -8.46
CA TRP A 181 13.11 -18.04 -7.91
C TRP A 181 14.40 -18.55 -7.28
N SER A 182 14.33 -19.65 -6.53
CA SER A 182 15.54 -20.18 -5.91
C SER A 182 16.57 -20.56 -6.95
N ASN A 183 16.15 -21.19 -8.05
CA ASN A 183 17.14 -21.61 -9.04
C ASN A 183 17.72 -20.43 -9.82
N GLU A 184 17.04 -19.30 -9.84
CA GLU A 184 17.53 -18.14 -10.58
C GLU A 184 18.54 -17.32 -9.80
N MET A 185 18.92 -17.76 -8.60
CA MET A 185 19.78 -16.95 -7.75
C MET A 185 21.26 -17.20 -7.95
N THR A 186 21.64 -18.33 -8.56
CA THR A 186 23.06 -18.69 -8.64
C THR A 186 23.36 -19.33 -9.99
N GLY A 187 24.65 -19.31 -10.33
CA GLY A 187 25.14 -19.87 -11.58
C GLY A 187 25.35 -18.86 -12.68
N ASN A 188 25.07 -17.58 -12.44
CA ASN A 188 24.99 -16.60 -13.52
C ASN A 188 26.30 -16.42 -14.28
N GLU A 189 27.42 -16.99 -13.80
CA GLU A 189 28.68 -16.95 -14.54
C GLU A 189 28.83 -18.10 -15.53
N ASP A 190 27.94 -19.10 -15.48
CA ASP A 190 27.97 -20.22 -16.42
C ASP A 190 27.16 -19.87 -17.68
N PRO A 191 27.67 -20.20 -18.87
CA PRO A 191 26.91 -19.85 -20.09
C PRO A 191 25.50 -20.42 -20.13
N GLU A 192 25.28 -21.58 -19.51
CA GLU A 192 23.94 -22.13 -19.44
C GLU A 192 22.96 -21.21 -18.70
N TYR A 193 23.44 -20.43 -17.73
CA TYR A 193 22.59 -19.56 -16.95
C TYR A 193 22.82 -18.09 -17.23
N ALA A 194 23.39 -17.77 -18.39
CA ALA A 194 23.77 -16.40 -18.67
C ALA A 194 22.58 -15.45 -18.67
N HIS A 195 21.37 -15.96 -18.86
CA HIS A 195 20.19 -15.13 -18.93
C HIS A 195 19.44 -14.99 -17.62
N ILE A 196 19.89 -15.64 -16.54
CA ILE A 196 19.20 -15.49 -15.27
C ILE A 196 19.49 -14.10 -14.70
N ASP A 197 18.55 -13.58 -13.92
CA ASP A 197 18.60 -12.23 -13.35
C ASP A 197 18.39 -12.37 -11.85
N PRO A 198 19.47 -12.49 -11.07
CA PRO A 198 19.28 -12.68 -9.62
C PRO A 198 18.65 -11.48 -8.95
N LYS A 199 19.00 -10.26 -9.39
CA LYS A 199 18.35 -9.06 -8.83
C LYS A 199 16.84 -9.15 -8.97
N ALA A 200 16.36 -9.47 -10.18
CA ALA A 200 14.92 -9.56 -10.38
C ALA A 200 14.32 -10.69 -9.56
N SER A 201 14.99 -11.85 -9.55
CA SER A 201 14.50 -12.97 -8.75
C SER A 201 14.39 -12.59 -7.29
N SER A 202 15.43 -11.96 -6.74
CA SER A 202 15.39 -11.57 -5.34
CA SER A 202 15.40 -11.57 -5.34
C SER A 202 14.23 -10.62 -5.07
N ALA A 203 13.98 -9.69 -5.99
CA ALA A 203 12.88 -8.74 -5.78
C ALA A 203 11.53 -9.46 -5.79
N GLU A 204 11.33 -10.41 -6.70
CA GLU A 204 10.06 -11.13 -6.72
C GLU A 204 9.90 -11.99 -5.48
N LEU A 205 11.00 -12.60 -5.02
CA LEU A 205 10.94 -13.42 -3.82
C LEU A 205 10.61 -12.58 -2.58
N ILE A 206 11.23 -11.42 -2.46
CA ILE A 206 10.95 -10.56 -1.31
C ILE A 206 9.50 -10.12 -1.32
N GLY A 207 8.96 -9.77 -2.49
CA GLY A 207 7.55 -9.39 -2.56
C GLY A 207 6.63 -10.52 -2.18
N TYR A 208 6.89 -11.73 -2.71
CA TYR A 208 6.14 -12.90 -2.30
C TYR A 208 6.25 -13.13 -0.80
N ALA A 209 7.49 -13.03 -0.27
CA ALA A 209 7.70 -13.35 1.14
C ALA A 209 7.03 -12.35 2.06
N MET A 210 7.04 -11.05 1.71
CA MET A 210 6.37 -10.08 2.56
C MET A 210 4.86 -10.30 2.56
N LYS A 211 4.28 -10.70 1.42
CA LYS A 211 2.87 -11.07 1.41
C LYS A 211 2.60 -12.26 2.33
N MET A 212 3.46 -13.29 2.26
CA MET A 212 3.28 -14.43 3.14
C MET A 212 3.36 -14.00 4.60
N ALA A 213 4.32 -13.13 4.94
CA ALA A 213 4.44 -12.64 6.30
C ALA A 213 3.16 -11.96 6.76
N GLU A 214 2.59 -11.10 5.91
CA GLU A 214 1.33 -10.45 6.25
C GLU A 214 0.22 -11.47 6.45
N GLU A 215 0.08 -12.39 5.49
CA GLU A 215 -0.98 -13.39 5.57
C GLU A 215 -0.85 -14.25 6.81
N LYS A 216 0.37 -14.68 7.15
CA LYS A 216 0.56 -15.63 8.24
C LYS A 216 0.51 -14.97 9.61
N ALA A 217 0.60 -13.66 9.68
CA ALA A 217 0.33 -12.98 10.94
C ALA A 217 -1.14 -13.11 11.31
N LYS A 218 -2.03 -13.04 10.32
CA LYS A 218 -3.46 -13.15 10.58
C LYS A 218 -3.84 -14.57 11.00
N ASN A 219 -3.37 -15.56 10.24
CA ASN A 219 -3.70 -16.96 10.49
C ASN A 219 -2.42 -17.73 10.79
N PRO A 220 -1.98 -17.74 12.05
CA PRO A 220 -0.73 -18.45 12.38
C PRO A 220 -0.85 -19.95 12.15
N ALA A 221 0.17 -20.51 11.49
N ALA A 221 0.17 -20.51 11.50
CA ALA A 221 0.33 -21.94 11.33
CA ALA A 221 0.25 -21.94 11.24
C ALA A 221 1.64 -22.36 11.98
C ALA A 221 1.35 -22.54 12.12
N ASP A 222 1.79 -23.67 12.20
N ASP A 222 1.71 -23.79 11.83
CA ASP A 222 2.95 -24.18 12.93
CA ASP A 222 2.71 -24.50 12.62
C ASP A 222 4.21 -24.27 12.08
C ASP A 222 4.12 -24.36 12.05
N ASP A 223 4.26 -23.60 10.92
N ASP A 223 4.28 -23.74 10.89
CA ASP A 223 5.54 -23.40 10.28
CA ASP A 223 5.61 -23.54 10.32
C ASP A 223 6.33 -22.35 11.06
C ASP A 223 6.41 -22.60 11.22
N ILE A 224 7.63 -22.29 10.79
CA ILE A 224 8.49 -21.38 11.54
C ILE A 224 8.10 -19.92 11.33
N VAL A 225 7.30 -19.62 10.31
CA VAL A 225 7.02 -18.22 9.98
C VAL A 225 6.35 -17.52 11.17
N THR A 226 5.36 -18.18 11.78
CA THR A 226 4.72 -17.62 12.96
C THR A 226 5.74 -17.33 14.06
N GLN A 227 6.65 -18.27 14.30
CA GLN A 227 7.68 -18.04 15.30
C GLN A 227 8.52 -16.80 14.96
N LEU A 228 8.79 -16.58 13.67
CA LEU A 228 9.73 -15.52 13.29
C LEU A 228 9.13 -14.13 13.38
N ILE A 229 7.83 -13.97 13.12
CA ILE A 229 7.22 -12.65 13.00
C ILE A 229 6.38 -12.29 14.21
N GLN A 230 6.26 -13.18 15.21
CA GLN A 230 5.60 -12.80 16.45
C GLN A 230 6.65 -12.26 17.43
N ALA A 231 6.36 -11.10 18.00
CA ALA A 231 7.29 -10.48 18.94
C ALA A 231 7.40 -11.33 20.20
N ASP A 232 8.61 -11.33 20.78
CA ASP A 232 8.85 -11.98 22.05
C ASP A 232 8.67 -10.96 23.17
N ILE A 233 9.10 -11.30 24.38
CA ILE A 233 8.97 -10.40 25.53
C ILE A 233 9.61 -9.04 25.19
N ASP A 234 10.83 -9.07 24.66
CA ASP A 234 11.57 -7.86 24.33
C ASP A 234 11.09 -7.20 23.05
N GLY A 235 10.00 -7.69 22.45
CA GLY A 235 9.50 -7.11 21.22
C GLY A 235 10.30 -7.44 20.00
N GLU A 236 11.12 -8.50 20.04
CA GLU A 236 12.01 -8.84 18.94
C GLU A 236 11.30 -9.79 17.98
N LYS A 237 11.37 -9.47 16.69
CA LYS A 237 10.74 -10.26 15.65
C LYS A 237 11.28 -9.75 14.31
N LEU A 238 11.15 -10.58 13.28
CA LEU A 238 11.47 -10.13 11.94
C LEU A 238 10.35 -9.23 11.42
N SER A 239 10.73 -8.08 10.89
CA SER A 239 9.82 -7.28 10.11
C SER A 239 9.44 -8.05 8.85
N ASP A 240 8.44 -7.53 8.13
CA ASP A 240 8.03 -8.21 6.91
C ASP A 240 9.18 -8.24 5.90
N ASP A 241 9.91 -7.13 5.74
CA ASP A 241 11.02 -7.12 4.80
C ASP A 241 12.19 -7.94 5.31
N GLU A 242 12.43 -7.96 6.63
CA GLU A 242 13.43 -8.86 7.19
C GLU A 242 13.08 -10.32 6.91
N PHE A 243 11.79 -10.68 7.04
CA PHE A 243 11.39 -12.03 6.67
C PHE A 243 11.68 -12.26 5.19
N GLY A 244 11.46 -11.23 4.37
CA GLY A 244 11.78 -11.35 2.95
C GLY A 244 13.23 -11.65 2.71
N PHE A 245 14.14 -10.94 3.39
CA PHE A 245 15.56 -11.21 3.20
C PHE A 245 15.96 -12.56 3.81
N PHE A 246 15.23 -13.01 4.83
CA PHE A 246 15.46 -14.35 5.32
C PHE A 246 15.10 -15.39 4.27
N VAL A 247 13.94 -15.23 3.62
CA VAL A 247 13.54 -16.21 2.61
C VAL A 247 14.55 -16.21 1.47
N VAL A 248 14.99 -15.03 1.03
CA VAL A 248 16.05 -14.96 0.02
C VAL A 248 17.25 -15.77 0.48
N MET A 249 17.65 -15.56 1.74
CA MET A 249 18.82 -16.25 2.23
CA MET A 249 18.81 -16.25 2.28
C MET A 249 18.62 -17.77 2.21
N LEU A 250 17.45 -18.23 2.63
CA LEU A 250 17.19 -19.67 2.64
C LEU A 250 17.16 -20.22 1.22
N ALA A 251 16.34 -19.60 0.35
CA ALA A 251 16.20 -20.07 -1.02
C ALA A 251 17.55 -20.23 -1.69
N VAL A 252 18.53 -19.46 -1.26
CA VAL A 252 19.89 -19.59 -1.79
C VAL A 252 20.63 -20.67 -1.00
N ALA A 253 20.71 -20.49 0.33
CA ALA A 253 21.71 -21.20 1.11
C ALA A 253 21.46 -22.70 1.22
N GLY A 254 20.22 -23.12 1.03
CA GLY A 254 19.85 -24.51 1.24
C GLY A 254 19.33 -25.18 -0.02
N ASN A 255 19.63 -24.60 -1.18
CA ASN A 255 19.18 -25.21 -2.42
C ASN A 255 20.36 -25.92 -3.08
N GLU A 256 21.20 -25.18 -3.82
CA GLU A 256 22.25 -25.83 -4.61
C GLU A 256 23.30 -26.50 -3.72
N THR A 257 23.53 -26.00 -2.51
CA THR A 257 24.49 -26.66 -1.62
C THR A 257 24.12 -28.12 -1.35
N THR A 258 22.89 -28.36 -0.88
CA THR A 258 22.49 -29.74 -0.61
C THR A 258 22.40 -30.54 -1.90
N ARG A 259 21.87 -29.91 -2.96
CA ARG A 259 21.81 -30.58 -4.26
C ARG A 259 23.17 -31.13 -4.66
N ASN A 260 24.20 -30.27 -4.59
CA ASN A 260 25.53 -30.68 -5.03
C ASN A 260 26.17 -31.67 -4.08
N SER A 261 25.79 -31.67 -2.79
CA SER A 261 26.24 -32.72 -1.90
CA SER A 261 26.25 -32.73 -1.90
C SER A 261 25.69 -34.07 -2.35
N ILE A 262 24.43 -34.10 -2.78
CA ILE A 262 23.81 -35.34 -3.22
C ILE A 262 24.48 -35.84 -4.49
N THR A 263 24.61 -34.99 -5.50
CA THR A 263 25.23 -35.40 -6.75
C THR A 263 26.64 -35.92 -6.52
N GLN A 264 27.46 -35.17 -5.78
CA GLN A 264 28.84 -35.59 -5.60
C GLN A 264 28.97 -36.75 -4.63
N GLY A 265 28.04 -36.89 -3.69
CA GLY A 265 28.02 -38.10 -2.88
C GLY A 265 27.87 -39.34 -3.73
N MET A 266 26.95 -39.31 -4.70
CA MET A 266 26.73 -40.49 -5.53
C MET A 266 27.86 -40.68 -6.54
N MET A 267 28.49 -39.59 -6.95
CA MET A 267 29.70 -39.62 -7.76
C MET A 267 30.79 -40.37 -6.99
N ALA A 268 30.90 -40.08 -5.69
CA ALA A 268 31.88 -40.75 -4.86
C ALA A 268 31.54 -42.23 -4.68
N PHE A 269 30.26 -42.55 -4.46
CA PHE A 269 29.86 -43.95 -4.36
C PHE A 269 30.15 -44.71 -5.66
N ALA A 270 29.98 -44.05 -6.81
CA ALA A 270 30.26 -44.71 -8.08
C ALA A 270 31.74 -45.00 -8.25
N GLU A 271 32.61 -44.15 -7.69
CA GLU A 271 34.04 -44.37 -7.77
CA GLU A 271 34.05 -44.37 -7.77
C GLU A 271 34.54 -45.32 -6.68
N HIS A 272 33.74 -45.58 -5.65
CA HIS A 272 34.15 -46.37 -4.50
C HIS A 272 33.09 -47.41 -4.20
N PRO A 273 32.95 -48.42 -5.07
CA PRO A 273 31.82 -49.36 -4.94
C PRO A 273 31.78 -50.11 -3.63
N ASP A 274 32.94 -50.34 -2.99
CA ASP A 274 32.93 -51.00 -1.69
C ASP A 274 32.23 -50.12 -0.64
N GLN A 275 32.41 -48.80 -0.73
CA GLN A 275 31.66 -47.93 0.15
C GLN A 275 30.17 -47.97 -0.16
N TRP A 276 29.81 -48.09 -1.45
CA TRP A 276 28.40 -48.18 -1.81
C TRP A 276 27.79 -49.48 -1.31
N GLU A 277 28.50 -50.59 -1.43
CA GLU A 277 27.98 -51.85 -0.89
C GLU A 277 27.78 -51.74 0.61
N LEU A 278 28.75 -51.15 1.32
CA LEU A 278 28.60 -51.00 2.76
C LEU A 278 27.44 -50.07 3.08
N TYR A 279 27.28 -48.99 2.31
CA TYR A 279 26.17 -48.09 2.61
C TYR A 279 24.84 -48.82 2.47
N LYS A 280 24.66 -49.54 1.36
CA LYS A 280 23.40 -50.23 1.14
C LYS A 280 23.11 -51.20 2.28
N LYS A 281 24.15 -51.83 2.83
CA LYS A 281 23.94 -52.84 3.85
C LYS A 281 23.61 -52.21 5.19
N VAL A 282 24.37 -51.21 5.60
CA VAL A 282 24.30 -50.67 6.96
C VAL A 282 23.53 -49.36 7.04
N ARG A 283 23.49 -48.59 5.94
CA ARG A 283 22.84 -47.29 5.91
C ARG A 283 23.35 -46.34 7.00
N PRO A 284 24.67 -46.20 7.15
CA PRO A 284 25.21 -45.41 8.28
C PRO A 284 25.02 -43.92 8.03
N GLU A 285 24.44 -43.23 9.01
CA GLU A 285 24.20 -41.79 8.85
C GLU A 285 25.49 -40.97 8.95
N THR A 286 26.59 -41.56 9.42
CA THR A 286 27.89 -40.90 9.27
C THR A 286 28.20 -40.63 7.80
N ALA A 287 27.56 -41.36 6.87
CA ALA A 287 27.77 -41.11 5.45
C ALA A 287 27.47 -39.66 5.08
N ALA A 288 26.45 -39.05 5.68
CA ALA A 288 26.11 -37.68 5.28
C ALA A 288 27.28 -36.74 5.51
N ASP A 289 28.01 -36.90 6.61
CA ASP A 289 29.09 -35.96 6.86
C ASP A 289 30.30 -36.25 5.98
N GLU A 290 30.58 -37.52 5.69
CA GLU A 290 31.65 -37.81 4.74
C GLU A 290 31.27 -37.33 3.35
N ILE A 291 29.98 -37.32 3.03
CA ILE A 291 29.56 -36.82 1.73
C ILE A 291 29.73 -35.31 1.66
N VAL A 292 29.38 -34.58 2.72
CA VAL A 292 29.57 -33.14 2.70
C VAL A 292 31.06 -32.79 2.70
N ARG A 293 31.89 -33.54 3.45
CA ARG A 293 33.34 -33.30 3.39
C ARG A 293 33.88 -33.54 1.98
N TRP A 294 33.47 -34.63 1.35
CA TRP A 294 33.93 -34.94 0.00
C TRP A 294 33.40 -33.94 -1.01
N ALA A 295 32.14 -33.50 -0.84
CA ALA A 295 31.50 -32.64 -1.83
C ALA A 295 31.86 -31.17 -1.66
N THR A 296 32.20 -30.74 -0.44
CA THR A 296 32.43 -29.35 -0.07
C THR A 296 31.72 -28.40 -1.04
N PRO A 297 30.40 -28.33 -0.95
CA PRO A 297 29.61 -27.57 -1.95
C PRO A 297 29.94 -26.10 -2.00
N VAL A 298 30.29 -25.50 -0.87
CA VAL A 298 30.84 -24.15 -0.83
C VAL A 298 32.35 -24.29 -0.81
N THR A 299 32.98 -24.01 -1.96
CA THR A 299 34.44 -24.12 -2.04
C THR A 299 35.11 -23.14 -1.09
N ALA A 300 34.57 -21.92 -1.00
CA ALA A 300 35.23 -20.89 -0.22
C ALA A 300 34.28 -19.74 0.09
N PHE A 301 34.43 -19.19 1.28
CA PHE A 301 33.85 -17.90 1.68
C PHE A 301 35.01 -17.05 2.20
N GLN A 302 34.87 -15.73 2.09
CA GLN A 302 35.91 -14.80 2.53
C GLN A 302 35.46 -14.01 3.76
N ARG A 303 36.45 -13.35 4.37
CA ARG A 303 36.26 -12.33 5.40
C ARG A 303 37.20 -11.18 5.09
N THR A 304 37.02 -10.06 5.79
CA THR A 304 37.88 -8.89 5.67
C THR A 304 38.40 -8.51 7.05
N ALA A 305 39.72 -8.33 7.17
CA ALA A 305 40.29 -7.97 8.46
C ALA A 305 39.93 -6.54 8.83
N LEU A 306 39.40 -6.37 10.03
CA LEU A 306 39.08 -5.05 10.55
C LEU A 306 40.26 -4.41 11.26
N ARG A 307 41.32 -5.16 11.48
CA ARG A 307 42.54 -4.67 12.09
C ARG A 307 43.65 -5.65 11.73
N ASP A 308 44.89 -5.18 11.85
CA ASP A 308 46.03 -6.07 11.72
C ASP A 308 45.87 -7.28 12.62
N TYR A 309 46.29 -8.44 12.12
CA TYR A 309 46.12 -9.70 12.83
C TYR A 309 47.19 -10.68 12.33
N GLU A 310 47.92 -11.28 13.27
CA GLU A 310 48.92 -12.28 12.95
C GLU A 310 48.30 -13.67 13.00
N LEU A 311 48.38 -14.39 11.89
CA LEU A 311 47.72 -15.69 11.74
C LEU A 311 48.78 -16.70 11.32
N SER A 312 49.08 -17.65 12.20
CA SER A 312 50.06 -18.70 11.93
C SER A 312 51.31 -18.11 11.27
N GLY A 313 51.80 -17.01 11.86
CA GLY A 313 53.04 -16.40 11.43
C GLY A 313 52.93 -15.39 10.30
N VAL A 314 51.75 -15.25 9.70
CA VAL A 314 51.58 -14.32 8.59
C VAL A 314 50.85 -13.09 9.08
N GLN A 315 51.40 -11.92 8.77
CA GLN A 315 50.81 -10.66 9.17
C GLN A 315 49.69 -10.29 8.21
N ILE A 316 48.45 -10.44 8.65
CA ILE A 316 47.29 -9.94 7.91
C ILE A 316 47.11 -8.46 8.22
N LYS A 317 46.95 -7.65 7.18
CA LYS A 317 46.81 -6.21 7.33
C LYS A 317 45.35 -5.80 7.31
N LYS A 318 45.01 -4.81 8.15
CA LYS A 318 43.68 -4.22 8.16
C LYS A 318 43.23 -3.92 6.74
N GLY A 319 42.01 -4.35 6.42
CA GLY A 319 41.43 -4.14 5.12
C GLY A 319 41.65 -5.25 4.12
N GLN A 320 42.58 -6.16 4.37
CA GLN A 320 42.83 -7.25 3.44
C GLN A 320 41.76 -8.34 3.58
N ARG A 321 41.50 -9.03 2.48
CA ARG A 321 40.58 -10.16 2.48
C ARG A 321 41.34 -11.46 2.72
N VAL A 322 40.72 -12.35 3.49
CA VAL A 322 41.17 -13.73 3.61
C VAL A 322 40.10 -14.62 3.00
N VAL A 323 40.52 -15.60 2.19
CA VAL A 323 39.56 -16.53 1.59
C VAL A 323 39.76 -17.91 2.22
N MET A 324 38.71 -18.40 2.86
CA MET A 324 38.72 -19.70 3.56
C MET A 324 38.38 -20.79 2.54
N PHE A 325 39.39 -21.51 2.07
CA PHE A 325 39.16 -22.61 1.14
C PHE A 325 38.79 -23.88 1.89
N TYR A 326 37.47 -24.02 2.12
CA TYR A 326 36.94 -25.22 2.76
C TYR A 326 37.35 -26.47 2.00
N ARG A 327 37.45 -26.38 0.66
CA ARG A 327 37.84 -27.53 -0.15
C ARG A 327 39.27 -27.96 0.15
N SER A 328 40.14 -27.04 0.55
CA SER A 328 41.47 -27.46 0.96
C SER A 328 41.45 -27.98 2.40
N ALA A 329 40.79 -27.24 3.29
CA ALA A 329 40.79 -27.62 4.70
C ALA A 329 40.14 -28.97 4.93
N ASN A 330 39.14 -29.33 4.12
CA ASN A 330 38.48 -30.61 4.33
C ASN A 330 39.34 -31.78 3.90
N PHE A 331 40.53 -31.52 3.37
CA PHE A 331 41.47 -32.58 2.99
C PHE A 331 42.81 -32.37 3.66
N ASP A 332 42.80 -31.72 4.82
CA ASP A 332 44.01 -31.32 5.54
C ASP A 332 44.58 -32.54 6.23
N GLU A 333 45.77 -32.95 5.80
CA GLU A 333 46.42 -34.17 6.25
C GLU A 333 46.73 -34.16 7.73
N GLU A 334 46.79 -32.99 8.36
CA GLU A 334 47.06 -32.93 9.78
C GLU A 334 45.82 -33.11 10.64
N VAL A 335 44.63 -33.01 10.07
CA VAL A 335 43.39 -33.19 10.81
C VAL A 335 42.77 -34.55 10.52
N PHE A 336 42.82 -34.98 9.26
CA PHE A 336 42.14 -36.19 8.80
C PHE A 336 43.15 -37.27 8.55
N GLN A 337 42.80 -38.50 8.94
CA GLN A 337 43.59 -39.67 8.61
C GLN A 337 43.18 -40.14 7.22
N ASP A 338 44.12 -40.05 6.27
CA ASP A 338 43.85 -40.44 4.90
C ASP A 338 42.70 -39.60 4.36
N PRO A 339 42.89 -38.28 4.24
CA PRO A 339 41.80 -37.43 3.76
C PRO A 339 41.30 -37.80 2.37
N PHE A 340 42.13 -38.45 1.55
CA PHE A 340 41.72 -38.80 0.19
C PHE A 340 41.14 -40.20 0.10
N THR A 341 40.83 -40.84 1.23
CA THR A 341 39.96 -42.01 1.27
C THR A 341 38.54 -41.57 1.60
N PHE A 342 37.60 -41.99 0.76
CA PHE A 342 36.17 -41.81 0.99
C PHE A 342 35.73 -42.89 1.97
N ASN A 343 35.41 -42.49 3.20
CA ASN A 343 35.12 -43.43 4.29
C ASN A 343 33.83 -43.05 4.99
N ILE A 344 32.74 -43.72 4.65
CA ILE A 344 31.43 -43.29 5.15
C ILE A 344 31.25 -43.53 6.65
N LEU A 345 32.14 -44.29 7.29
CA LEU A 345 32.11 -44.46 8.74
C LEU A 345 33.03 -43.49 9.48
N ARG A 346 33.70 -42.58 8.76
CA ARG A 346 34.64 -41.67 9.40
C ARG A 346 33.99 -41.00 10.60
N ASN A 347 34.68 -41.04 11.75
CA ASN A 347 34.06 -40.64 13.00
C ASN A 347 35.11 -40.54 14.10
N PRO A 348 35.30 -39.36 14.70
CA PRO A 348 34.63 -38.08 14.41
C PRO A 348 35.02 -37.53 13.02
N ASN A 349 34.22 -36.62 12.47
CA ASN A 349 34.45 -36.08 11.13
C ASN A 349 34.35 -34.57 11.26
N PRO A 350 35.43 -33.90 11.74
CA PRO A 350 35.38 -32.46 12.01
C PRO A 350 35.59 -31.59 10.77
N HIS A 351 34.84 -31.89 9.70
CA HIS A 351 34.97 -31.13 8.47
C HIS A 351 34.37 -29.72 8.62
N VAL A 352 34.78 -28.83 7.72
CA VAL A 352 34.30 -27.45 7.74
C VAL A 352 33.43 -27.19 6.51
N GLY A 353 32.78 -28.22 6.00
CA GLY A 353 31.85 -28.03 4.90
C GLY A 353 30.69 -27.11 5.26
N PHE A 354 30.30 -27.09 6.53
CA PHE A 354 29.27 -26.18 7.03
C PHE A 354 29.90 -24.94 7.64
N GLY A 355 31.18 -24.70 7.37
CA GLY A 355 31.92 -23.60 7.93
C GLY A 355 32.70 -24.02 9.17
N GLY A 356 33.51 -23.09 9.66
CA GLY A 356 34.12 -23.27 10.95
C GLY A 356 33.18 -22.87 12.07
N THR A 357 33.28 -23.57 13.19
CA THR A 357 32.52 -23.18 14.37
C THR A 357 32.68 -21.68 14.62
N GLY A 358 31.59 -21.05 14.96
CA GLY A 358 31.59 -19.61 15.19
C GLY A 358 30.22 -19.04 14.90
N ALA A 359 30.18 -17.70 14.85
CA ALA A 359 28.91 -17.00 14.83
C ALA A 359 28.05 -17.34 13.62
N HIS A 360 28.66 -17.64 12.48
CA HIS A 360 27.91 -17.81 11.23
C HIS A 360 27.77 -19.29 10.84
N TYR A 361 28.10 -20.21 11.75
CA TYR A 361 28.03 -21.63 11.43
C TYR A 361 26.65 -22.00 10.90
N CYS A 362 26.64 -22.82 9.85
CA CYS A 362 25.41 -23.10 9.12
C CYS A 362 24.27 -23.53 10.03
N ILE A 363 23.19 -22.74 10.04
CA ILE A 363 22.05 -23.07 10.86
CA ILE A 363 22.03 -23.07 10.87
C ILE A 363 21.26 -24.23 10.28
N GLY A 364 21.44 -24.53 9.00
CA GLY A 364 20.77 -25.62 8.32
C GLY A 364 21.54 -26.91 8.27
N ALA A 365 22.61 -27.05 9.07
CA ALA A 365 23.47 -28.21 8.93
C ALA A 365 22.70 -29.51 9.18
N ASN A 366 21.89 -29.57 10.23
CA ASN A 366 21.22 -30.83 10.52
C ASN A 366 20.03 -31.08 9.59
N LEU A 367 19.36 -30.03 9.10
CA LEU A 367 18.40 -30.23 8.03
C LEU A 367 19.10 -30.77 6.78
N ALA A 368 20.29 -30.25 6.46
CA ALA A 368 21.04 -30.74 5.31
C ALA A 368 21.38 -32.23 5.47
N ARG A 369 21.90 -32.62 6.65
CA ARG A 369 22.27 -34.02 6.88
C ARG A 369 21.07 -34.94 6.77
N MET A 370 19.92 -34.50 7.28
CA MET A 370 18.74 -35.34 7.20
C MET A 370 18.26 -35.47 5.76
N THR A 371 18.28 -34.37 5.01
CA THR A 371 17.93 -34.45 3.59
C THR A 371 18.81 -35.48 2.88
N ILE A 372 20.12 -35.44 3.15
CA ILE A 372 21.08 -36.33 2.50
C ILE A 372 20.81 -37.78 2.92
N ASN A 373 20.66 -38.03 4.22
CA ASN A 373 20.43 -39.41 4.65
C ASN A 373 19.12 -39.94 4.09
N LEU A 374 18.09 -39.10 4.01
CA LEU A 374 16.82 -39.59 3.48
C LEU A 374 16.91 -39.90 1.99
N ILE A 375 17.57 -39.06 1.19
CA ILE A 375 17.59 -39.33 -0.25
C ILE A 375 18.47 -40.53 -0.56
N PHE A 376 19.59 -40.71 0.16
CA PHE A 376 20.46 -41.86 -0.14
C PHE A 376 19.83 -43.17 0.32
N ASN A 377 19.07 -43.17 1.41
CA ASN A 377 18.25 -44.34 1.71
C ASN A 377 17.28 -44.64 0.57
N ALA A 378 16.67 -43.61 -0.01
CA ALA A 378 15.70 -43.88 -1.08
C ALA A 378 16.40 -44.39 -2.34
N VAL A 379 17.57 -43.82 -2.66
CA VAL A 379 18.35 -44.30 -3.80
C VAL A 379 18.75 -45.76 -3.59
N ALA A 380 19.23 -46.08 -2.39
CA ALA A 380 19.55 -47.47 -2.07
C ALA A 380 18.32 -48.37 -2.19
N ASP A 381 17.15 -47.87 -1.78
CA ASP A 381 15.95 -48.70 -1.82
C ASP A 381 15.42 -48.91 -3.23
N HIS A 382 15.58 -47.95 -4.13
CA HIS A 382 14.88 -47.97 -5.39
C HIS A 382 15.77 -48.13 -6.62
N MET A 383 17.06 -47.79 -6.53
CA MET A 383 17.99 -47.94 -7.65
CA MET A 383 17.99 -47.94 -7.64
C MET A 383 19.35 -48.35 -7.11
N PRO A 384 19.41 -49.46 -6.36
N PRO A 384 19.42 -49.48 -6.39
CA PRO A 384 20.70 -49.87 -5.78
CA PRO A 384 20.69 -49.87 -5.76
C PRO A 384 21.76 -50.23 -6.80
C PRO A 384 21.82 -50.13 -6.73
N ASP A 385 21.40 -50.42 -8.07
N ASP A 385 21.54 -50.45 -7.99
CA ASP A 385 22.34 -50.86 -9.09
CA ASP A 385 22.58 -50.81 -8.94
C ASP A 385 22.67 -49.76 -10.08
C ASP A 385 22.77 -49.75 -10.03
N LEU A 386 22.37 -48.50 -9.75
CA LEU A 386 22.58 -47.42 -10.70
C LEU A 386 24.04 -47.30 -11.08
N LYS A 387 24.29 -46.83 -12.30
CA LYS A 387 25.64 -46.71 -12.81
C LYS A 387 25.72 -45.54 -13.76
N PRO A 388 26.79 -44.74 -13.70
CA PRO A 388 26.87 -43.56 -14.57
C PRO A 388 26.93 -43.95 -16.03
N ILE A 389 26.38 -43.07 -16.87
CA ILE A 389 26.54 -43.21 -18.32
C ILE A 389 27.69 -42.36 -18.83
N SER A 390 27.82 -41.11 -18.38
CA SER A 390 28.85 -40.22 -18.88
C SER A 390 29.32 -39.29 -17.78
N ALA A 391 30.33 -38.48 -18.11
CA ALA A 391 31.01 -37.68 -17.10
C ALA A 391 30.13 -36.52 -16.63
N PRO A 392 30.21 -36.15 -15.35
CA PRO A 392 29.51 -34.96 -14.88
C PRO A 392 29.90 -33.71 -15.66
N GLU A 393 28.95 -32.78 -15.77
CA GLU A 393 29.23 -31.43 -16.27
C GLU A 393 29.29 -30.46 -15.09
N ARG A 394 30.44 -29.81 -14.90
CA ARG A 394 30.66 -28.93 -13.77
C ARG A 394 30.17 -27.51 -14.03
N LEU A 395 29.89 -26.81 -12.94
CA LEU A 395 29.41 -25.43 -13.01
C LEU A 395 30.57 -24.45 -13.03
N ARG A 396 30.47 -23.45 -13.90
CA ARG A 396 31.41 -22.34 -13.91
C ARG A 396 31.05 -21.38 -12.79
N SER A 397 31.77 -21.48 -11.69
CA SER A 397 31.63 -20.61 -10.52
C SER A 397 32.98 -20.49 -9.86
N GLY A 398 33.22 -19.33 -9.24
CA GLY A 398 34.45 -19.16 -8.47
C GLY A 398 34.38 -19.56 -7.01
N TRP A 399 33.20 -19.91 -6.50
CA TRP A 399 33.07 -20.22 -5.08
C TRP A 399 32.10 -21.36 -4.80
N LEU A 400 31.19 -21.69 -5.70
CA LEU A 400 30.31 -22.83 -5.58
C LEU A 400 30.87 -24.00 -6.39
N ASN A 401 30.88 -25.18 -5.79
CA ASN A 401 31.31 -26.41 -6.43
C ASN A 401 30.04 -27.13 -6.90
N GLY A 402 29.66 -26.94 -8.15
CA GLY A 402 28.37 -27.38 -8.66
C GLY A 402 28.51 -28.39 -9.78
N ILE A 403 27.52 -29.29 -9.86
CA ILE A 403 27.37 -30.20 -10.99
C ILE A 403 26.04 -29.86 -11.67
N LYS A 404 26.12 -29.48 -12.95
CA LYS A 404 24.91 -29.10 -13.66
C LYS A 404 24.12 -30.32 -14.13
N HIS A 405 24.82 -31.35 -14.63
CA HIS A 405 24.21 -32.50 -15.27
C HIS A 405 25.08 -33.73 -15.05
N TRP A 406 24.44 -34.89 -14.92
CA TRP A 406 25.16 -36.15 -14.79
C TRP A 406 24.22 -37.27 -15.25
N GLN A 407 24.54 -37.86 -16.40
CA GLN A 407 23.71 -38.91 -16.98
C GLN A 407 23.99 -40.24 -16.29
N VAL A 408 22.93 -40.91 -15.84
CA VAL A 408 23.13 -42.19 -15.17
C VAL A 408 22.02 -43.16 -15.58
N ASP A 409 22.36 -44.44 -15.55
CA ASP A 409 21.43 -45.53 -15.79
C ASP A 409 20.97 -46.04 -14.43
N TYR A 410 19.72 -45.75 -14.08
CA TYR A 410 19.23 -46.09 -12.75
C TYR A 410 19.07 -47.60 -12.57
N THR A 411 18.67 -48.30 -13.63
CA THR A 411 18.45 -49.74 -13.52
C THR A 411 19.77 -50.51 -13.48
N GLY A 412 20.81 -50.00 -14.16
CA GLY A 412 22.11 -50.64 -14.17
C GLY A 412 22.21 -51.81 -15.11
N SER B 4 -25.36 -3.31 -19.11
CA SER B 4 -25.19 -1.97 -18.57
C SER B 4 -24.50 -2.02 -17.20
N PRO B 5 -23.44 -1.22 -17.04
CA PRO B 5 -22.68 -1.26 -15.78
C PRO B 5 -23.51 -0.70 -14.63
N ASN B 6 -23.19 -1.18 -13.43
CA ASN B 6 -23.97 -0.84 -12.23
C ASN B 6 -23.53 0.52 -11.66
N LEU B 7 -23.92 1.58 -12.36
CA LEU B 7 -23.59 2.94 -12.01
C LEU B 7 -24.85 3.77 -11.76
N PRO B 8 -24.75 4.84 -10.98
CA PRO B 8 -25.91 5.73 -10.82
C PRO B 8 -26.31 6.32 -12.16
N PRO B 9 -27.60 6.59 -12.36
CA PRO B 9 -28.02 7.21 -13.62
C PRO B 9 -27.32 8.54 -13.84
N GLY B 10 -26.91 8.79 -15.08
CA GLY B 10 -26.26 10.03 -15.43
C GLY B 10 -24.83 10.18 -14.96
N PHE B 11 -24.24 9.16 -14.36
CA PHE B 11 -22.88 9.25 -13.85
C PHE B 11 -21.90 9.69 -14.93
N ASP B 12 -21.01 10.62 -14.58
CA ASP B 12 -20.06 11.20 -15.53
C ASP B 12 -18.65 11.13 -14.94
N PHE B 13 -17.78 10.33 -15.56
CA PHE B 13 -16.45 10.10 -15.02
C PHE B 13 -15.53 11.31 -15.14
N THR B 14 -15.90 12.33 -15.90
CA THR B 14 -15.12 13.56 -15.97
C THR B 14 -15.66 14.65 -15.03
N ASP B 15 -16.63 14.32 -14.19
CA ASP B 15 -17.24 15.29 -13.31
C ASP B 15 -16.25 15.79 -12.26
N PRO B 16 -15.86 17.07 -12.29
CA PRO B 16 -14.87 17.54 -11.31
C PRO B 16 -15.32 17.38 -9.88
N ALA B 17 -16.63 17.40 -9.62
CA ALA B 17 -17.12 17.22 -8.26
C ALA B 17 -16.68 15.88 -7.68
N ILE B 18 -16.58 14.85 -8.52
CA ILE B 18 -16.09 13.55 -8.04
C ILE B 18 -14.68 13.68 -7.49
N TYR B 19 -13.76 14.19 -8.31
CA TYR B 19 -12.35 14.21 -7.94
C TYR B 19 -12.05 15.19 -6.84
N ALA B 20 -12.91 16.20 -6.62
CA ALA B 20 -12.77 17.05 -5.45
C ALA B 20 -12.93 16.25 -4.16
N GLU B 21 -13.53 15.06 -4.22
CA GLU B 21 -13.78 14.24 -3.05
C GLU B 21 -12.96 12.96 -3.00
N ARG B 22 -12.76 12.30 -4.13
CA ARG B 22 -12.24 10.95 -4.13
C ARG B 22 -11.80 10.60 -5.54
N LEU B 23 -11.01 9.55 -5.64
CA LEU B 23 -10.86 8.89 -6.94
C LEU B 23 -11.93 7.81 -7.05
N PRO B 24 -12.66 7.73 -8.17
CA PRO B 24 -13.76 6.76 -8.27
C PRO B 24 -13.29 5.36 -8.63
N VAL B 25 -12.49 4.79 -7.73
CA VAL B 25 -11.82 3.51 -7.99
C VAL B 25 -12.86 2.42 -8.22
N ALA B 26 -13.87 2.36 -7.36
CA ALA B 26 -14.86 1.31 -7.46
C ALA B 26 -15.67 1.43 -8.75
N GLU B 27 -15.94 2.65 -9.20
CA GLU B 27 -16.73 2.82 -10.41
C GLU B 27 -15.93 2.40 -11.64
N PHE B 28 -14.64 2.75 -11.67
CA PHE B 28 -13.77 2.26 -12.74
C PHE B 28 -13.70 0.73 -12.74
N ALA B 29 -13.59 0.14 -11.55
CA ALA B 29 -13.55 -1.32 -11.48
C ALA B 29 -14.83 -1.94 -12.03
N GLU B 30 -15.98 -1.27 -11.84
CA GLU B 30 -17.22 -1.79 -12.39
C GLU B 30 -17.21 -1.72 -13.92
N LEU B 31 -16.67 -0.64 -14.48
CA LEU B 31 -16.57 -0.54 -15.94
C LEU B 31 -15.66 -1.62 -16.50
N ARG B 32 -14.46 -1.78 -15.92
CA ARG B 32 -13.56 -2.84 -16.36
C ARG B 32 -14.27 -4.19 -16.34
N SER B 33 -15.06 -4.43 -15.29
CA SER B 33 -15.74 -5.70 -15.14
C SER B 33 -16.92 -5.85 -16.09
N ALA B 34 -17.74 -4.80 -16.25
CA ALA B 34 -19.02 -4.93 -16.93
C ALA B 34 -19.13 -4.21 -18.26
N ALA B 35 -18.31 -3.19 -18.50
CA ALA B 35 -18.38 -2.45 -19.76
C ALA B 35 -17.08 -1.68 -19.97
N PRO B 36 -15.99 -2.36 -20.36
CA PRO B 36 -14.68 -1.69 -20.39
C PRO B 36 -14.57 -0.57 -21.41
N ILE B 37 -15.44 -0.55 -22.42
CA ILE B 37 -15.61 0.60 -23.31
C ILE B 37 -17.08 0.97 -23.23
N TRP B 38 -17.39 2.08 -22.56
CA TRP B 38 -18.76 2.45 -22.21
C TRP B 38 -19.05 3.88 -22.62
N TRP B 39 -20.18 4.07 -23.31
CA TRP B 39 -20.57 5.42 -23.70
C TRP B 39 -20.98 6.23 -22.49
N ASN B 40 -20.26 7.31 -22.22
CA ASN B 40 -20.53 8.21 -21.10
C ASN B 40 -21.34 9.38 -21.65
N GLY B 41 -22.67 9.28 -21.54
CA GLY B 41 -23.52 10.35 -22.03
C GLY B 41 -23.45 11.59 -21.16
N GLN B 42 -23.61 12.75 -21.80
CA GLN B 42 -23.52 14.04 -21.12
C GLN B 42 -24.70 14.92 -21.54
N ASP B 43 -25.44 15.42 -20.54
CA ASP B 43 -26.61 16.24 -20.85
C ASP B 43 -26.18 17.52 -21.57
N PRO B 44 -27.11 18.18 -22.26
CA PRO B 44 -26.76 19.41 -22.96
C PRO B 44 -26.16 20.44 -22.02
N GLY B 45 -25.07 21.06 -22.45
CA GLY B 45 -24.39 22.06 -21.66
C GLY B 45 -23.60 21.55 -20.47
N LYS B 46 -23.55 20.24 -20.26
CA LYS B 46 -22.82 19.66 -19.13
C LYS B 46 -21.68 18.77 -19.60
N GLY B 47 -21.04 19.16 -20.71
CA GLY B 47 -19.97 18.38 -21.29
C GLY B 47 -18.60 19.01 -21.10
N GLY B 48 -18.49 19.90 -20.12
CA GLY B 48 -17.20 20.52 -19.85
C GLY B 48 -16.59 21.19 -21.06
N GLY B 49 -17.41 21.88 -21.84
CA GLY B 49 -16.93 22.62 -22.99
C GLY B 49 -17.15 21.93 -24.32
N PHE B 50 -17.47 20.64 -24.31
CA PHE B 50 -17.75 19.90 -25.53
C PHE B 50 -19.25 19.66 -25.63
N HIS B 51 -19.77 19.78 -26.86
CA HIS B 51 -21.21 19.69 -27.08
C HIS B 51 -21.51 18.60 -28.10
N ASP B 52 -21.09 17.37 -27.79
CA ASP B 52 -21.31 16.24 -28.66
C ASP B 52 -22.16 15.15 -28.02
N GLY B 53 -22.65 15.37 -26.79
CA GLY B 53 -23.50 14.40 -26.14
C GLY B 53 -22.79 13.35 -25.30
N GLY B 54 -21.47 13.26 -25.37
CA GLY B 54 -20.73 12.35 -24.50
C GLY B 54 -19.47 11.85 -25.17
N PHE B 55 -18.93 10.77 -24.60
CA PHE B 55 -17.65 10.23 -25.02
C PHE B 55 -17.55 8.76 -24.65
N TRP B 56 -16.60 8.08 -25.27
CA TRP B 56 -16.31 6.68 -24.94
C TRP B 56 -15.31 6.60 -23.80
N ALA B 57 -15.75 6.06 -22.67
CA ALA B 57 -14.84 5.87 -21.53
C ALA B 57 -13.97 4.65 -21.79
N ILE B 58 -12.65 4.85 -21.86
CA ILE B 58 -11.68 3.77 -22.06
C ILE B 58 -11.04 3.44 -20.71
N THR B 59 -11.17 2.18 -20.28
CA THR B 59 -10.78 1.79 -18.93
C THR B 59 -9.73 0.69 -18.86
N LYS B 60 -9.41 0.03 -19.97
CA LYS B 60 -8.47 -1.08 -19.99
C LYS B 60 -7.12 -0.63 -20.56
N LEU B 61 -6.04 -1.13 -19.97
CA LEU B 61 -4.71 -0.65 -20.34
C LEU B 61 -4.40 -0.92 -21.80
N ASN B 62 -4.82 -2.08 -22.31
CA ASN B 62 -4.50 -2.42 -23.71
C ASN B 62 -5.21 -1.49 -24.68
N ASP B 63 -6.45 -1.09 -24.37
CA ASP B 63 -7.16 -0.17 -25.24
C ASP B 63 -6.52 1.21 -25.21
N VAL B 64 -6.11 1.66 -24.03
CA VAL B 64 -5.35 2.90 -23.91
C VAL B 64 -4.11 2.85 -24.80
N LYS B 65 -3.38 1.73 -24.76
CA LYS B 65 -2.19 1.63 -25.59
C LYS B 65 -2.54 1.66 -27.07
N GLU B 66 -3.63 0.97 -27.46
CA GLU B 66 -4.02 0.94 -28.86
C GLU B 66 -4.35 2.34 -29.38
N ILE B 67 -5.14 3.09 -28.61
CA ILE B 67 -5.49 4.45 -29.00
C ILE B 67 -4.24 5.30 -29.11
N SER B 68 -3.31 5.14 -28.16
CA SER B 68 -2.13 5.99 -28.14
C SER B 68 -1.20 5.68 -29.31
N ARG B 69 -1.11 4.42 -29.73
CA ARG B 69 -0.22 4.11 -30.83
C ARG B 69 -0.82 4.48 -32.18
N HIS B 70 -2.16 4.51 -32.30
CA HIS B 70 -2.84 4.82 -33.56
C HIS B 70 -3.22 6.30 -33.61
N SER B 71 -2.20 7.15 -33.48
CA SER B 71 -2.42 8.58 -33.55
C SER B 71 -2.88 9.03 -34.93
N ASP B 72 -2.57 8.25 -35.97
CA ASP B 72 -3.06 8.59 -37.30
C ASP B 72 -4.58 8.61 -37.33
N VAL B 73 -5.22 7.86 -36.44
CA VAL B 73 -6.69 7.79 -36.36
C VAL B 73 -7.23 8.61 -35.20
N PHE B 74 -6.67 8.43 -34.01
CA PHE B 74 -7.15 9.09 -32.81
C PHE B 74 -6.37 10.39 -32.61
N SER B 75 -7.03 11.51 -32.89
CA SER B 75 -6.38 12.80 -33.01
C SER B 75 -6.35 13.57 -31.69
N SER B 76 -5.22 14.21 -31.43
CA SER B 76 -5.10 15.17 -30.34
C SER B 76 -5.43 16.59 -30.77
N TYR B 77 -5.12 16.93 -32.03
CA TYR B 77 -5.39 18.28 -32.51
C TYR B 77 -6.88 18.57 -32.53
N GLU B 78 -7.70 17.59 -32.94
CA GLU B 78 -9.09 17.86 -33.28
C GLU B 78 -9.83 18.58 -32.16
N ASN B 79 -9.80 18.01 -30.94
CA ASN B 79 -10.49 18.62 -29.81
C ASN B 79 -9.56 18.83 -28.62
N GLY B 80 -8.25 18.75 -28.80
CA GLY B 80 -7.33 18.78 -27.69
C GLY B 80 -7.41 17.49 -26.91
N VAL B 81 -6.57 17.41 -25.87
CA VAL B 81 -6.48 16.21 -25.05
C VAL B 81 -7.11 16.38 -23.68
N ILE B 82 -7.39 17.60 -23.24
CA ILE B 82 -8.05 17.82 -21.95
C ILE B 82 -9.53 17.50 -22.12
N PRO B 83 -10.08 16.57 -21.35
CA PRO B 83 -11.49 16.18 -21.56
C PRO B 83 -12.49 16.91 -20.67
N ARG B 84 -12.10 18.02 -20.04
CA ARG B 84 -13.04 18.73 -19.20
C ARG B 84 -12.55 20.15 -18.95
N PHE B 85 -13.37 21.13 -19.30
CA PHE B 85 -13.18 22.51 -18.91
C PHE B 85 -14.45 22.98 -18.18
N LYS B 86 -14.48 24.27 -17.86
CA LYS B 86 -15.74 24.88 -17.45
C LYS B 86 -16.78 24.62 -18.53
N ASN B 87 -17.98 24.22 -18.12
CA ASN B 87 -19.03 23.89 -19.08
C ASN B 87 -19.27 25.03 -20.07
N ASP B 88 -19.03 26.27 -19.66
CA ASP B 88 -19.30 27.43 -20.49
C ASP B 88 -18.07 27.95 -21.20
N ILE B 89 -16.95 27.22 -21.18
CA ILE B 89 -15.77 27.67 -21.90
C ILE B 89 -16.12 27.91 -23.36
N ALA B 90 -15.42 28.86 -23.98
CA ALA B 90 -15.60 29.16 -25.39
C ALA B 90 -14.70 28.26 -26.23
N ARG B 91 -15.23 27.81 -27.38
CA ARG B 91 -14.45 26.95 -28.25
C ARG B 91 -13.09 27.56 -28.55
N GLU B 92 -13.05 28.87 -28.79
CA GLU B 92 -11.79 29.57 -29.00
C GLU B 92 -10.80 29.28 -27.87
N ASP B 93 -11.29 29.26 -26.62
CA ASP B 93 -10.41 29.01 -25.49
C ASP B 93 -9.97 27.55 -25.40
N ILE B 94 -10.63 26.65 -26.13
CA ILE B 94 -10.16 25.27 -26.20
C ILE B 94 -9.16 25.10 -27.34
N GLU B 95 -9.40 25.75 -28.47
CA GLU B 95 -8.53 25.59 -29.63
C GLU B 95 -7.15 26.22 -29.42
N VAL B 96 -7.04 27.18 -28.50
CA VAL B 96 -5.73 27.74 -28.19
C VAL B 96 -4.77 26.65 -27.75
N GLN B 97 -5.31 25.56 -27.20
CA GLN B 97 -4.46 24.43 -26.81
C GLN B 97 -3.57 23.97 -27.96
N ARG B 98 -4.05 24.12 -29.20
CA ARG B 98 -3.34 23.59 -30.36
C ARG B 98 -1.98 24.23 -30.57
N PHE B 99 -1.70 25.34 -29.89
CA PHE B 99 -0.42 26.03 -30.08
C PHE B 99 0.74 25.32 -29.38
N VAL B 100 0.48 24.27 -28.61
CA VAL B 100 1.54 23.53 -27.91
C VAL B 100 1.61 22.11 -28.49
N MET B 101 2.82 21.54 -28.44
CA MET B 101 3.08 20.24 -29.05
C MET B 101 2.09 19.17 -28.63
N LEU B 102 1.57 19.26 -27.40
CA LEU B 102 0.72 18.20 -26.88
C LEU B 102 -0.55 18.04 -27.70
N ASN B 103 -1.08 19.13 -28.24
CA ASN B 103 -2.35 19.13 -28.96
C ASN B 103 -2.15 19.36 -30.45
N MET B 104 -1.10 18.77 -31.01
CA MET B 104 -0.85 18.81 -32.44
C MET B 104 -0.79 17.40 -32.99
N ASP B 105 -1.05 17.29 -34.29
CA ASP B 105 -0.91 16.04 -35.01
C ASP B 105 0.27 16.17 -35.98
N ALA B 106 0.76 15.02 -36.44
CA ALA B 106 1.76 15.04 -37.51
C ALA B 106 1.15 15.69 -38.75
N PRO B 107 1.96 16.37 -39.58
CA PRO B 107 3.42 16.50 -39.48
C PRO B 107 3.92 17.58 -38.53
N HIS B 108 3.08 18.56 -38.18
CA HIS B 108 3.52 19.64 -37.30
CA HIS B 108 3.52 19.64 -37.30
C HIS B 108 4.13 19.07 -36.02
N HIS B 109 3.41 18.16 -35.36
CA HIS B 109 3.90 17.61 -34.11
C HIS B 109 5.23 16.89 -34.29
N THR B 110 5.37 16.14 -35.37
CA THR B 110 6.61 15.41 -35.62
C THR B 110 7.80 16.35 -35.68
N ARG B 111 7.64 17.50 -36.33
CA ARG B 111 8.72 18.47 -36.45
C ARG B 111 9.10 19.01 -35.08
N LEU B 112 8.13 19.52 -34.33
CA LEU B 112 8.43 20.09 -33.03
C LEU B 112 9.02 19.05 -32.10
N ARG B 113 8.43 17.86 -32.05
CA ARG B 113 8.93 16.80 -31.19
C ARG B 113 10.42 16.55 -31.44
N LYS B 114 10.82 16.48 -32.72
CA LYS B 114 12.22 16.21 -33.03
C LYS B 114 13.12 17.31 -32.49
N ILE B 115 12.73 18.57 -32.69
CA ILE B 115 13.55 19.67 -32.20
C ILE B 115 13.57 19.69 -30.68
N ILE B 116 12.42 19.46 -30.06
CA ILE B 116 12.33 19.58 -28.61
C ILE B 116 13.17 18.50 -27.91
N SER B 117 13.38 17.36 -28.57
CA SER B 117 14.14 16.26 -27.95
C SER B 117 15.54 16.69 -27.54
N ARG B 118 16.08 17.76 -28.15
CA ARG B 118 17.42 18.22 -27.79
C ARG B 118 17.51 18.55 -26.31
N GLY B 119 16.42 19.00 -25.70
CA GLY B 119 16.42 19.39 -24.31
C GLY B 119 16.17 18.29 -23.31
N PHE B 120 15.86 17.08 -23.76
CA PHE B 120 15.55 15.98 -22.86
C PHE B 120 16.42 14.77 -23.14
N THR B 121 17.63 15.02 -23.62
CA THR B 121 18.62 13.97 -23.79
C THR B 121 19.14 13.51 -22.43
N PRO B 122 19.69 12.29 -22.35
CA PRO B 122 20.29 11.86 -21.08
C PRO B 122 21.30 12.85 -20.55
N ARG B 123 21.93 13.63 -21.42
CA ARG B 123 22.85 14.66 -20.97
CA ARG B 123 22.85 14.66 -20.97
C ARG B 123 22.12 15.78 -20.26
N ALA B 124 21.14 16.39 -20.94
CA ALA B 124 20.39 17.48 -20.34
C ALA B 124 19.82 17.08 -18.98
N VAL B 125 19.23 15.88 -18.91
CA VAL B 125 18.64 15.44 -17.65
C VAL B 125 19.73 15.13 -16.62
N GLY B 126 20.68 14.26 -16.98
CA GLY B 126 21.69 13.84 -16.03
C GLY B 126 22.51 14.99 -15.48
N ARG B 127 22.66 16.07 -16.24
CA ARG B 127 23.43 17.21 -15.76
C ARG B 127 22.73 17.92 -14.62
N LEU B 128 21.39 17.82 -14.53
CA LEU B 128 20.67 18.44 -13.43
C LEU B 128 20.68 17.59 -12.17
N HIS B 129 21.22 16.37 -12.22
CA HIS B 129 21.17 15.48 -11.06
C HIS B 129 21.81 16.14 -9.83
N ASP B 130 23.05 16.63 -9.97
CA ASP B 130 23.79 17.10 -8.81
C ASP B 130 23.12 18.30 -8.16
N GLU B 131 22.66 19.27 -8.95
CA GLU B 131 21.99 20.42 -8.37
C GLU B 131 20.63 20.03 -7.78
N LEU B 132 19.89 19.15 -8.45
CA LEU B 132 18.60 18.74 -7.90
C LEU B 132 18.77 17.91 -6.64
N GLN B 133 19.79 17.06 -6.61
CA GLN B 133 20.07 16.30 -5.39
C GLN B 133 20.37 17.24 -4.23
N GLU B 134 21.28 18.20 -4.46
CA GLU B 134 21.56 19.20 -3.44
C GLU B 134 20.28 19.90 -2.99
N ARG B 135 19.43 20.28 -3.96
CA ARG B 135 18.23 21.03 -3.61
C ARG B 135 17.22 20.16 -2.87
N ALA B 136 17.10 18.89 -3.27
CA ALA B 136 16.22 17.95 -2.57
C ALA B 136 16.64 17.81 -1.10
N GLN B 137 17.95 17.64 -0.86
CA GLN B 137 18.44 17.46 0.50
C GLN B 137 18.15 18.70 1.35
N LYS B 138 18.33 19.89 0.77
CA LYS B 138 18.01 21.12 1.50
C LYS B 138 16.52 21.20 1.80
N ILE B 139 15.68 20.88 0.82
CA ILE B 139 14.24 20.96 1.02
C ILE B 139 13.82 20.06 2.17
N ALA B 140 14.29 18.81 2.16
CA ALA B 140 13.93 17.87 3.22
C ALA B 140 14.50 18.32 4.56
N ALA B 141 15.72 18.85 4.56
CA ALA B 141 16.29 19.37 5.80
C ALA B 141 15.43 20.50 6.35
N GLU B 142 15.07 21.44 5.48
CA GLU B 142 14.22 22.55 5.91
C GLU B 142 12.90 22.04 6.48
N ALA B 143 12.30 21.03 5.85
CA ALA B 143 11.03 20.51 6.33
C ALA B 143 11.21 19.85 7.71
N ALA B 144 12.26 19.04 7.86
CA ALA B 144 12.52 18.40 9.15
C ALA B 144 12.73 19.43 10.25
N ALA B 145 13.42 20.54 9.94
CA ALA B 145 13.64 21.56 10.95
C ALA B 145 12.32 22.23 11.35
N ALA B 146 11.38 22.34 10.41
CA ALA B 146 10.08 22.91 10.73
C ALA B 146 9.25 21.98 11.61
N GLY B 147 9.58 20.70 11.66
CA GLY B 147 8.88 19.78 12.53
C GLY B 147 7.58 19.24 11.97
N SER B 148 6.82 20.09 11.30
CA SER B 148 5.53 19.67 10.74
C SER B 148 5.03 20.79 9.84
N GLY B 149 4.03 20.48 9.03
CA GLY B 149 3.47 21.46 8.13
C GLY B 149 2.80 20.82 6.95
N ASP B 150 2.51 21.64 5.95
CA ASP B 150 1.86 21.20 4.72
C ASP B 150 2.89 20.53 3.82
N PHE B 151 2.81 19.19 3.73
CA PHE B 151 3.75 18.43 2.92
C PHE B 151 3.77 18.90 1.48
N VAL B 152 2.61 19.28 0.94
CA VAL B 152 2.56 19.67 -0.47
C VAL B 152 3.44 20.88 -0.71
N GLU B 153 3.35 21.87 0.18
CA GLU B 153 4.14 23.09 -0.01
CA GLU B 153 4.14 23.09 -0.01
C GLU B 153 5.60 22.88 0.38
N GLN B 154 5.86 22.12 1.45
CA GLN B 154 7.20 22.03 2.00
C GLN B 154 8.07 20.94 1.38
N VAL B 155 7.49 19.96 0.72
CA VAL B 155 8.28 18.84 0.21
C VAL B 155 8.01 18.61 -1.27
N SER B 156 6.75 18.78 -1.69
CA SER B 156 6.37 18.32 -3.02
C SER B 156 6.56 19.38 -4.10
N CYS B 157 6.45 20.66 -3.73
CA CYS B 157 6.23 21.72 -4.70
CA CYS B 157 6.23 21.71 -4.71
C CYS B 157 7.52 22.20 -5.36
N GLU B 158 8.57 22.42 -4.56
CA GLU B 158 9.70 23.18 -5.09
C GLU B 158 10.50 22.38 -6.12
N LEU B 159 10.89 21.15 -5.79
CA LEU B 159 11.85 20.45 -6.64
C LEU B 159 11.38 20.32 -8.08
N PRO B 160 10.13 19.94 -8.37
CA PRO B 160 9.71 19.93 -9.79
C PRO B 160 9.90 21.26 -10.47
N LEU B 161 9.64 22.37 -9.78
CA LEU B 161 9.82 23.68 -10.38
C LEU B 161 11.31 24.01 -10.56
N GLN B 162 12.14 23.60 -9.61
CA GLN B 162 13.59 23.79 -9.77
C GLN B 162 14.14 22.94 -10.91
N ALA B 163 13.54 21.79 -11.18
CA ALA B 163 13.97 21.01 -12.34
C ALA B 163 13.69 21.77 -13.63
N ILE B 164 12.53 22.42 -13.69
CA ILE B 164 12.18 23.25 -14.85
C ILE B 164 13.17 24.39 -14.98
N ALA B 165 13.38 25.14 -13.91
CA ALA B 165 14.29 26.28 -13.96
C ALA B 165 15.69 25.83 -14.36
N GLY B 166 16.17 24.75 -13.76
CA GLY B 166 17.50 24.26 -14.10
C GLY B 166 17.62 23.92 -15.57
N LEU B 167 16.66 23.16 -16.09
CA LEU B 167 16.70 22.77 -17.50
C LEU B 167 16.71 23.99 -18.41
N LEU B 168 15.92 25.02 -18.08
CA LEU B 168 15.90 26.23 -18.89
C LEU B 168 17.01 27.22 -18.54
N GLY B 169 17.86 26.91 -17.56
CA GLY B 169 18.88 27.84 -17.13
C GLY B 169 18.35 29.17 -16.64
N VAL B 170 17.22 29.16 -15.95
CA VAL B 170 16.64 30.43 -15.48
C VAL B 170 17.47 30.97 -14.31
N PRO B 171 17.88 32.23 -14.35
CA PRO B 171 18.65 32.77 -13.21
C PRO B 171 17.85 32.71 -11.92
N GLN B 172 18.57 32.50 -10.82
CA GLN B 172 17.94 32.45 -9.49
C GLN B 172 17.06 33.67 -9.24
N GLU B 173 17.43 34.83 -9.80
CA GLU B 173 16.69 36.06 -9.51
CA GLU B 173 16.69 36.05 -9.50
C GLU B 173 15.29 36.02 -10.09
N ASP B 174 15.08 35.28 -11.17
CA ASP B 174 13.78 35.24 -11.82
C ASP B 174 12.99 33.96 -11.52
N ARG B 175 13.53 33.07 -10.67
CA ARG B 175 12.82 31.83 -10.41
C ARG B 175 11.58 32.05 -9.56
N GLY B 176 11.62 33.01 -8.63
CA GLY B 176 10.44 33.31 -7.84
C GLY B 176 9.25 33.67 -8.71
N LYS B 177 9.44 34.63 -9.63
CA LYS B 177 8.34 35.02 -10.51
C LYS B 177 7.98 33.91 -11.49
N LEU B 178 8.98 33.20 -12.02
CA LEU B 178 8.69 32.07 -12.88
C LEU B 178 7.82 31.05 -12.16
N PHE B 179 8.19 30.71 -10.93
CA PHE B 179 7.40 29.72 -10.18
C PHE B 179 5.99 30.24 -9.95
N HIS B 180 5.85 31.55 -9.71
CA HIS B 180 4.54 32.13 -9.48
C HIS B 180 3.64 31.98 -10.70
N TRP B 181 4.16 32.36 -11.87
CA TRP B 181 3.36 32.24 -13.10
C TRP B 181 3.00 30.78 -13.35
N SER B 182 3.95 29.87 -13.19
CA SER B 182 3.66 28.45 -13.41
C SER B 182 2.53 27.98 -12.51
N ASN B 183 2.57 28.35 -11.23
CA ASN B 183 1.55 27.90 -10.31
C ASN B 183 0.20 28.53 -10.61
N GLU B 184 0.20 29.77 -11.10
CA GLU B 184 -1.07 30.45 -11.38
C GLU B 184 -1.87 29.76 -12.48
N MET B 185 -1.23 28.91 -13.28
CA MET B 185 -1.92 28.14 -14.31
C MET B 185 -2.28 26.74 -13.83
N THR B 186 -2.40 26.55 -12.53
CA THR B 186 -2.75 25.27 -11.93
C THR B 186 -4.06 25.39 -11.14
N GLY B 187 -4.87 24.34 -11.20
CA GLY B 187 -6.07 24.27 -10.38
C GLY B 187 -7.07 25.39 -10.61
N ASN B 188 -7.19 25.87 -11.84
CA ASN B 188 -8.09 26.98 -12.10
C ASN B 188 -9.56 26.61 -11.97
N GLU B 189 -9.89 25.33 -11.85
CA GLU B 189 -11.28 24.89 -11.69
C GLU B 189 -11.65 24.65 -10.22
N ASP B 190 -10.75 24.96 -9.30
CA ASP B 190 -10.98 24.72 -7.87
C ASP B 190 -11.28 26.03 -7.16
N PRO B 191 -12.28 26.07 -6.29
CA PRO B 191 -12.64 27.34 -5.65
C PRO B 191 -11.47 28.03 -4.95
N GLU B 192 -10.48 27.27 -4.46
CA GLU B 192 -9.36 27.90 -3.77
C GLU B 192 -8.63 28.88 -4.68
N TYR B 193 -8.67 28.64 -6.00
CA TYR B 193 -7.95 29.48 -6.95
C TYR B 193 -8.88 30.19 -7.94
N ALA B 194 -10.18 30.23 -7.66
CA ALA B 194 -11.14 30.78 -8.61
C ALA B 194 -10.93 32.26 -8.87
N HIS B 195 -10.17 32.95 -8.01
CA HIS B 195 -9.91 34.36 -8.19
C HIS B 195 -8.71 34.64 -9.10
N ILE B 196 -7.97 33.61 -9.51
CA ILE B 196 -6.72 33.76 -10.24
C ILE B 196 -6.98 33.79 -11.73
N ASP B 197 -6.29 34.70 -12.44
CA ASP B 197 -6.40 34.84 -13.89
C ASP B 197 -5.25 34.08 -14.55
N PRO B 198 -5.45 32.85 -15.02
CA PRO B 198 -4.32 32.12 -15.63
C PRO B 198 -3.90 32.68 -16.98
N LYS B 199 -4.84 33.24 -17.76
CA LYS B 199 -4.47 33.80 -19.04
C LYS B 199 -3.39 34.87 -18.87
N ALA B 200 -3.52 35.70 -17.83
CA ALA B 200 -2.51 36.73 -17.59
C ALA B 200 -1.16 36.12 -17.25
N SER B 201 -1.15 35.04 -16.46
CA SER B 201 0.12 34.40 -16.11
C SER B 201 0.76 33.76 -17.32
N SER B 202 -0.03 33.14 -18.19
CA SER B 202 0.52 32.58 -19.42
C SER B 202 1.16 33.67 -20.27
N ALA B 203 0.51 34.84 -20.37
CA ALA B 203 1.09 35.92 -21.15
C ALA B 203 2.42 36.39 -20.55
N GLU B 204 2.52 36.38 -19.22
CA GLU B 204 3.79 36.76 -18.59
C GLU B 204 4.87 35.75 -18.94
N LEU B 205 4.55 34.45 -18.88
CA LEU B 205 5.55 33.43 -19.17
C LEU B 205 6.03 33.53 -20.61
N ILE B 206 5.10 33.68 -21.56
CA ILE B 206 5.50 33.83 -22.95
C ILE B 206 6.41 35.04 -23.11
N GLY B 207 6.07 36.16 -22.46
CA GLY B 207 6.93 37.33 -22.53
C GLY B 207 8.33 37.07 -22.01
N TYR B 208 8.44 36.53 -20.80
CA TYR B 208 9.75 36.21 -20.25
C TYR B 208 10.50 35.25 -21.18
N ALA B 209 9.79 34.25 -21.70
CA ALA B 209 10.45 33.31 -22.60
C ALA B 209 11.04 34.02 -23.81
N MET B 210 10.41 35.11 -24.28
CA MET B 210 10.90 35.75 -25.48
C MET B 210 12.16 36.56 -25.19
N LYS B 211 12.14 37.38 -24.15
CA LYS B 211 13.36 38.06 -23.70
C LYS B 211 14.49 37.05 -23.53
N MET B 212 14.19 35.90 -22.94
CA MET B 212 15.21 34.86 -22.76
C MET B 212 15.74 34.38 -24.10
N ALA B 213 14.85 34.08 -25.04
CA ALA B 213 15.29 33.58 -26.34
C ALA B 213 16.05 34.65 -27.11
N GLU B 214 15.58 35.90 -27.06
CA GLU B 214 16.29 36.97 -27.75
C GLU B 214 17.65 37.21 -27.08
N GLU B 215 17.70 37.20 -25.76
CA GLU B 215 18.97 37.39 -25.06
C GLU B 215 19.93 36.26 -25.37
N LYS B 216 19.44 35.03 -25.47
CA LYS B 216 20.32 33.89 -25.74
C LYS B 216 20.76 33.86 -27.20
N ALA B 217 19.95 34.37 -28.12
CA ALA B 217 20.37 34.45 -29.51
C ALA B 217 21.60 35.34 -29.65
N LYS B 218 21.66 36.44 -28.89
CA LYS B 218 22.81 37.33 -28.92
C LYS B 218 23.97 36.81 -28.09
N ASN B 219 23.72 35.93 -27.12
CA ASN B 219 24.76 35.39 -26.24
C ASN B 219 24.58 33.88 -26.18
N PRO B 220 24.99 33.17 -27.23
CA PRO B 220 24.86 31.70 -27.23
C PRO B 220 25.73 31.06 -26.15
N ALA B 221 25.18 30.03 -25.51
CA ALA B 221 25.86 29.28 -24.47
C ALA B 221 25.54 27.81 -24.64
N ASP B 222 26.30 26.96 -23.94
CA ASP B 222 26.11 25.51 -24.00
C ASP B 222 25.01 25.12 -23.03
N ASP B 223 23.77 25.28 -23.49
CA ASP B 223 22.60 24.96 -22.68
C ASP B 223 21.39 24.84 -23.60
N ILE B 224 20.28 24.34 -23.05
CA ILE B 224 19.20 23.82 -23.88
C ILE B 224 18.60 24.94 -24.73
N VAL B 225 18.26 26.07 -24.10
CA VAL B 225 17.58 27.14 -24.83
C VAL B 225 18.35 27.52 -26.09
N THR B 226 19.68 27.64 -25.98
CA THR B 226 20.47 27.98 -27.16
C THR B 226 20.41 26.86 -28.19
N GLN B 227 20.42 25.61 -27.73
CA GLN B 227 20.28 24.48 -28.66
C GLN B 227 18.92 24.49 -29.34
N LEU B 228 17.89 25.03 -28.69
CA LEU B 228 16.54 25.01 -29.26
C LEU B 228 16.35 26.08 -30.32
N ILE B 229 16.89 27.28 -30.09
CA ILE B 229 16.81 28.35 -31.07
C ILE B 229 17.91 28.26 -32.12
N GLN B 230 18.94 27.44 -31.88
CA GLN B 230 19.98 27.23 -32.88
CA GLN B 230 19.98 27.23 -32.88
C GLN B 230 19.55 26.16 -33.88
N ALA B 231 20.02 26.32 -35.11
CA ALA B 231 19.68 25.41 -36.19
C ALA B 231 20.71 24.30 -36.29
N ASP B 232 20.24 23.05 -36.43
CA ASP B 232 21.12 21.91 -36.58
C ASP B 232 21.59 21.78 -38.03
N GLY B 235 18.46 22.60 -40.73
CA GLY B 235 18.06 23.97 -40.50
C GLY B 235 16.81 24.12 -39.66
N GLU B 236 16.52 23.11 -38.84
CA GLU B 236 15.32 23.08 -38.02
C GLU B 236 15.59 23.70 -36.66
N LYS B 237 14.68 24.57 -36.22
CA LYS B 237 14.83 25.27 -34.95
C LYS B 237 13.49 25.85 -34.55
N LEU B 238 13.28 25.97 -33.24
CA LEU B 238 12.06 26.59 -32.75
C LEU B 238 12.01 28.06 -33.17
N SER B 239 10.89 28.47 -33.74
CA SER B 239 10.66 29.89 -33.96
C SER B 239 10.55 30.60 -32.62
N ASP B 240 10.81 31.90 -32.64
CA ASP B 240 10.67 32.71 -31.42
C ASP B 240 9.36 32.38 -30.71
N ASP B 241 8.24 32.40 -31.44
CA ASP B 241 6.95 32.07 -30.85
C ASP B 241 6.95 30.66 -30.27
N GLU B 242 7.38 29.69 -31.08
CA GLU B 242 7.31 28.29 -30.65
C GLU B 242 8.06 28.09 -29.34
N PHE B 243 9.17 28.80 -29.14
CA PHE B 243 9.91 28.68 -27.89
C PHE B 243 9.09 29.22 -26.71
N GLY B 244 8.30 30.27 -26.93
CA GLY B 244 7.42 30.74 -25.89
C GLY B 244 6.38 29.71 -25.50
N PHE B 245 5.78 29.05 -26.49
CA PHE B 245 4.82 27.99 -26.21
C PHE B 245 5.50 26.75 -25.66
N PHE B 246 6.78 26.56 -25.99
CA PHE B 246 7.54 25.51 -25.34
C PHE B 246 7.62 25.75 -23.84
N VAL B 247 7.99 26.97 -23.44
CA VAL B 247 8.13 27.27 -22.02
C VAL B 247 6.79 27.12 -21.31
N VAL B 248 5.73 27.71 -21.88
CA VAL B 248 4.40 27.56 -21.29
C VAL B 248 4.08 26.08 -21.06
N MET B 249 4.26 25.26 -22.10
CA MET B 249 3.94 23.85 -21.99
C MET B 249 4.81 23.17 -20.94
N LEU B 250 6.09 23.53 -20.88
CA LEU B 250 6.98 22.91 -19.92
C LEU B 250 6.71 23.43 -18.51
N ALA B 251 6.44 24.73 -18.38
CA ALA B 251 6.10 25.28 -17.08
C ALA B 251 4.84 24.62 -16.51
N VAL B 252 3.95 24.15 -17.38
CA VAL B 252 2.72 23.51 -16.96
C VAL B 252 2.87 22.01 -16.82
N ALA B 253 3.49 21.36 -17.80
CA ALA B 253 3.54 19.90 -17.79
C ALA B 253 4.49 19.38 -16.72
N GLY B 254 5.54 20.12 -16.39
CA GLY B 254 6.53 19.66 -15.44
C GLY B 254 6.28 20.06 -14.01
N ASN B 255 5.10 20.59 -13.69
CA ASN B 255 4.86 21.14 -12.36
C ASN B 255 3.91 20.21 -11.60
N GLU B 256 2.61 20.37 -11.82
CA GLU B 256 1.62 19.70 -10.97
C GLU B 256 1.77 18.18 -11.00
N THR B 257 2.08 17.61 -12.17
CA THR B 257 2.09 16.15 -12.28
C THR B 257 3.11 15.53 -11.35
N THR B 258 4.37 15.97 -11.46
CA THR B 258 5.41 15.44 -10.57
C THR B 258 5.13 15.78 -9.12
N ARG B 259 4.70 17.02 -8.85
CA ARG B 259 4.31 17.38 -7.49
C ARG B 259 3.33 16.37 -6.94
N ASN B 260 2.31 16.03 -7.72
CA ASN B 260 1.27 15.16 -7.20
C ASN B 260 1.74 13.73 -7.12
N SER B 261 2.74 13.35 -7.92
CA SER B 261 3.34 12.03 -7.73
CA SER B 261 3.35 12.04 -7.72
C SER B 261 4.05 11.97 -6.37
N ILE B 262 4.67 13.07 -5.94
CA ILE B 262 5.37 13.06 -4.66
C ILE B 262 4.37 12.98 -3.51
N THR B 263 3.34 13.82 -3.54
CA THR B 263 2.36 13.78 -2.45
C THR B 263 1.73 12.40 -2.33
N GLN B 264 1.23 11.86 -3.44
CA GLN B 264 0.50 10.60 -3.36
C GLN B 264 1.42 9.41 -3.17
N GLY B 265 2.69 9.52 -3.56
CA GLY B 265 3.63 8.48 -3.20
C GLY B 265 3.85 8.40 -1.71
N MET B 266 4.02 9.57 -1.07
CA MET B 266 4.15 9.60 0.39
C MET B 266 2.88 9.14 1.07
N MET B 267 1.71 9.53 0.56
CA MET B 267 0.46 8.99 1.10
C MET B 267 0.47 7.46 1.02
N ALA B 268 0.92 6.92 -0.11
CA ALA B 268 1.01 5.46 -0.25
C ALA B 268 1.94 4.87 0.80
N PHE B 269 3.11 5.49 1.01
CA PHE B 269 4.03 4.99 2.04
C PHE B 269 3.40 5.07 3.43
N ALA B 270 2.64 6.14 3.69
CA ALA B 270 2.03 6.28 5.00
C ALA B 270 1.00 5.18 5.25
N GLU B 271 0.30 4.77 4.19
CA GLU B 271 -0.70 3.72 4.29
C GLU B 271 -0.09 2.32 4.25
N HIS B 272 1.15 2.19 3.78
CA HIS B 272 1.81 0.89 3.65
C HIS B 272 3.20 0.99 4.28
N PRO B 273 3.27 1.08 5.61
CA PRO B 273 4.56 1.31 6.26
C PRO B 273 5.57 0.21 6.03
N ASP B 274 5.11 -1.01 5.74
CA ASP B 274 6.01 -2.09 5.35
C ASP B 274 6.81 -1.71 4.11
N GLN B 275 6.17 -1.01 3.18
CA GLN B 275 6.87 -0.56 1.97
C GLN B 275 7.82 0.58 2.28
N TRP B 276 7.45 1.47 3.22
CA TRP B 276 8.33 2.56 3.62
C TRP B 276 9.58 2.01 4.32
N GLU B 277 9.43 1.00 5.18
CA GLU B 277 10.61 0.43 5.81
C GLU B 277 11.54 -0.21 4.79
N LEU B 278 10.97 -0.92 3.82
CA LEU B 278 11.77 -1.50 2.74
C LEU B 278 12.43 -0.42 1.90
N TYR B 279 11.68 0.63 1.54
CA TYR B 279 12.27 1.70 0.75
C TYR B 279 13.47 2.31 1.47
N LYS B 280 13.29 2.68 2.75
CA LYS B 280 14.38 3.36 3.46
C LYS B 280 15.65 2.51 3.44
N LYS B 281 15.52 1.19 3.50
N LYS B 281 15.49 1.19 3.48
CA LYS B 281 16.70 0.33 3.51
CA LYS B 281 16.61 0.24 3.53
C LYS B 281 17.31 0.20 2.11
C LYS B 281 17.28 0.09 2.17
N VAL B 282 16.49 -0.17 1.13
CA VAL B 282 17.02 -0.56 -0.17
C VAL B 282 17.09 0.57 -1.17
N ARG B 283 16.25 1.59 -1.03
CA ARG B 283 16.16 2.68 -2.01
C ARG B 283 16.06 2.16 -3.44
N PRO B 284 15.04 1.35 -3.75
CA PRO B 284 14.98 0.74 -5.09
C PRO B 284 14.62 1.76 -6.15
N GLU B 285 15.38 1.75 -7.25
CA GLU B 285 15.10 2.67 -8.36
C GLU B 285 13.74 2.39 -9.00
N THR B 286 13.18 1.20 -8.81
CA THR B 286 11.85 0.86 -9.31
C THR B 286 10.74 1.56 -8.54
N ALA B 287 11.06 2.23 -7.44
CA ALA B 287 10.03 2.89 -6.65
C ALA B 287 9.34 3.99 -7.45
N ALA B 288 10.10 4.76 -8.23
CA ALA B 288 9.51 5.91 -8.92
C ALA B 288 8.35 5.48 -9.82
N ASP B 289 8.53 4.37 -10.55
CA ASP B 289 7.47 3.94 -11.46
C ASP B 289 6.25 3.44 -10.71
N GLU B 290 6.43 2.76 -9.57
CA GLU B 290 5.26 2.35 -8.79
C GLU B 290 4.58 3.55 -8.15
N ILE B 291 5.34 4.57 -7.78
CA ILE B 291 4.73 5.79 -7.28
C ILE B 291 3.93 6.47 -8.40
N VAL B 292 4.47 6.49 -9.61
CA VAL B 292 3.72 7.11 -10.70
C VAL B 292 2.48 6.29 -11.03
N ARG B 293 2.61 4.96 -11.04
CA ARG B 293 1.42 4.13 -11.26
C ARG B 293 0.36 4.39 -10.20
N TRP B 294 0.78 4.43 -8.93
CA TRP B 294 -0.15 4.61 -7.82
C TRP B 294 -0.75 6.01 -7.83
N ALA B 295 0.07 7.01 -8.14
CA ALA B 295 -0.36 8.41 -8.09
C ALA B 295 -1.17 8.83 -9.31
N THR B 296 -0.95 8.18 -10.48
CA THR B 296 -1.52 8.57 -11.77
C THR B 296 -1.94 10.03 -11.81
N PRO B 297 -0.97 10.96 -11.83
CA PRO B 297 -1.29 12.38 -11.68
C PRO B 297 -2.20 12.92 -12.76
N VAL B 298 -2.17 12.35 -13.96
CA VAL B 298 -3.12 12.67 -15.01
C VAL B 298 -4.12 11.52 -15.02
N THR B 299 -5.37 11.82 -14.61
CA THR B 299 -6.41 10.80 -14.57
C THR B 299 -6.85 10.40 -15.97
N ALA B 300 -6.85 11.33 -16.92
CA ALA B 300 -7.33 11.00 -18.27
C ALA B 300 -6.94 12.09 -19.26
N PHE B 301 -6.56 11.66 -20.46
CA PHE B 301 -6.48 12.49 -21.65
C PHE B 301 -7.42 11.89 -22.70
N GLN B 302 -7.87 12.72 -23.63
CA GLN B 302 -8.81 12.28 -24.66
C GLN B 302 -8.16 12.31 -26.03
N ARG B 303 -8.83 11.65 -26.98
CA ARG B 303 -8.55 11.74 -28.40
C ARG B 303 -9.85 11.85 -29.17
N THR B 304 -9.75 12.15 -30.47
CA THR B 304 -10.91 12.24 -31.35
C THR B 304 -10.68 11.36 -32.58
N ALA B 305 -11.69 10.56 -32.91
CA ALA B 305 -11.57 9.61 -34.01
C ALA B 305 -11.71 10.36 -35.33
N LEU B 306 -10.67 10.29 -36.16
CA LEU B 306 -10.72 10.91 -37.48
C LEU B 306 -11.43 10.06 -38.51
N ARG B 307 -11.64 8.77 -38.23
CA ARG B 307 -12.40 7.89 -39.09
C ARG B 307 -12.97 6.77 -38.24
N ASP B 308 -13.95 6.06 -38.78
CA ASP B 308 -14.54 4.94 -38.07
C ASP B 308 -13.47 3.93 -37.69
N TYR B 309 -13.52 3.47 -36.44
CA TYR B 309 -12.50 2.56 -35.94
C TYR B 309 -13.19 1.62 -34.95
N GLU B 310 -12.91 0.33 -35.07
CA GLU B 310 -13.45 -0.67 -34.17
C GLU B 310 -12.39 -0.97 -33.11
N LEU B 311 -12.73 -0.77 -31.84
CA LEU B 311 -11.82 -0.97 -30.73
C LEU B 311 -12.41 -2.01 -29.79
N SER B 312 -11.73 -3.14 -29.65
CA SER B 312 -12.19 -4.23 -28.80
C SER B 312 -13.69 -4.44 -28.95
N GLY B 313 -14.14 -4.55 -30.20
CA GLY B 313 -15.51 -4.89 -30.51
C GLY B 313 -16.50 -3.75 -30.44
N VAL B 314 -16.05 -2.52 -30.18
CA VAL B 314 -16.93 -1.36 -30.11
C VAL B 314 -16.65 -0.48 -31.33
N GLN B 315 -17.71 -0.07 -32.00
CA GLN B 315 -17.59 0.75 -33.21
C GLN B 315 -17.50 2.21 -32.77
N ILE B 316 -16.30 2.77 -32.79
CA ILE B 316 -16.09 4.21 -32.58
C ILE B 316 -16.26 4.91 -33.94
N LYS B 317 -17.00 6.01 -33.94
CA LYS B 317 -17.38 6.70 -35.16
C LYS B 317 -16.59 7.99 -35.33
N LYS B 318 -16.32 8.33 -36.59
CA LYS B 318 -15.66 9.59 -36.93
C LYS B 318 -16.26 10.74 -36.12
N GLY B 319 -15.38 11.59 -35.60
CA GLY B 319 -15.80 12.74 -34.81
C GLY B 319 -16.04 12.47 -33.34
N GLN B 320 -16.10 11.22 -32.92
CA GLN B 320 -16.41 10.91 -31.54
C GLN B 320 -15.17 10.98 -30.66
N ARG B 321 -15.37 11.31 -29.39
CA ARG B 321 -14.28 11.43 -28.44
C ARG B 321 -14.10 10.11 -27.70
N VAL B 322 -12.84 9.75 -27.46
CA VAL B 322 -12.48 8.67 -26.55
C VAL B 322 -11.66 9.26 -25.42
N VAL B 323 -11.98 8.87 -24.19
CA VAL B 323 -11.29 9.38 -23.00
C VAL B 323 -10.52 8.23 -22.38
N MET B 324 -9.20 8.35 -22.39
CA MET B 324 -8.30 7.34 -21.85
C MET B 324 -8.15 7.57 -20.34
N PHE B 325 -8.76 6.71 -19.54
CA PHE B 325 -8.68 6.83 -18.09
C PHE B 325 -7.47 6.05 -17.59
N TYR B 326 -6.32 6.73 -17.54
CA TYR B 326 -5.10 6.12 -17.02
C TYR B 326 -5.29 5.61 -15.60
N ARG B 327 -6.11 6.30 -14.79
CA ARG B 327 -6.34 5.87 -13.42
C ARG B 327 -6.99 4.49 -13.37
N SER B 328 -7.85 4.18 -14.34
CA SER B 328 -8.40 2.83 -14.43
C SER B 328 -7.37 1.85 -14.99
N ALA B 329 -6.73 2.23 -16.10
CA ALA B 329 -5.82 1.34 -16.79
C ALA B 329 -4.66 0.90 -15.89
N ASN B 330 -4.21 1.78 -15.01
CA ASN B 330 -3.08 1.48 -14.13
C ASN B 330 -3.42 0.53 -13.01
N PHE B 331 -4.67 0.05 -12.95
CA PHE B 331 -5.10 -0.93 -11.97
C PHE B 331 -5.82 -2.07 -12.68
N ASP B 332 -5.48 -2.27 -13.96
CA ASP B 332 -6.06 -3.31 -14.79
C ASP B 332 -5.66 -4.68 -14.26
N GLU B 333 -6.65 -5.46 -13.83
CA GLU B 333 -6.41 -6.74 -13.19
C GLU B 333 -5.77 -7.76 -14.12
N GLU B 334 -5.88 -7.55 -15.43
CA GLU B 334 -5.30 -8.48 -16.38
C GLU B 334 -3.87 -8.13 -16.75
N VAL B 335 -3.36 -6.99 -16.31
CA VAL B 335 -2.01 -6.57 -16.62
C VAL B 335 -1.11 -6.65 -15.40
N PHE B 336 -1.62 -6.25 -14.24
CA PHE B 336 -0.85 -6.18 -13.01
C PHE B 336 -1.29 -7.28 -12.07
N GLN B 337 -0.31 -7.97 -11.48
CA GLN B 337 -0.56 -8.91 -10.39
C GLN B 337 -0.77 -8.12 -9.11
N ASP B 338 -1.96 -8.21 -8.54
CA ASP B 338 -2.28 -7.51 -7.31
C ASP B 338 -2.21 -6.01 -7.57
N PRO B 339 -3.06 -5.48 -8.45
CA PRO B 339 -2.95 -4.06 -8.79
C PRO B 339 -3.14 -3.16 -7.59
N PHE B 340 -3.94 -3.60 -6.62
CA PHE B 340 -4.21 -2.78 -5.45
C PHE B 340 -3.16 -2.96 -4.36
N THR B 341 -2.06 -3.64 -4.66
CA THR B 341 -0.92 -3.71 -3.77
C THR B 341 0.10 -2.64 -4.20
N PHE B 342 0.48 -1.77 -3.27
CA PHE B 342 1.59 -0.85 -3.48
C PHE B 342 2.88 -1.62 -3.28
N ASN B 343 3.63 -1.86 -4.35
CA ASN B 343 4.84 -2.69 -4.30
C ASN B 343 5.99 -1.99 -5.02
N ILE B 344 6.89 -1.38 -4.24
CA ILE B 344 7.93 -0.57 -4.84
C ILE B 344 8.96 -1.38 -5.60
N LEU B 345 8.94 -2.70 -5.46
CA LEU B 345 9.81 -3.58 -6.22
C LEU B 345 9.19 -4.01 -7.54
N ARG B 346 7.93 -3.67 -7.79
CA ARG B 346 7.23 -4.12 -8.98
C ARG B 346 8.09 -3.93 -10.22
N ASN B 347 8.25 -5.01 -10.99
CA ASN B 347 9.08 -4.96 -12.18
C ASN B 347 8.86 -6.20 -13.05
N PRO B 348 8.62 -6.03 -14.36
CA PRO B 348 8.41 -4.76 -15.06
C PRO B 348 7.18 -4.05 -14.50
N ASN B 349 6.99 -2.80 -14.92
CA ASN B 349 5.87 -1.99 -14.46
C ASN B 349 5.32 -1.22 -15.65
N PRO B 350 4.44 -1.85 -16.42
CA PRO B 350 4.03 -1.26 -17.70
C PRO B 350 2.87 -0.30 -17.57
N HIS B 351 2.91 0.54 -16.54
CA HIS B 351 1.86 1.51 -16.30
C HIS B 351 1.82 2.59 -17.39
N VAL B 352 0.70 3.28 -17.46
CA VAL B 352 0.49 4.31 -18.47
C VAL B 352 0.34 5.66 -17.80
N GLY B 353 0.93 5.82 -16.61
CA GLY B 353 0.93 7.12 -15.96
C GLY B 353 1.58 8.20 -16.79
N PHE B 354 2.56 7.84 -17.62
CA PHE B 354 3.15 8.73 -18.59
C PHE B 354 2.48 8.61 -19.95
N GLY B 355 1.31 7.99 -20.01
CA GLY B 355 0.59 7.78 -21.24
C GLY B 355 0.92 6.43 -21.86
N GLY B 356 0.19 6.10 -22.92
CA GLY B 356 0.51 4.94 -23.70
C GLY B 356 1.71 5.16 -24.60
N THR B 357 2.35 4.08 -25.00
CA THR B 357 3.46 4.21 -25.93
C THR B 357 2.95 4.77 -27.26
N GLY B 358 3.64 5.78 -27.77
CA GLY B 358 3.28 6.34 -29.05
C GLY B 358 3.92 7.70 -29.26
N ALA B 359 3.32 8.46 -30.18
CA ALA B 359 3.93 9.70 -30.64
C ALA B 359 3.96 10.75 -29.55
N HIS B 360 3.03 10.71 -28.60
CA HIS B 360 2.91 11.75 -27.58
C HIS B 360 3.37 11.29 -26.20
N TYR B 361 4.11 10.18 -26.12
CA TYR B 361 4.59 9.69 -24.84
C TYR B 361 5.38 10.77 -24.11
N CYS B 362 5.30 10.76 -22.78
CA CYS B 362 5.84 11.86 -21.99
C CYS B 362 7.34 12.01 -22.18
N ILE B 363 7.76 13.15 -22.74
CA ILE B 363 9.18 13.40 -22.96
C ILE B 363 9.90 13.73 -21.67
N GLY B 364 9.17 14.10 -20.62
CA GLY B 364 9.76 14.38 -19.34
C GLY B 364 9.78 13.22 -18.37
N ALA B 365 9.47 12.00 -18.82
CA ALA B 365 9.32 10.89 -17.89
C ALA B 365 10.61 10.63 -17.09
N ASN B 366 11.77 10.70 -17.75
CA ASN B 366 13.02 10.45 -17.04
C ASN B 366 13.34 11.58 -16.07
N LEU B 367 13.04 12.82 -16.47
CA LEU B 367 13.20 13.94 -15.55
C LEU B 367 12.27 13.79 -14.36
N ALA B 368 11.04 13.32 -14.60
CA ALA B 368 10.11 13.11 -13.49
C ALA B 368 10.62 12.02 -12.56
N ARG B 369 11.10 10.91 -13.12
CA ARG B 369 11.60 9.82 -12.29
C ARG B 369 12.76 10.27 -11.42
N MET B 370 13.68 11.04 -12.00
CA MET B 370 14.83 11.52 -11.23
C MET B 370 14.37 12.42 -10.09
N THR B 371 13.46 13.35 -10.39
CA THR B 371 12.93 14.25 -9.36
C THR B 371 12.32 13.44 -8.22
N ILE B 372 11.52 12.42 -8.55
CA ILE B 372 10.85 11.59 -7.55
C ILE B 372 11.87 10.82 -6.71
N ASN B 373 12.86 10.21 -7.36
CA ASN B 373 13.83 9.42 -6.61
C ASN B 373 14.66 10.30 -5.68
N LEU B 374 15.02 11.50 -6.15
CA LEU B 374 15.86 12.39 -5.35
C LEU B 374 15.15 12.91 -4.12
N ILE B 375 13.87 13.28 -4.25
CA ILE B 375 13.14 13.82 -3.11
C ILE B 375 12.83 12.71 -2.11
N PHE B 376 12.45 11.52 -2.58
CA PHE B 376 12.17 10.47 -1.61
C PHE B 376 13.44 9.98 -0.92
N ASN B 377 14.55 9.93 -1.63
CA ASN B 377 15.82 9.66 -0.96
C ASN B 377 16.09 10.71 0.10
N ALA B 378 15.79 11.97 -0.20
CA ALA B 378 16.02 13.04 0.77
C ALA B 378 15.05 12.94 1.95
N VAL B 379 13.80 12.57 1.69
CA VAL B 379 12.85 12.37 2.77
C VAL B 379 13.31 11.23 3.68
N ALA B 380 13.72 10.12 3.08
CA ALA B 380 14.20 9.00 3.88
C ALA B 380 15.43 9.38 4.69
N ASP B 381 16.27 10.28 4.17
CA ASP B 381 17.49 10.64 4.88
C ASP B 381 17.19 11.53 6.08
N HIS B 382 16.23 12.43 5.95
CA HIS B 382 16.05 13.51 6.91
C HIS B 382 14.84 13.36 7.81
N MET B 383 13.79 12.67 7.36
CA MET B 383 12.57 12.51 8.18
CA MET B 383 12.56 12.51 8.17
C MET B 383 12.04 11.08 8.02
N PRO B 384 12.86 10.09 8.38
CA PRO B 384 12.45 8.69 8.18
C PRO B 384 11.21 8.28 8.97
N ASP B 385 10.84 9.02 10.00
CA ASP B 385 9.73 8.65 10.86
C ASP B 385 8.50 9.51 10.65
N LEU B 386 8.42 10.22 9.53
CA LEU B 386 7.29 11.12 9.31
C LEU B 386 5.98 10.34 9.27
N LYS B 387 4.92 10.98 9.74
CA LYS B 387 3.58 10.40 9.79
C LYS B 387 2.55 11.47 9.50
N PRO B 388 1.43 11.12 8.85
CA PRO B 388 0.43 12.14 8.52
C PRO B 388 -0.29 12.62 9.77
N ILE B 389 -0.74 13.86 9.73
CA ILE B 389 -1.55 14.44 10.80
C ILE B 389 -3.04 14.35 10.47
N SER B 390 -3.43 14.72 9.26
CA SER B 390 -4.84 14.79 8.89
C SER B 390 -5.01 14.46 7.41
N ALA B 391 -6.27 14.32 7.01
CA ALA B 391 -6.56 13.85 5.66
C ALA B 391 -6.12 14.85 4.60
N PRO B 392 -5.69 14.37 3.44
CA PRO B 392 -5.36 15.29 2.34
C PRO B 392 -6.60 16.00 1.82
N GLU B 393 -6.37 17.19 1.26
CA GLU B 393 -7.40 17.98 0.59
C GLU B 393 -7.16 17.87 -0.91
N ARG B 394 -8.14 17.31 -1.63
CA ARG B 394 -8.03 17.02 -3.05
C ARG B 394 -8.42 18.24 -3.90
N LEU B 395 -7.96 18.21 -5.15
CA LEU B 395 -8.22 19.28 -6.11
C LEU B 395 -9.47 18.99 -6.91
N ARG B 396 -10.31 20.02 -7.08
CA ARG B 396 -11.46 19.92 -7.97
C ARG B 396 -10.95 20.02 -9.40
N SER B 397 -10.95 18.90 -10.12
CA SER B 397 -10.54 18.86 -11.52
C SER B 397 -11.23 17.70 -12.20
N GLY B 398 -11.57 17.88 -13.47
CA GLY B 398 -12.15 16.79 -14.20
C GLY B 398 -11.19 15.79 -14.79
N TRP B 399 -9.88 16.03 -14.71
CA TRP B 399 -8.91 15.20 -15.41
C TRP B 399 -7.55 15.17 -14.73
N LEU B 400 -7.23 16.16 -13.91
CA LEU B 400 -6.03 16.14 -13.08
C LEU B 400 -6.35 15.53 -11.72
N ASN B 401 -5.43 14.69 -11.22
CA ASN B 401 -5.53 14.07 -9.91
C ASN B 401 -4.58 14.80 -8.97
N GLY B 402 -5.10 15.76 -8.22
CA GLY B 402 -4.28 16.68 -7.46
C GLY B 402 -4.55 16.64 -5.97
N ILE B 403 -3.49 16.88 -5.19
CA ILE B 403 -3.59 17.10 -3.76
C ILE B 403 -3.16 18.53 -3.46
N LYS B 404 -4.08 19.33 -2.94
CA LYS B 404 -3.75 20.73 -2.67
C LYS B 404 -2.97 20.90 -1.38
N HIS B 405 -3.34 20.16 -0.33
CA HIS B 405 -2.75 20.33 0.99
C HIS B 405 -2.77 19.00 1.73
N TRP B 406 -1.77 18.78 2.58
CA TRP B 406 -1.70 17.56 3.39
C TRP B 406 -0.78 17.80 4.57
N GLN B 407 -1.35 17.80 5.78
CA GLN B 407 -0.58 18.11 6.98
C GLN B 407 0.16 16.88 7.48
N VAL B 408 1.46 17.01 7.71
CA VAL B 408 2.31 15.90 8.10
C VAL B 408 3.22 16.31 9.26
N ASP B 409 3.53 15.33 10.11
CA ASP B 409 4.46 15.49 11.23
C ASP B 409 5.78 14.83 10.87
N TYR B 410 6.82 15.64 10.65
CA TYR B 410 8.07 15.11 10.12
C TYR B 410 8.89 14.38 11.15
N THR B 411 8.78 14.76 12.42
CA THR B 411 9.58 14.11 13.47
C THR B 411 8.97 12.80 13.93
N GLY B 412 7.65 12.66 13.83
CA GLY B 412 6.98 11.42 14.22
C GLY B 412 7.10 11.12 15.70
N SER C 4 -18.25 -13.33 -3.60
CA SER C 4 -17.06 -12.90 -4.33
C SER C 4 -17.25 -11.54 -4.97
N PRO C 5 -17.57 -10.53 -4.17
CA PRO C 5 -17.79 -9.18 -4.73
C PRO C 5 -16.49 -8.58 -5.23
N ASN C 6 -16.62 -7.68 -6.21
CA ASN C 6 -15.48 -7.02 -6.83
C ASN C 6 -15.00 -5.88 -5.93
N LEU C 7 -14.25 -6.24 -4.89
CA LEU C 7 -13.70 -5.31 -3.92
C LEU C 7 -12.21 -5.52 -3.77
N PRO C 8 -11.46 -4.49 -3.39
CA PRO C 8 -10.02 -4.69 -3.15
C PRO C 8 -9.80 -5.62 -1.98
N PRO C 9 -8.74 -6.42 -2.00
CA PRO C 9 -8.45 -7.27 -0.84
C PRO C 9 -8.33 -6.44 0.43
N GLY C 10 -8.95 -6.92 1.50
CA GLY C 10 -8.83 -6.30 2.80
C GLY C 10 -9.82 -5.20 3.09
N PHE C 11 -10.67 -4.84 2.14
CA PHE C 11 -11.61 -3.73 2.34
C PHE C 11 -12.45 -3.94 3.59
N ASP C 12 -12.59 -2.89 4.40
CA ASP C 12 -13.38 -2.93 5.62
C ASP C 12 -14.37 -1.77 5.63
N PHE C 13 -15.66 -2.10 5.59
CA PHE C 13 -16.70 -1.06 5.48
C PHE C 13 -16.82 -0.21 6.74
N THR C 14 -16.17 -0.57 7.84
CA THR C 14 -16.16 0.24 9.05
C THR C 14 -14.87 1.04 9.22
N ASP C 15 -13.98 1.02 8.21
CA ASP C 15 -12.70 1.72 8.24
C ASP C 15 -12.92 3.23 8.31
N PRO C 16 -12.58 3.88 9.42
CA PRO C 16 -12.80 5.33 9.50
C PRO C 16 -12.10 6.10 8.39
N ALA C 17 -11.00 5.57 7.86
CA ALA C 17 -10.27 6.28 6.82
C ALA C 17 -11.13 6.50 5.59
N ILE C 18 -12.04 5.57 5.31
CA ILE C 18 -12.94 5.73 4.18
C ILE C 18 -13.87 6.92 4.40
N TYR C 19 -14.49 6.97 5.57
CA TYR C 19 -15.52 7.98 5.81
C TYR C 19 -14.93 9.37 6.00
N ALA C 20 -13.65 9.48 6.40
CA ALA C 20 -13.01 10.78 6.43
C ALA C 20 -12.92 11.40 5.04
N GLU C 21 -12.99 10.58 4.00
CA GLU C 21 -12.91 11.01 2.61
C GLU C 21 -14.24 10.98 1.88
N ARG C 22 -15.03 9.92 2.06
CA ARG C 22 -16.16 9.67 1.20
C ARG C 22 -17.11 8.68 1.84
N LEU C 23 -18.34 8.65 1.34
CA LEU C 23 -19.25 7.54 1.57
C LEU C 23 -19.03 6.47 0.50
N PRO C 24 -18.79 5.20 0.87
CA PRO C 24 -18.45 4.18 -0.14
C PRO C 24 -19.68 3.69 -0.91
N VAL C 25 -20.32 4.60 -1.64
CA VAL C 25 -21.58 4.28 -2.30
C VAL C 25 -21.40 3.12 -3.28
N ALA C 26 -20.41 3.23 -4.17
CA ALA C 26 -20.24 2.24 -5.22
C ALA C 26 -19.91 0.88 -4.62
N GLU C 27 -19.09 0.86 -3.56
CA GLU C 27 -18.74 -0.39 -2.90
C GLU C 27 -19.98 -1.01 -2.25
N PHE C 28 -20.80 -0.20 -1.59
CA PHE C 28 -22.05 -0.72 -1.04
C PHE C 28 -22.91 -1.31 -2.17
N ALA C 29 -22.99 -0.62 -3.30
CA ALA C 29 -23.80 -1.11 -4.40
C ALA C 29 -23.29 -2.44 -4.93
N GLU C 30 -21.96 -2.60 -4.99
CA GLU C 30 -21.38 -3.86 -5.45
C GLU C 30 -21.79 -5.03 -4.56
N LEU C 31 -21.82 -4.81 -3.24
CA LEU C 31 -22.30 -5.87 -2.34
C LEU C 31 -23.76 -6.18 -2.59
N ARG C 32 -24.62 -5.15 -2.60
CA ARG C 32 -26.03 -5.39 -2.85
C ARG C 32 -26.22 -6.22 -4.11
N SER C 33 -25.33 -6.04 -5.10
CA SER C 33 -25.50 -6.68 -6.39
C SER C 33 -24.94 -8.10 -6.41
N ALA C 34 -23.82 -8.34 -5.73
CA ALA C 34 -23.11 -9.61 -5.82
C ALA C 34 -23.00 -10.38 -4.51
N ALA C 35 -23.11 -9.72 -3.36
CA ALA C 35 -23.01 -10.40 -2.08
C ALA C 35 -23.77 -9.62 -1.01
N PRO C 36 -25.10 -9.66 -1.03
CA PRO C 36 -25.88 -8.78 -0.14
C PRO C 36 -25.58 -9.00 1.34
N ILE C 37 -25.24 -10.22 1.73
CA ILE C 37 -24.71 -10.51 3.06
C ILE C 37 -23.30 -11.07 2.84
N TRP C 38 -22.30 -10.37 3.38
CA TRP C 38 -20.91 -10.66 3.07
C TRP C 38 -20.08 -10.60 4.33
N TRP C 39 -19.25 -11.61 4.53
CA TRP C 39 -18.33 -11.60 5.67
C TRP C 39 -17.25 -10.56 5.43
N ASN C 40 -17.17 -9.58 6.33
CA ASN C 40 -16.19 -8.49 6.32
C ASN C 40 -15.10 -8.91 7.30
N GLY C 41 -14.07 -9.57 6.79
CA GLY C 41 -12.98 -10.00 7.65
C GLY C 41 -12.14 -8.82 8.12
N GLN C 42 -11.68 -8.90 9.37
CA GLN C 42 -10.83 -7.89 9.96
C GLN C 42 -9.59 -8.55 10.55
N ASP C 43 -8.42 -8.00 10.25
CA ASP C 43 -7.18 -8.53 10.76
C ASP C 43 -7.08 -8.35 12.27
N PRO C 44 -6.24 -9.15 12.93
CA PRO C 44 -6.03 -8.95 14.37
C PRO C 44 -5.57 -7.54 14.68
N GLY C 45 -6.18 -6.94 15.71
CA GLY C 45 -5.86 -5.59 16.10
C GLY C 45 -6.47 -4.50 15.24
N LYS C 46 -7.28 -4.86 14.24
CA LYS C 46 -7.93 -3.90 13.35
C LYS C 46 -9.43 -4.10 13.33
N GLY C 47 -10.00 -4.51 14.46
CA GLY C 47 -11.43 -4.71 14.56
C GLY C 47 -12.16 -3.58 15.28
N GLY C 48 -11.54 -2.42 15.35
CA GLY C 48 -12.17 -1.29 16.04
C GLY C 48 -12.64 -1.61 17.44
N GLY C 49 -11.83 -2.35 18.20
CA GLY C 49 -12.17 -2.71 19.56
C GLY C 49 -12.73 -4.10 19.74
N PHE C 50 -13.11 -4.77 18.66
CA PHE C 50 -13.61 -6.14 18.72
C PHE C 50 -12.57 -7.08 18.14
N HIS C 51 -12.51 -8.28 18.70
CA HIS C 51 -11.48 -9.26 18.40
C HIS C 51 -12.10 -10.60 18.08
N ASP C 52 -13.02 -10.61 17.12
CA ASP C 52 -13.75 -11.81 16.72
C ASP C 52 -13.55 -12.17 15.26
N GLY C 53 -12.61 -11.53 14.57
CA GLY C 53 -12.29 -11.87 13.19
C GLY C 53 -13.08 -11.13 12.13
N GLY C 54 -14.19 -10.49 12.49
CA GLY C 54 -14.95 -9.71 11.53
C GLY C 54 -16.43 -9.76 11.85
N PHE C 55 -17.22 -9.39 10.84
CA PHE C 55 -18.66 -9.26 11.02
C PHE C 55 -19.35 -9.49 9.68
N TRP C 56 -20.65 -9.73 9.74
CA TRP C 56 -21.47 -9.86 8.54
C TRP C 56 -21.95 -8.47 8.12
N ALA C 57 -21.60 -8.06 6.91
CA ALA C 57 -22.12 -6.82 6.34
C ALA C 57 -23.54 -7.05 5.85
N ILE C 58 -24.47 -6.22 6.32
CA ILE C 58 -25.88 -6.26 5.92
C ILE C 58 -26.15 -5.03 5.05
N THR C 59 -26.50 -5.27 3.78
CA THR C 59 -26.62 -4.19 2.80
C THR C 59 -28.03 -3.99 2.26
N LYS C 60 -28.94 -4.94 2.47
CA LYS C 60 -30.28 -4.87 1.92
C LYS C 60 -31.27 -4.41 2.97
N LEU C 61 -32.27 -3.65 2.54
CA LEU C 61 -33.18 -3.01 3.49
C LEU C 61 -34.03 -4.04 4.22
N ASN C 62 -34.56 -5.04 3.51
CA ASN C 62 -35.37 -6.05 4.18
C ASN C 62 -34.56 -6.81 5.23
N ASP C 63 -33.29 -7.08 4.94
CA ASP C 63 -32.44 -7.74 5.94
C ASP C 63 -32.23 -6.86 7.17
N VAL C 64 -31.98 -5.56 6.95
CA VAL C 64 -31.86 -4.63 8.07
C VAL C 64 -33.11 -4.67 8.94
N LYS C 65 -34.29 -4.70 8.31
CA LYS C 65 -35.53 -4.70 9.09
C LYS C 65 -35.74 -6.03 9.79
N GLU C 66 -35.46 -7.15 9.12
CA GLU C 66 -35.63 -8.45 9.75
C GLU C 66 -34.77 -8.56 11.01
N ILE C 67 -33.51 -8.11 10.94
CA ILE C 67 -32.66 -8.13 12.11
C ILE C 67 -33.24 -7.23 13.20
N SER C 68 -33.69 -6.04 12.83
CA SER C 68 -34.17 -5.10 13.84
C SER C 68 -35.45 -5.61 14.50
N ARG C 69 -36.30 -6.30 13.75
CA ARG C 69 -37.53 -6.82 14.32
C ARG C 69 -37.27 -8.02 15.24
N HIS C 70 -36.26 -8.83 14.93
CA HIS C 70 -35.94 -10.00 15.74
C HIS C 70 -34.88 -9.65 16.78
N SER C 71 -35.23 -8.69 17.65
CA SER C 71 -34.30 -8.28 18.70
C SER C 71 -34.08 -9.40 19.72
N ASP C 72 -35.04 -10.31 19.87
CA ASP C 72 -34.86 -11.44 20.77
C ASP C 72 -33.73 -12.37 20.32
N VAL C 73 -33.35 -12.33 19.04
CA VAL C 73 -32.20 -13.06 18.55
C VAL C 73 -30.98 -12.15 18.41
N PHE C 74 -31.16 -10.96 17.87
CA PHE C 74 -30.05 -10.07 17.54
C PHE C 74 -29.95 -9.01 18.64
N SER C 75 -28.95 -9.18 19.49
CA SER C 75 -28.85 -8.43 20.73
C SER C 75 -28.07 -7.13 20.56
N SER C 76 -28.51 -6.11 21.28
CA SER C 76 -27.75 -4.86 21.39
C SER C 76 -26.79 -4.85 22.57
N TYR C 77 -27.05 -5.68 23.59
CA TYR C 77 -26.29 -5.63 24.84
C TYR C 77 -24.96 -6.35 24.74
N GLU C 78 -24.90 -7.46 24.00
CA GLU C 78 -23.74 -8.33 24.05
C GLU C 78 -22.46 -7.61 23.68
N ASN C 79 -22.51 -6.76 22.66
CA ASN C 79 -21.33 -6.01 22.24
C ASN C 79 -21.64 -4.55 21.94
N GLY C 80 -22.85 -4.08 22.22
CA GLY C 80 -23.23 -2.73 21.89
C GLY C 80 -23.62 -2.62 20.42
N VAL C 81 -24.06 -1.42 20.04
CA VAL C 81 -24.52 -1.19 18.69
C VAL C 81 -23.52 -0.40 17.85
N ILE C 82 -22.54 0.25 18.47
CA ILE C 82 -21.51 0.99 17.74
C ILE C 82 -20.54 -0.05 17.18
N PRO C 83 -20.30 -0.09 15.87
CA PRO C 83 -19.48 -1.15 15.29
C PRO C 83 -18.00 -0.81 15.17
N ARG C 84 -17.55 0.34 15.67
CA ARG C 84 -16.15 0.72 15.48
C ARG C 84 -15.74 1.73 16.53
N PHE C 85 -14.68 1.42 17.26
CA PHE C 85 -14.00 2.33 18.16
C PHE C 85 -12.52 2.39 17.77
N LYS C 86 -11.75 3.14 18.54
CA LYS C 86 -10.29 3.06 18.39
C LYS C 86 -9.85 1.60 18.57
N ASN C 87 -8.86 1.19 17.79
CA ASN C 87 -8.46 -0.22 17.80
C ASN C 87 -8.01 -0.67 19.18
N ASP C 88 -7.40 0.23 19.96
CA ASP C 88 -6.81 -0.12 21.25
C ASP C 88 -7.74 0.14 22.43
N ILE C 89 -9.06 0.21 22.21
CA ILE C 89 -9.99 0.50 23.29
C ILE C 89 -10.10 -0.71 24.20
N ALA C 90 -10.11 -0.46 25.51
CA ALA C 90 -10.33 -1.52 26.48
C ALA C 90 -11.77 -2.02 26.40
N ARG C 91 -11.95 -3.31 26.69
CA ARG C 91 -13.28 -3.90 26.62
C ARG C 91 -14.24 -3.20 27.56
N GLU C 92 -13.77 -2.81 28.76
CA GLU C 92 -14.66 -2.18 29.72
C GLU C 92 -15.25 -0.89 29.16
N ASP C 93 -14.44 -0.14 28.42
CA ASP C 93 -14.92 1.11 27.81
C ASP C 93 -16.02 0.84 26.80
N ILE C 94 -16.03 -0.34 26.18
CA ILE C 94 -17.15 -0.71 25.32
C ILE C 94 -18.35 -1.09 26.15
N GLU C 95 -18.13 -1.75 27.30
CA GLU C 95 -19.23 -2.29 28.09
C GLU C 95 -19.96 -1.21 28.89
N VAL C 96 -19.35 -0.05 29.11
CA VAL C 96 -20.05 1.04 29.78
C VAL C 96 -21.19 1.57 28.93
N GLN C 97 -21.16 1.32 27.62
CA GLN C 97 -22.28 1.66 26.75
CA GLN C 97 -22.28 1.72 26.77
C GLN C 97 -23.60 1.10 27.26
N ARG C 98 -23.54 -0.03 27.95
CA ARG C 98 -24.76 -0.72 28.37
C ARG C 98 -25.57 0.08 29.38
N PHE C 99 -25.00 1.15 29.96
CA PHE C 99 -25.75 1.95 30.92
C PHE C 99 -26.85 2.77 30.27
N VAL C 100 -26.88 2.87 28.95
CA VAL C 100 -27.90 3.65 28.25
C VAL C 100 -28.83 2.71 27.49
N MET C 101 -30.06 3.18 27.30
CA MET C 101 -31.12 2.35 26.73
C MET C 101 -30.69 1.69 25.43
N LEU C 102 -29.99 2.42 24.57
CA LEU C 102 -29.68 1.95 23.23
C LEU C 102 -29.01 0.58 23.24
N ASN C 103 -28.23 0.30 24.28
CA ASN C 103 -27.44 -0.92 24.34
C ASN C 103 -27.96 -1.89 25.39
N MET C 104 -29.26 -1.89 25.63
CA MET C 104 -29.90 -2.84 26.52
C MET C 104 -30.83 -3.74 25.73
N ASP C 105 -31.10 -4.92 26.28
CA ASP C 105 -32.05 -5.86 25.73
C ASP C 105 -33.25 -5.99 26.68
N ALA C 106 -34.34 -6.54 26.17
CA ALA C 106 -35.47 -6.86 27.03
C ALA C 106 -35.01 -7.81 28.13
N PRO C 107 -35.61 -7.72 29.34
CA PRO C 107 -36.69 -6.81 29.74
C PRO C 107 -36.24 -5.45 30.27
N HIS C 108 -34.95 -5.32 30.59
CA HIS C 108 -34.44 -4.04 31.09
CA HIS C 108 -34.44 -4.04 31.09
C HIS C 108 -34.79 -2.90 30.14
N HIS C 109 -34.53 -3.08 28.85
CA HIS C 109 -34.81 -2.03 27.88
C HIS C 109 -36.30 -1.71 27.82
N THR C 110 -37.15 -2.73 27.90
CA THR C 110 -38.59 -2.52 27.73
C THR C 110 -39.11 -1.50 28.73
N ARG C 111 -38.67 -1.58 29.99
CA ARG C 111 -39.18 -0.68 31.01
C ARG C 111 -38.71 0.74 30.75
N LEU C 112 -37.41 0.93 30.55
CA LEU C 112 -36.89 2.28 30.35
C LEU C 112 -37.53 2.94 29.14
N ARG C 113 -37.63 2.21 28.03
CA ARG C 113 -38.26 2.76 26.83
C ARG C 113 -39.69 3.22 27.13
N LYS C 114 -40.41 2.47 27.96
CA LYS C 114 -41.79 2.83 28.29
C LYS C 114 -41.83 4.15 29.04
N ILE C 115 -40.92 4.36 29.98
CA ILE C 115 -40.93 5.58 30.78
C ILE C 115 -40.44 6.76 29.96
N ILE C 116 -39.34 6.58 29.22
CA ILE C 116 -38.71 7.69 28.53
C ILE C 116 -39.53 8.12 27.32
N SER C 117 -40.24 7.18 26.69
CA SER C 117 -41.05 7.53 25.54
C SER C 117 -42.06 8.62 25.84
N ARG C 118 -42.45 8.79 27.12
CA ARG C 118 -43.41 9.82 27.48
C ARG C 118 -42.90 11.21 27.17
N GLY C 119 -41.59 11.39 27.08
CA GLY C 119 -41.01 12.68 26.78
C GLY C 119 -40.86 13.01 25.32
N PHE C 120 -41.16 12.06 24.43
CA PHE C 120 -40.96 12.25 23.00
C PHE C 120 -42.22 11.96 22.19
N THR C 121 -43.39 12.07 22.81
CA THR C 121 -44.63 11.88 22.11
C THR C 121 -44.87 13.04 21.14
N PRO C 122 -45.74 12.83 20.14
CA PRO C 122 -46.11 13.97 19.27
C PRO C 122 -46.48 15.22 20.06
N ARG C 123 -47.21 15.06 21.16
CA ARG C 123 -47.60 16.22 21.97
C ARG C 123 -46.41 16.87 22.64
N ALA C 124 -45.62 16.08 23.38
CA ALA C 124 -44.44 16.63 24.05
C ALA C 124 -43.52 17.32 23.06
N VAL C 125 -43.36 16.73 21.88
CA VAL C 125 -42.54 17.33 20.84
C VAL C 125 -43.19 18.63 20.35
N GLY C 126 -44.49 18.59 20.09
CA GLY C 126 -45.19 19.78 19.62
C GLY C 126 -45.03 20.97 20.55
N ARG C 127 -44.84 20.70 21.84
CA ARG C 127 -44.70 21.78 22.81
C ARG C 127 -43.47 22.64 22.51
N LEU C 128 -42.44 22.05 21.92
CA LEU C 128 -41.21 22.78 21.61
C LEU C 128 -41.29 23.53 20.28
N HIS C 129 -42.36 23.35 19.52
CA HIS C 129 -42.43 23.92 18.18
C HIS C 129 -42.18 25.43 18.17
N ASP C 130 -42.93 26.17 18.98
CA ASP C 130 -42.85 27.63 18.90
C ASP C 130 -41.46 28.15 19.25
N GLU C 131 -40.86 27.64 20.34
CA GLU C 131 -39.56 28.15 20.74
C GLU C 131 -38.46 27.72 19.78
N LEU C 132 -38.60 26.56 19.16
CA LEU C 132 -37.61 26.15 18.17
C LEU C 132 -37.81 26.86 16.85
N GLN C 133 -39.07 27.19 16.50
CA GLN C 133 -39.34 27.96 15.30
C GLN C 133 -38.76 29.37 15.41
N GLU C 134 -38.99 30.03 16.54
CA GLU C 134 -38.40 31.35 16.76
C GLU C 134 -36.88 31.29 16.70
N ARG C 135 -36.29 30.28 17.32
CA ARG C 135 -34.83 30.16 17.29
C ARG C 135 -34.34 29.87 15.88
N ALA C 136 -35.00 28.96 15.18
CA ALA C 136 -34.60 28.65 13.81
C ALA C 136 -34.60 29.91 12.94
N GLN C 137 -35.63 30.74 13.09
CA GLN C 137 -35.73 31.96 12.30
C GLN C 137 -34.58 32.91 12.64
N LYS C 138 -34.21 33.01 13.92
CA LYS C 138 -33.12 33.89 14.30
CA LYS C 138 -33.12 33.89 14.30
C LYS C 138 -31.78 33.34 13.80
N ILE C 139 -31.60 32.02 13.87
CA ILE C 139 -30.36 31.43 13.38
C ILE C 139 -30.16 31.76 11.90
N ALA C 140 -31.22 31.57 11.10
CA ALA C 140 -31.12 31.80 9.66
C ALA C 140 -30.93 33.28 9.36
N ALA C 141 -31.60 34.15 10.11
CA ALA C 141 -31.41 35.59 9.89
C ALA C 141 -29.97 36.00 10.19
N GLU C 142 -29.42 35.53 11.31
CA GLU C 142 -28.07 35.90 11.70
C GLU C 142 -27.04 35.39 10.69
N ALA C 143 -27.28 34.22 10.12
CA ALA C 143 -26.38 33.68 9.09
C ALA C 143 -26.49 34.48 7.80
N ALA C 144 -27.72 34.77 7.37
CA ALA C 144 -27.88 35.58 6.16
C ALA C 144 -27.19 36.92 6.29
N ALA C 145 -27.18 37.49 7.50
CA ALA C 145 -26.56 38.79 7.71
C ALA C 145 -25.04 38.70 7.66
N ALA C 146 -24.47 37.58 8.11
CA ALA C 146 -23.03 37.39 8.01
C ALA C 146 -22.57 37.27 6.57
N GLY C 147 -23.48 37.04 5.63
CA GLY C 147 -23.12 36.94 4.22
C GLY C 147 -22.53 35.62 3.78
N SER C 148 -21.60 35.08 4.56
CA SER C 148 -20.94 33.82 4.23
C SER C 148 -20.36 33.25 5.52
N GLY C 149 -19.98 31.97 5.46
CA GLY C 149 -19.38 31.32 6.61
C GLY C 149 -19.57 29.81 6.56
N ASP C 150 -19.24 29.19 7.70
CA ASP C 150 -19.29 27.74 7.85
C ASP C 150 -20.73 27.34 8.17
N PHE C 151 -21.42 26.76 7.18
CA PHE C 151 -22.83 26.40 7.35
C PHE C 151 -23.01 25.46 8.54
N VAL C 152 -22.05 24.56 8.77
CA VAL C 152 -22.20 23.62 9.88
C VAL C 152 -22.35 24.37 11.19
N GLU C 153 -21.47 25.35 11.43
CA GLU C 153 -21.50 26.06 12.70
C GLU C 153 -22.64 27.07 12.74
N GLN C 154 -22.91 27.75 11.63
CA GLN C 154 -23.82 28.88 11.64
C GLN C 154 -25.27 28.49 11.46
N VAL C 155 -25.55 27.29 10.93
CA VAL C 155 -26.93 26.91 10.65
C VAL C 155 -27.29 25.56 11.23
N SER C 156 -26.37 24.60 11.19
CA SER C 156 -26.73 23.22 11.54
C SER C 156 -26.58 22.88 13.02
N CYS C 157 -25.60 23.50 13.70
CA CYS C 157 -25.19 23.00 15.01
CA CYS C 157 -25.17 23.02 15.02
C CYS C 157 -26.14 23.42 16.14
N GLU C 158 -26.64 24.64 16.11
CA GLU C 158 -27.28 25.16 17.31
C GLU C 158 -28.66 24.59 17.57
N LEU C 159 -29.49 24.50 16.53
CA LEU C 159 -30.90 24.17 16.77
C LEU C 159 -31.09 22.80 17.39
N PRO C 160 -30.37 21.74 16.98
CA PRO C 160 -30.51 20.46 17.70
C PRO C 160 -30.12 20.56 19.16
N LEU C 161 -29.11 21.38 19.49
CA LEU C 161 -28.72 21.56 20.87
C LEU C 161 -29.78 22.32 21.66
N GLN C 162 -30.42 23.31 21.03
CA GLN C 162 -31.48 24.02 21.73
C GLN C 162 -32.73 23.15 21.88
N ALA C 163 -32.91 22.15 21.02
CA ALA C 163 -34.02 21.22 21.21
C ALA C 163 -33.77 20.34 22.42
N ILE C 164 -32.52 19.91 22.62
CA ILE C 164 -32.19 19.12 23.80
C ILE C 164 -32.39 19.94 25.06
N ALA C 165 -31.86 21.16 25.07
CA ALA C 165 -31.98 22.01 26.26
C ALA C 165 -33.43 22.35 26.54
N GLY C 166 -34.22 22.57 25.48
CA GLY C 166 -35.62 22.88 25.69
C GLY C 166 -36.38 21.70 26.28
N LEU C 167 -36.16 20.51 25.72
CA LEU C 167 -36.81 19.32 26.25
C LEU C 167 -36.46 19.14 27.73
N LEU C 168 -35.21 19.44 28.10
CA LEU C 168 -34.77 19.25 29.47
C LEU C 168 -35.08 20.42 30.38
N GLY C 169 -35.39 21.60 29.84
CA GLY C 169 -35.65 22.76 30.67
C GLY C 169 -34.42 23.38 31.28
N VAL C 170 -33.28 23.29 30.61
CA VAL C 170 -32.01 23.78 31.14
C VAL C 170 -32.04 25.31 31.16
N PRO C 171 -31.78 25.96 32.31
CA PRO C 171 -31.75 27.42 32.32
C PRO C 171 -30.77 27.96 31.29
N GLN C 172 -31.11 29.12 30.74
CA GLN C 172 -30.31 29.70 29.66
C GLN C 172 -28.86 29.85 30.08
N GLU C 173 -28.61 30.22 31.34
CA GLU C 173 -27.24 30.45 31.79
C GLU C 173 -26.41 29.17 31.79
N ASP C 174 -27.05 28.00 31.85
CA ASP C 174 -26.37 26.71 31.89
C ASP C 174 -26.23 26.05 30.52
N ARG C 175 -26.80 26.63 29.47
CA ARG C 175 -26.80 25.96 28.18
C ARG C 175 -25.41 25.95 27.57
N GLY C 176 -24.61 26.98 27.84
CA GLY C 176 -23.24 26.99 27.33
C GLY C 176 -22.46 25.76 27.73
N LYS C 177 -22.46 25.44 29.01
CA LYS C 177 -21.70 24.27 29.46
C LYS C 177 -22.38 22.96 29.07
N LEU C 178 -23.72 22.94 29.01
CA LEU C 178 -24.40 21.75 28.49
C LEU C 178 -23.96 21.47 27.05
N PHE C 179 -23.95 22.49 26.21
CA PHE C 179 -23.53 22.30 24.83
C PHE C 179 -22.08 21.87 24.75
N HIS C 180 -21.23 22.40 25.64
CA HIS C 180 -19.81 22.05 25.62
C HIS C 180 -19.61 20.56 25.90
N TRP C 181 -20.16 20.06 27.01
CA TRP C 181 -20.00 18.65 27.32
CA TRP C 181 -19.98 18.64 27.32
C TRP C 181 -20.62 17.77 26.24
N SER C 182 -21.79 18.16 25.74
CA SER C 182 -22.42 17.39 24.67
C SER C 182 -21.49 17.26 23.47
N ASN C 183 -20.86 18.37 23.06
CA ASN C 183 -19.97 18.30 21.91
C ASN C 183 -18.65 17.60 22.26
N GLU C 184 -18.19 17.70 23.51
CA GLU C 184 -16.95 17.02 23.91
C GLU C 184 -17.02 15.52 23.68
N MET C 185 -18.22 14.96 23.55
CA MET C 185 -18.39 13.54 23.23
C MET C 185 -18.67 13.32 21.76
N THR C 186 -18.09 14.15 20.90
CA THR C 186 -18.28 14.03 19.45
C THR C 186 -16.94 14.22 18.75
N GLY C 187 -16.85 13.66 17.55
CA GLY C 187 -15.67 13.84 16.73
C GLY C 187 -14.39 13.40 17.41
N ASN C 188 -14.46 12.34 18.20
CA ASN C 188 -13.34 11.91 19.02
C ASN C 188 -12.38 11.01 18.28
N GLU C 189 -12.75 10.52 17.10
CA GLU C 189 -11.87 9.70 16.27
C GLU C 189 -11.27 10.48 15.11
N ASP C 190 -11.47 11.79 15.07
CA ASP C 190 -10.99 12.68 14.02
C ASP C 190 -9.87 13.56 14.55
N PRO C 191 -8.80 13.77 13.79
CA PRO C 191 -7.65 14.51 14.34
C PRO C 191 -7.97 15.94 14.74
N GLU C 192 -9.06 16.52 14.24
CA GLU C 192 -9.40 17.89 14.60
C GLU C 192 -9.77 18.00 16.08
N TYR C 193 -10.43 16.98 16.63
CA TYR C 193 -10.85 16.96 18.03
C TYR C 193 -10.26 15.76 18.76
N ALA C 194 -9.02 15.40 18.44
CA ALA C 194 -8.39 14.25 19.06
C ALA C 194 -7.93 14.53 20.49
N HIS C 195 -8.11 15.76 20.97
CA HIS C 195 -7.63 16.13 22.30
C HIS C 195 -8.77 16.51 23.23
N ILE C 196 -9.79 15.66 23.29
CA ILE C 196 -10.91 15.85 24.22
C ILE C 196 -11.29 14.48 24.76
N ASP C 197 -11.56 14.42 26.06
CA ASP C 197 -11.80 13.16 26.76
C ASP C 197 -13.29 12.87 26.86
N PRO C 198 -13.78 11.74 26.36
CA PRO C 198 -15.23 11.48 26.46
C PRO C 198 -15.66 11.11 27.87
N LYS C 199 -14.91 10.23 28.53
CA LYS C 199 -15.34 9.73 29.83
C LYS C 199 -15.45 10.86 30.84
N ALA C 200 -14.50 11.79 30.83
CA ALA C 200 -14.53 12.90 31.78
C ALA C 200 -15.76 13.76 31.55
N SER C 201 -16.10 14.03 30.29
CA SER C 201 -17.26 14.86 30.00
C SER C 201 -18.55 14.16 30.37
N SER C 202 -18.63 12.84 30.15
CA SER C 202 -19.81 12.10 30.57
C SER C 202 -20.03 12.25 32.07
N ALA C 203 -18.94 12.28 32.85
CA ALA C 203 -19.08 12.53 34.28
C ALA C 203 -19.63 13.93 34.54
N GLU C 204 -19.23 14.91 33.73
CA GLU C 204 -19.75 16.26 33.89
C GLU C 204 -21.25 16.30 33.60
N LEU C 205 -21.69 15.68 32.50
CA LEU C 205 -23.11 15.63 32.19
C LEU C 205 -23.89 14.96 33.31
N ILE C 206 -23.38 13.81 33.79
CA ILE C 206 -24.08 13.06 34.84
C ILE C 206 -24.17 13.89 36.11
N GLY C 207 -23.08 14.56 36.49
CA GLY C 207 -23.12 15.41 37.67
C GLY C 207 -24.18 16.48 37.56
N TYR C 208 -24.23 17.16 36.41
CA TYR C 208 -25.26 18.17 36.20
C TYR C 208 -26.66 17.57 36.31
N ALA C 209 -26.87 16.40 35.71
CA ALA C 209 -28.18 15.76 35.78
C ALA C 209 -28.59 15.48 37.22
N MET C 210 -27.62 15.10 38.07
CA MET C 210 -27.93 14.88 39.48
C MET C 210 -28.43 16.17 40.14
N LYS C 211 -27.74 17.29 39.87
CA LYS C 211 -28.22 18.57 40.39
CA LYS C 211 -28.22 18.57 40.39
C LYS C 211 -29.64 18.86 39.92
N MET C 212 -29.95 18.47 38.68
CA MET C 212 -31.30 18.71 38.13
C MET C 212 -32.32 17.82 38.83
N ALA C 213 -32.03 16.52 38.92
CA ALA C 213 -32.93 15.60 39.61
C ALA C 213 -33.09 15.98 41.07
N GLU C 214 -31.99 16.35 41.74
CA GLU C 214 -32.07 16.77 43.13
C GLU C 214 -32.95 18.00 43.27
N GLU C 215 -32.83 18.95 42.35
CA GLU C 215 -33.62 20.18 42.43
C GLU C 215 -35.09 19.90 42.17
N LYS C 216 -35.39 19.07 41.17
CA LYS C 216 -36.79 18.82 40.82
C LYS C 216 -37.49 18.00 41.90
N ALA C 217 -36.75 17.19 42.66
CA ALA C 217 -37.34 16.49 43.79
C ALA C 217 -37.75 17.46 44.88
N LYS C 218 -37.06 18.59 44.99
CA LYS C 218 -37.40 19.61 45.97
C LYS C 218 -38.45 20.59 45.46
N ASN C 219 -38.45 20.89 44.17
CA ASN C 219 -39.39 21.82 43.56
C ASN C 219 -39.97 21.23 42.29
N PRO C 220 -40.82 20.21 42.42
CA PRO C 220 -41.48 19.64 41.23
C PRO C 220 -42.14 20.72 40.37
N ALA C 221 -42.01 20.56 39.06
CA ALA C 221 -42.62 21.46 38.10
C ALA C 221 -43.29 20.63 37.00
N ASP C 222 -44.05 21.31 36.15
CA ASP C 222 -44.78 20.64 35.07
C ASP C 222 -43.93 20.58 33.80
N ASP C 223 -42.80 19.91 33.92
CA ASP C 223 -41.88 19.71 32.80
C ASP C 223 -41.58 18.22 32.66
N ILE C 224 -40.43 17.90 32.07
CA ILE C 224 -40.10 16.52 31.72
C ILE C 224 -39.24 15.85 32.79
N VAL C 225 -38.29 16.60 33.35
CA VAL C 225 -37.43 16.04 34.40
C VAL C 225 -38.27 15.59 35.58
N THR C 226 -39.27 16.38 35.95
CA THR C 226 -40.14 16.00 37.06
C THR C 226 -40.89 14.72 36.76
N GLN C 227 -41.48 14.63 35.55
CA GLN C 227 -42.20 13.42 35.19
C GLN C 227 -41.31 12.19 35.30
N LEU C 228 -40.06 12.30 34.85
CA LEU C 228 -39.20 11.13 34.81
C LEU C 228 -38.76 10.70 36.21
N ILE C 229 -38.59 11.67 37.12
CA ILE C 229 -38.18 11.36 38.49
C ILE C 229 -39.37 11.16 39.42
N GLN C 230 -40.57 11.51 38.99
CA GLN C 230 -41.78 11.27 39.76
C GLN C 230 -42.34 9.89 39.46
N ALA C 231 -42.73 9.17 40.52
CA ALA C 231 -43.40 7.89 40.32
C ALA C 231 -44.68 8.11 39.52
N ASP C 232 -44.91 7.27 38.52
CA ASP C 232 -46.12 7.34 37.70
C ASP C 232 -47.23 6.54 38.37
N ILE C 233 -48.37 6.42 37.69
CA ILE C 233 -49.51 5.70 38.25
C ILE C 233 -49.16 4.27 38.59
N ASP C 234 -48.24 3.66 37.84
CA ASP C 234 -47.81 2.30 38.06
C ASP C 234 -46.59 2.20 38.97
N GLY C 235 -46.24 3.28 39.67
CA GLY C 235 -45.11 3.23 40.58
C GLY C 235 -43.76 3.06 39.91
N GLU C 236 -43.64 3.41 38.63
CA GLU C 236 -42.39 3.29 37.89
C GLU C 236 -41.78 4.68 37.71
N LYS C 237 -40.45 4.73 37.78
CA LYS C 237 -39.75 5.99 37.61
C LYS C 237 -38.27 5.71 37.35
N LEU C 238 -37.63 6.66 36.69
CA LEU C 238 -36.19 6.61 36.52
C LEU C 238 -35.52 6.83 37.88
N SER C 239 -34.59 5.95 38.24
CA SER C 239 -33.78 6.17 39.41
C SER C 239 -32.83 7.35 39.17
N ASP C 240 -32.12 7.75 40.24
CA ASP C 240 -31.20 8.87 40.10
C ASP C 240 -30.10 8.56 39.10
N ASP C 241 -29.50 7.37 39.19
CA ASP C 241 -28.49 6.98 38.21
C ASP C 241 -29.11 6.91 36.82
N GLU C 242 -30.27 6.25 36.70
CA GLU C 242 -30.91 6.12 35.39
C GLU C 242 -31.17 7.48 34.77
N PHE C 243 -31.53 8.48 35.58
CA PHE C 243 -31.77 9.80 35.04
C PHE C 243 -30.48 10.38 34.46
N GLY C 244 -29.35 10.15 35.13
CA GLY C 244 -28.09 10.65 34.61
C GLY C 244 -27.78 10.11 33.23
N PHE C 245 -27.96 8.80 33.03
CA PHE C 245 -27.68 8.18 31.74
C PHE C 245 -28.71 8.54 30.69
N PHE C 246 -29.93 8.91 31.11
CA PHE C 246 -30.88 9.48 30.15
C PHE C 246 -30.39 10.81 29.63
N VAL C 247 -29.87 11.67 30.50
CA VAL C 247 -29.35 12.95 30.04
C VAL C 247 -28.15 12.72 29.13
N VAL C 248 -27.27 11.80 29.51
CA VAL C 248 -26.13 11.48 28.66
C VAL C 248 -26.62 10.96 27.31
N MET C 249 -27.58 10.04 27.34
CA MET C 249 -28.14 9.51 26.10
CA MET C 249 -28.14 9.51 26.10
C MET C 249 -28.71 10.64 25.24
N LEU C 250 -29.48 11.54 25.85
CA LEU C 250 -30.09 12.64 25.11
C LEU C 250 -29.03 13.61 24.62
N ALA C 251 -28.15 14.06 25.52
CA ALA C 251 -27.13 15.03 25.13
C ALA C 251 -26.32 14.54 23.94
N VAL C 252 -26.12 13.23 23.83
CA VAL C 252 -25.38 12.66 22.71
C VAL C 252 -26.29 12.39 21.52
N ALA C 253 -27.40 11.69 21.74
CA ALA C 253 -28.18 11.15 20.63
C ALA C 253 -28.92 12.22 19.85
N GLY C 254 -29.20 13.36 20.45
CA GLY C 254 -29.94 14.41 19.79
C GLY C 254 -29.10 15.48 19.15
N ASN C 255 -27.79 15.26 19.03
CA ASN C 255 -26.89 16.33 18.63
C ASN C 255 -26.39 16.14 17.21
N GLU C 256 -25.36 15.32 17.04
CA GLU C 256 -24.68 15.20 15.75
C GLU C 256 -25.60 14.69 14.66
N THR C 257 -26.48 13.73 14.97
CA THR C 257 -27.27 13.10 13.92
C THR C 257 -28.17 14.13 13.24
N THR C 258 -28.87 14.96 14.03
CA THR C 258 -29.72 15.97 13.42
C THR C 258 -28.89 17.05 12.73
N ARG C 259 -27.80 17.48 13.39
CA ARG C 259 -26.88 18.42 12.75
C ARG C 259 -26.54 17.96 11.34
N ASN C 260 -26.15 16.69 11.21
CA ASN C 260 -25.67 16.17 9.93
C ASN C 260 -26.81 15.96 8.94
N SER C 261 -28.04 15.76 9.42
CA SER C 261 -29.17 15.74 8.50
CA SER C 261 -29.17 15.74 8.50
C SER C 261 -29.39 17.11 7.88
N ILE C 262 -29.20 18.18 8.66
CA ILE C 262 -29.36 19.53 8.13
C ILE C 262 -28.25 19.84 7.13
N THR C 263 -26.99 19.60 7.51
CA THR C 263 -25.89 19.90 6.60
C THR C 263 -26.02 19.15 5.27
N GLN C 264 -26.22 17.83 5.34
CA GLN C 264 -26.29 17.03 4.12
C GLN C 264 -27.61 17.21 3.39
N GLY C 265 -28.67 17.61 4.09
CA GLY C 265 -29.87 18.03 3.39
C GLY C 265 -29.63 19.24 2.51
N MET C 266 -28.92 20.23 3.04
CA MET C 266 -28.62 21.43 2.26
C MET C 266 -27.66 21.11 1.12
N MET C 267 -26.68 20.23 1.36
CA MET C 267 -25.83 19.77 0.28
C MET C 267 -26.66 19.12 -0.82
N ALA C 268 -27.62 18.28 -0.44
CA ALA C 268 -28.48 17.66 -1.45
C ALA C 268 -29.24 18.73 -2.22
N PHE C 269 -29.75 19.74 -1.51
CA PHE C 269 -30.48 20.82 -2.19
C PHE C 269 -29.56 21.56 -3.16
N ALA C 270 -28.30 21.78 -2.77
CA ALA C 270 -27.39 22.52 -3.65
C ALA C 270 -27.05 21.72 -4.90
N GLU C 271 -26.93 20.39 -4.79
CA GLU C 271 -26.69 19.55 -5.95
C GLU C 271 -27.97 19.26 -6.74
N HIS C 272 -29.13 19.68 -6.25
CA HIS C 272 -30.41 19.43 -6.92
C HIS C 272 -31.26 20.69 -6.87
N PRO C 273 -30.90 21.70 -7.66
CA PRO C 273 -31.59 23.00 -7.54
C PRO C 273 -33.08 22.95 -7.85
N ASP C 274 -33.51 22.02 -8.70
CA ASP C 274 -34.94 21.88 -8.95
C ASP C 274 -35.69 21.49 -7.68
N GLN C 275 -35.06 20.67 -6.83
CA GLN C 275 -35.69 20.27 -5.57
C GLN C 275 -35.70 21.44 -4.56
N TRP C 276 -34.68 22.29 -4.59
CA TRP C 276 -34.66 23.43 -3.68
C TRP C 276 -35.73 24.44 -4.05
N GLU C 277 -35.95 24.64 -5.35
CA GLU C 277 -37.01 25.55 -5.78
C GLU C 277 -38.37 24.98 -5.39
N LEU C 278 -38.56 23.67 -5.54
CA LEU C 278 -39.82 23.06 -5.14
C LEU C 278 -40.05 23.21 -3.64
N TYR C 279 -38.99 22.99 -2.84
CA TYR C 279 -39.13 23.10 -1.39
C TYR C 279 -39.52 24.51 -0.98
N LYS C 280 -38.80 25.52 -1.49
CA LYS C 280 -39.10 26.91 -1.15
C LYS C 280 -40.55 27.24 -1.48
N LYS C 281 -41.05 26.74 -2.60
CA LYS C 281 -42.41 27.07 -3.03
C LYS C 281 -43.46 26.30 -2.23
N VAL C 282 -43.17 25.05 -1.88
CA VAL C 282 -44.18 24.12 -1.40
C VAL C 282 -44.01 23.75 0.07
N ARG C 283 -42.77 23.72 0.57
CA ARG C 283 -42.48 23.33 1.94
C ARG C 283 -43.19 22.02 2.31
N PRO C 284 -42.97 20.95 1.53
CA PRO C 284 -43.75 19.72 1.71
C PRO C 284 -43.32 18.91 2.93
N GLU C 285 -44.29 18.25 3.54
CA GLU C 285 -44.09 17.47 4.76
C GLU C 285 -43.39 16.14 4.52
N THR C 286 -43.12 15.77 3.27
CA THR C 286 -42.33 14.60 2.95
C THR C 286 -40.85 14.89 2.85
N ALA C 287 -40.45 16.17 2.88
CA ALA C 287 -39.05 16.52 2.65
C ALA C 287 -38.16 16.03 3.79
N ALA C 288 -38.64 16.13 5.04
CA ALA C 288 -37.79 15.75 6.16
C ALA C 288 -37.33 14.30 6.04
N ASP C 289 -38.24 13.40 5.66
CA ASP C 289 -37.87 11.99 5.58
C ASP C 289 -36.93 11.72 4.42
N GLU C 290 -37.10 12.43 3.31
CA GLU C 290 -36.18 12.27 2.19
C GLU C 290 -34.82 12.88 2.52
N ILE C 291 -34.81 13.97 3.29
CA ILE C 291 -33.54 14.51 3.77
C ILE C 291 -32.83 13.48 4.65
N VAL C 292 -33.57 12.81 5.52
CA VAL C 292 -32.94 11.84 6.42
C VAL C 292 -32.47 10.61 5.64
N ARG C 293 -33.27 10.16 4.67
CA ARG C 293 -32.83 9.06 3.82
C ARG C 293 -31.54 9.42 3.09
N TRP C 294 -31.49 10.64 2.54
CA TRP C 294 -30.30 11.04 1.79
C TRP C 294 -29.11 11.24 2.71
N ALA C 295 -29.34 11.75 3.93
CA ALA C 295 -28.25 12.06 4.83
C ALA C 295 -27.75 10.83 5.58
N THR C 296 -28.64 9.85 5.85
CA THR C 296 -28.35 8.70 6.70
C THR C 296 -27.25 9.02 7.70
N PRO C 297 -27.55 9.83 8.73
CA PRO C 297 -26.48 10.29 9.63
C PRO C 297 -25.82 9.18 10.42
N VAL C 298 -26.53 8.09 10.73
CA VAL C 298 -25.92 6.90 11.30
C VAL C 298 -25.70 5.94 10.15
N THR C 299 -24.43 5.76 9.78
CA THR C 299 -24.10 4.87 8.68
C THR C 299 -24.43 3.43 9.02
N ALA C 300 -24.13 3.01 10.24
CA ALA C 300 -24.30 1.60 10.60
C ALA C 300 -24.38 1.46 12.10
N PHE C 301 -25.24 0.53 12.53
CA PHE C 301 -25.32 0.02 13.89
C PHE C 301 -25.23 -1.50 13.80
N GLN C 302 -24.74 -2.13 14.86
CA GLN C 302 -24.52 -3.57 14.87
C GLN C 302 -25.41 -4.28 15.86
N ARG C 303 -25.49 -5.61 15.70
CA ARG C 303 -26.11 -6.50 16.67
C ARG C 303 -25.21 -7.73 16.81
N THR C 304 -25.44 -8.52 17.87
CA THR C 304 -24.77 -9.79 18.07
C THR C 304 -25.82 -10.90 18.13
N ALA C 305 -25.57 -11.98 17.39
CA ALA C 305 -26.52 -13.08 17.33
C ALA C 305 -26.45 -13.89 18.62
N LEU C 306 -27.59 -14.05 19.28
CA LEU C 306 -27.68 -14.84 20.50
C LEU C 306 -27.91 -16.32 20.24
N ARG C 307 -28.06 -16.71 18.98
CA ARG C 307 -28.23 -18.11 18.61
C ARG C 307 -28.04 -18.22 17.10
N ASP C 308 -27.84 -19.45 16.64
CA ASP C 308 -27.79 -19.71 15.22
C ASP C 308 -29.06 -19.15 14.56
N TYR C 309 -28.88 -18.53 13.39
CA TYR C 309 -30.00 -17.90 12.69
C TYR C 309 -29.67 -17.86 11.20
N GLU C 310 -30.62 -18.28 10.38
CA GLU C 310 -30.49 -18.24 8.93
C GLU C 310 -31.15 -16.97 8.42
N LEU C 311 -30.40 -16.14 7.71
CA LEU C 311 -30.87 -14.85 7.23
C LEU C 311 -30.67 -14.78 5.73
N SER C 312 -31.78 -14.80 4.98
CA SER C 312 -31.74 -14.73 3.52
C SER C 312 -30.73 -15.74 2.97
N GLY C 313 -30.80 -16.96 3.49
CA GLY C 313 -29.98 -18.04 2.99
C GLY C 313 -28.57 -18.09 3.52
N VAL C 314 -28.20 -17.22 4.45
CA VAL C 314 -26.88 -17.21 5.05
C VAL C 314 -27.01 -17.64 6.51
N GLN C 315 -26.05 -18.42 6.99
CA GLN C 315 -26.09 -18.95 8.35
C GLN C 315 -25.29 -18.04 9.27
N ILE C 316 -25.99 -17.34 10.16
CA ILE C 316 -25.35 -16.52 11.18
C ILE C 316 -25.20 -17.37 12.44
N LYS C 317 -23.96 -17.52 12.89
CA LYS C 317 -23.68 -18.34 14.07
C LYS C 317 -23.71 -17.50 15.34
N LYS C 318 -23.98 -18.18 16.45
CA LYS C 318 -24.02 -17.52 17.75
C LYS C 318 -22.71 -16.77 18.01
N GLY C 319 -22.82 -15.60 18.64
CA GLY C 319 -21.68 -14.79 18.97
C GLY C 319 -21.16 -13.91 17.85
N GLN C 320 -21.62 -14.13 16.62
CA GLN C 320 -21.14 -13.33 15.51
C GLN C 320 -21.87 -11.99 15.46
N ARG C 321 -21.15 -10.98 15.00
CA ARG C 321 -21.70 -9.64 14.83
C ARG C 321 -22.30 -9.50 13.44
N VAL C 322 -23.45 -8.84 13.37
CA VAL C 322 -24.04 -8.38 12.12
C VAL C 322 -24.08 -6.86 12.15
N VAL C 323 -23.60 -6.23 11.08
CA VAL C 323 -23.55 -4.77 10.99
C VAL C 323 -24.57 -4.32 9.95
N MET C 324 -25.51 -3.50 10.41
CA MET C 324 -26.62 -3.02 9.59
C MET C 324 -26.21 -1.70 8.95
N PHE C 325 -25.95 -1.73 7.64
CA PHE C 325 -25.47 -0.53 6.95
C PHE C 325 -26.66 0.24 6.39
N TYR C 326 -27.23 1.12 7.22
CA TYR C 326 -28.34 1.95 6.78
C TYR C 326 -28.00 2.73 5.51
N ARG C 327 -26.72 3.14 5.38
CA ARG C 327 -26.33 3.88 4.19
C ARG C 327 -26.55 3.05 2.92
N SER C 328 -26.41 1.73 3.03
CA SER C 328 -26.68 0.89 1.86
C SER C 328 -28.18 0.65 1.72
N ALA C 329 -28.84 0.28 2.82
CA ALA C 329 -30.27 -0.04 2.77
C ALA C 329 -31.09 1.12 2.23
N ASN C 330 -30.72 2.35 2.58
CA ASN C 330 -31.50 3.52 2.16
C ASN C 330 -31.37 3.81 0.68
N PHE C 331 -30.54 3.04 -0.03
CA PHE C 331 -30.38 3.15 -1.48
C PHE C 331 -30.59 1.78 -2.13
N ASP C 332 -31.41 0.94 -1.50
CA ASP C 332 -31.72 -0.39 -2.01
C ASP C 332 -32.57 -0.29 -3.27
N GLU C 333 -32.01 -0.73 -4.39
CA GLU C 333 -32.68 -0.61 -5.68
C GLU C 333 -33.94 -1.45 -5.77
N GLU C 334 -34.07 -2.50 -4.97
CA GLU C 334 -35.29 -3.31 -4.99
C GLU C 334 -36.43 -2.67 -4.22
N VAL C 335 -36.13 -1.79 -3.26
CA VAL C 335 -37.16 -1.16 -2.45
C VAL C 335 -37.56 0.20 -3.03
N PHE C 336 -36.57 1.05 -3.30
CA PHE C 336 -36.77 2.29 -4.03
C PHE C 336 -36.46 2.05 -5.50
N GLN C 337 -37.38 2.44 -6.38
CA GLN C 337 -37.12 2.27 -7.80
C GLN C 337 -36.01 3.20 -8.27
N ASP C 338 -35.87 4.36 -7.65
CA ASP C 338 -34.88 5.37 -8.04
C ASP C 338 -34.20 5.91 -6.80
N PRO C 339 -33.36 5.08 -6.16
CA PRO C 339 -32.76 5.50 -4.89
C PRO C 339 -31.80 6.67 -5.02
N PHE C 340 -31.11 6.80 -6.15
CA PHE C 340 -30.17 7.90 -6.34
C PHE C 340 -30.85 9.17 -6.83
N THR C 341 -32.16 9.20 -6.87
CA THR C 341 -32.90 10.43 -7.09
C THR C 341 -33.21 11.05 -5.74
N PHE C 342 -32.93 12.35 -5.61
CA PHE C 342 -33.33 13.13 -4.43
C PHE C 342 -34.70 13.73 -4.72
N ASN C 343 -35.73 13.18 -4.08
CA ASN C 343 -37.13 13.52 -4.37
C ASN C 343 -37.83 13.87 -3.06
N ILE C 344 -37.98 15.16 -2.76
CA ILE C 344 -38.56 15.57 -1.49
C ILE C 344 -40.05 15.27 -1.39
N LEU C 345 -40.68 14.83 -2.48
CA LEU C 345 -42.05 14.38 -2.48
C LEU C 345 -42.17 12.86 -2.36
N ARG C 346 -41.05 12.17 -2.13
CA ARG C 346 -41.05 10.71 -2.07
C ARG C 346 -42.08 10.24 -1.05
N ASN C 347 -42.96 9.34 -1.49
CA ASN C 347 -44.07 8.86 -0.68
C ASN C 347 -44.72 7.66 -1.33
N PRO C 348 -44.71 6.47 -0.70
CA PRO C 348 -44.13 6.18 0.62
C PRO C 348 -42.60 6.27 0.63
N ASN C 349 -42.02 6.37 1.81
CA ASN C 349 -40.57 6.48 1.98
C ASN C 349 -40.18 5.57 3.12
N PRO C 350 -39.98 4.28 2.84
CA PRO C 350 -39.68 3.32 3.91
C PRO C 350 -38.21 3.28 4.30
N HIS C 351 -37.57 4.44 4.37
CA HIS C 351 -36.16 4.50 4.69
C HIS C 351 -35.91 4.03 6.12
N VAL C 352 -34.66 3.64 6.38
CA VAL C 352 -34.27 3.17 7.69
C VAL C 352 -33.24 4.11 8.29
N GLY C 353 -33.32 5.40 7.95
CA GLY C 353 -32.42 6.37 8.56
C GLY C 353 -32.59 6.45 10.07
N PHE C 354 -33.80 6.21 10.55
CA PHE C 354 -34.06 6.16 11.98
C PHE C 354 -33.99 4.74 12.51
N GLY C 355 -33.43 3.82 11.73
CA GLY C 355 -33.30 2.43 12.12
C GLY C 355 -34.40 1.56 11.52
N GLY C 356 -34.23 0.26 11.70
CA GLY C 356 -35.31 -0.66 11.37
C GLY C 356 -36.40 -0.61 12.42
N THR C 357 -37.65 -0.66 11.96
CA THR C 357 -38.76 -0.75 12.89
C THR C 357 -38.48 -1.88 13.88
N GLY C 358 -38.80 -1.63 15.14
CA GLY C 358 -38.58 -2.62 16.18
C GLY C 358 -38.44 -1.95 17.53
N ALA C 359 -37.95 -2.74 18.49
CA ALA C 359 -37.87 -2.28 19.87
C ALA C 359 -36.97 -1.07 20.05
N HIS C 360 -36.02 -0.85 19.14
CA HIS C 360 -35.03 0.20 19.30
C HIS C 360 -35.21 1.35 18.31
N TYR C 361 -36.35 1.41 17.62
CA TYR C 361 -36.58 2.48 16.67
C TYR C 361 -36.45 3.84 17.32
N CYS C 362 -35.77 4.74 16.63
CA CYS C 362 -35.43 6.04 17.22
C CYS C 362 -36.65 6.70 17.85
N ILE C 363 -36.56 6.94 19.16
CA ILE C 363 -37.65 7.64 19.84
C ILE C 363 -37.65 9.13 19.53
N GLY C 364 -36.56 9.66 18.98
CA GLY C 364 -36.46 11.07 18.66
C GLY C 364 -36.81 11.42 17.24
N ALA C 365 -37.40 10.49 16.49
CA ALA C 365 -37.61 10.71 15.06
C ALA C 365 -38.52 11.91 14.81
N ASN C 366 -39.57 12.04 15.62
CA ASN C 366 -40.50 13.16 15.43
C ASN C 366 -39.84 14.47 15.81
N LEU C 367 -39.03 14.47 16.88
CA LEU C 367 -38.30 15.66 17.25
C LEU C 367 -37.32 16.05 16.15
N ALA C 368 -36.60 15.08 15.60
CA ALA C 368 -35.63 15.37 14.54
C ALA C 368 -36.32 15.93 13.31
N ARG C 369 -37.44 15.33 12.91
CA ARG C 369 -38.16 15.82 11.74
C ARG C 369 -38.62 17.25 11.92
N MET C 370 -39.10 17.60 13.11
CA MET C 370 -39.51 18.97 13.38
C MET C 370 -38.33 19.93 13.30
N THR C 371 -37.20 19.55 13.91
CA THR C 371 -35.99 20.37 13.84
C THR C 371 -35.60 20.61 12.38
N ILE C 372 -35.55 19.55 11.59
CA ILE C 372 -35.25 19.67 10.17
C ILE C 372 -36.22 20.63 9.49
N ASN C 373 -37.52 20.38 9.64
CA ASN C 373 -38.51 21.22 8.96
C ASN C 373 -38.38 22.68 9.38
N LEU C 374 -38.16 22.95 10.66
CA LEU C 374 -38.11 24.33 11.12
C LEU C 374 -36.91 25.06 10.54
N ILE C 375 -35.74 24.40 10.51
CA ILE C 375 -34.54 25.09 10.06
C ILE C 375 -34.56 25.29 8.56
N PHE C 376 -35.11 24.33 7.80
CA PHE C 376 -35.15 24.51 6.36
C PHE C 376 -36.23 25.52 5.95
N ASN C 377 -37.34 25.60 6.68
CA ASN C 377 -38.27 26.70 6.47
C ASN C 377 -37.57 28.04 6.71
N ALA C 378 -36.74 28.11 7.74
CA ALA C 378 -36.03 29.35 8.05
C ALA C 378 -34.97 29.67 7.01
N VAL C 379 -34.24 28.66 6.54
CA VAL C 379 -33.26 28.91 5.48
C VAL C 379 -33.96 29.40 4.22
N ALA C 380 -35.08 28.76 3.85
CA ALA C 380 -35.81 29.20 2.66
C ALA C 380 -36.28 30.64 2.80
N ASP C 381 -36.69 31.04 4.01
CA ASP C 381 -37.21 32.39 4.22
C ASP C 381 -36.10 33.43 4.14
N HIS C 382 -34.92 33.14 4.72
CA HIS C 382 -33.92 34.17 4.96
C HIS C 382 -32.75 34.15 3.98
N MET C 383 -32.47 33.03 3.33
CA MET C 383 -31.39 32.95 2.37
CA MET C 383 -31.38 32.94 2.37
C MET C 383 -31.78 31.99 1.25
N PRO C 384 -32.81 32.32 0.47
CA PRO C 384 -33.27 31.41 -0.59
C PRO C 384 -32.28 31.23 -1.71
N ASP C 385 -31.24 32.07 -1.83
CA ASP C 385 -30.32 31.96 -2.95
C ASP C 385 -28.93 31.51 -2.53
N LEU C 386 -28.79 30.95 -1.34
CA LEU C 386 -27.47 30.53 -0.89
C LEU C 386 -26.89 29.51 -1.86
N LYS C 387 -25.57 29.49 -1.95
CA LYS C 387 -24.85 28.53 -2.79
C LYS C 387 -23.52 28.23 -2.12
N PRO C 388 -22.98 27.03 -2.30
CA PRO C 388 -21.74 26.68 -1.61
C PRO C 388 -20.51 27.33 -2.23
N ILE C 389 -19.53 27.57 -1.37
CA ILE C 389 -18.25 28.12 -1.80
C ILE C 389 -17.24 27.02 -2.10
N SER C 390 -17.03 26.11 -1.15
CA SER C 390 -16.04 25.05 -1.26
C SER C 390 -16.65 23.73 -0.83
N ALA C 391 -15.88 22.66 -1.01
CA ALA C 391 -16.39 21.33 -0.72
C ALA C 391 -16.43 21.07 0.78
N PRO C 392 -17.39 20.27 1.25
CA PRO C 392 -17.46 19.98 2.69
C PRO C 392 -16.30 19.13 3.17
N GLU C 393 -16.01 19.25 4.46
CA GLU C 393 -14.96 18.49 5.13
C GLU C 393 -15.61 17.40 5.97
N ARG C 394 -15.37 16.14 5.62
CA ARG C 394 -16.07 15.05 6.26
C ARG C 394 -15.39 14.65 7.58
N LEU C 395 -16.13 13.88 8.39
CA LEU C 395 -15.66 13.45 9.71
C LEU C 395 -15.08 12.06 9.64
N ARG C 396 -13.91 11.88 10.28
CA ARG C 396 -13.30 10.55 10.41
C ARG C 396 -14.05 9.77 11.48
N SER C 397 -14.75 8.72 11.08
CA SER C 397 -15.48 7.86 11.99
C SER C 397 -15.86 6.59 11.23
N GLY C 398 -15.99 5.50 11.97
CA GLY C 398 -16.33 4.23 11.36
C GLY C 398 -17.80 3.95 11.24
N TRP C 399 -18.66 4.81 11.77
CA TRP C 399 -20.09 4.51 11.85
C TRP C 399 -20.97 5.76 11.81
N LEU C 400 -20.41 6.92 12.16
CA LEU C 400 -21.12 8.18 12.01
C LEU C 400 -20.77 8.85 10.67
N ASN C 401 -21.79 9.42 10.03
CA ASN C 401 -21.63 10.12 8.75
C ASN C 401 -21.72 11.61 9.05
N GLY C 402 -20.57 12.26 9.17
CA GLY C 402 -20.53 13.62 9.67
C GLY C 402 -19.83 14.56 8.72
N ILE C 403 -20.32 15.80 8.72
CA ILE C 403 -19.70 16.92 8.01
C ILE C 403 -19.19 17.89 9.07
N LYS C 404 -17.87 18.10 9.09
CA LYS C 404 -17.27 19.00 10.08
C LYS C 404 -17.44 20.46 9.69
N HIS C 405 -17.27 20.78 8.40
CA HIS C 405 -17.30 22.16 7.94
C HIS C 405 -17.79 22.21 6.51
N TRP C 406 -18.38 23.35 6.13
CA TRP C 406 -18.88 23.54 4.77
C TRP C 406 -19.10 25.03 4.55
N GLN C 407 -18.28 25.64 3.70
CA GLN C 407 -18.37 27.08 3.48
C GLN C 407 -19.43 27.40 2.42
N VAL C 408 -20.32 28.34 2.75
CA VAL C 408 -21.41 28.69 1.85
C VAL C 408 -21.61 30.20 1.84
N ASP C 409 -21.95 30.72 0.66
CA ASP C 409 -22.32 32.12 0.48
C ASP C 409 -23.84 32.22 0.65
N TYR C 410 -24.28 32.73 1.80
CA TYR C 410 -25.71 32.78 2.09
C TYR C 410 -26.43 33.74 1.16
N THR C 411 -25.79 34.87 0.83
CA THR C 411 -26.45 35.87 -0.01
C THR C 411 -26.59 35.38 -1.45
N GLY C 412 -25.67 34.55 -1.91
CA GLY C 412 -25.73 34.03 -3.26
C GLY C 412 -25.36 35.07 -4.30
C01 DQE D . 15.25 -6.07 -3.45
C02 DQE D . 16.53 -5.34 -3.82
C04 DQE D . 18.02 -7.12 -4.14
C06 DQE D . 19.23 -7.66 -4.89
C07 DQE D . 19.65 -8.99 -4.96
C08 DQE D . 20.83 -9.01 -5.75
C09 DQE D . 21.72 -10.02 -6.20
C10 DQE D . 22.82 -9.69 -6.99
C11 DQE D . 23.70 -10.67 -7.44
C12 DQE D . 24.44 -10.48 -8.59
C13 DQE D . 25.29 -11.49 -9.00
C15 DQE D . 24.71 -12.81 -7.22
C16 DQE D . 23.83 -11.86 -6.74
C17 DQE D . 23.03 -8.35 -7.35
C18 DQE D . 22.16 -7.36 -6.92
C19 DQE D . 21.05 -7.71 -6.11
N14 DQE D . 25.41 -12.61 -8.32
N20 DQE D . 20.07 -6.91 -5.58
O03 DQE D . 17.24 -6.12 -4.74
O05 DQE D . 17.74 -7.52 -3.06
H013 DQE D . 14.67 -5.48 -3.03
H012 DQE D . 14.85 -6.42 -4.22
H011 DQE D . 15.46 -6.78 -2.86
H021 DQE D . 16.32 -4.51 -4.22
H022 DQE D . 17.06 -5.19 -3.06
H071 DQE D . 19.24 -9.73 -4.57
H091 DQE D . 21.57 -10.91 -5.97
H121 DQE D . 24.37 -9.69 -9.08
H131 DQE D . 25.80 -11.38 -9.77
H151 DQE D . 24.81 -13.62 -6.76
H161 DQE D . 23.34 -12.01 -5.96
H171 DQE D . 23.76 -8.13 -7.89
H181 DQE D . 22.31 -6.48 -7.16
H201 DQE D . 20.02 -6.06 -5.69
CHA HEM E . 25.70 -20.72 6.52
CHB HEM E . 27.29 -24.46 3.92
CHC HEM E . 22.81 -26.23 3.84
CHD HEM E . 21.15 -22.13 5.79
C1A HEM E . 26.51 -21.59 5.85
C2A HEM E . 27.95 -21.45 5.73
C3A HEM E . 28.36 -22.49 5.01
C4A HEM E . 27.24 -23.31 4.67
CMA HEM E . 29.81 -22.80 4.59
CAA HEM E . 28.81 -20.31 6.31
CBA HEM E . 29.40 -20.73 7.66
CGA HEM E . 30.41 -19.74 8.19
O1A HEM E . 30.64 -18.71 7.51
O2A HEM E . 30.97 -20.00 9.29
C1B HEM E . 26.22 -25.27 3.70
C2B HEM E . 26.27 -26.55 3.05
C3B HEM E . 25.02 -27.03 3.02
C4B HEM E . 24.16 -26.07 3.67
CMB HEM E . 27.56 -27.17 2.48
CAB HEM E . 24.49 -28.37 2.45
CBB HEM E . 25.25 -29.47 2.44
C1C HEM E . 21.97 -25.28 4.35
C2C HEM E . 20.53 -25.40 4.50
C3C HEM E . 20.07 -24.26 5.05
C4C HEM E . 21.21 -23.39 5.25
CMC HEM E . 19.73 -26.64 4.09
CAC HEM E . 18.62 -23.86 5.39
CBC HEM E . 17.57 -24.44 4.79
C1D HEM E . 22.23 -21.36 6.14
C2D HEM E . 22.21 -20.03 6.71
C3D HEM E . 23.46 -19.64 6.91
C4D HEM E . 24.32 -20.72 6.47
CMD HEM E . 20.94 -19.20 7.02
CAD HEM E . 23.91 -18.28 7.49
CBD HEM E . 24.15 -18.40 8.99
CGD HEM E . 24.70 -17.10 9.54
O1D HEM E . 25.29 -16.31 8.76
O2D HEM E . 24.55 -16.88 10.77
NA HEM E . 26.12 -22.74 5.20
NB HEM E . 24.93 -24.99 4.07
NC HEM E . 22.34 -24.05 4.82
ND HEM E . 23.55 -21.76 6.02
FE HEM E . 24.25 -23.46 5.19
HHB HEM E . 28.15 -24.71 3.52
HHC HEM E . 22.42 -27.08 3.58
HHD HEM E . 20.26 -21.75 5.93
HMA HEM E . 29.82 -23.62 4.06
HMAA HEM E . 30.36 -22.92 5.39
HMAB HEM E . 30.16 -22.07 4.05
HAA HEM E . 28.26 -19.51 6.44
HAAA HEM E . 29.53 -20.09 5.70
HBA HEM E . 29.85 -21.60 7.55
HBAA HEM E . 28.68 -20.83 8.31
HMB HEM E . 28.08 -26.48 2.04
HMBA HEM E . 27.34 -27.86 1.83
HMBB HEM E . 28.08 -27.56 3.20
HAB HEM E . 23.59 -28.41 2.10
HBB HEM E . 24.88 -30.30 2.09
HBBA HEM E . 26.15 -29.44 2.79
HMC HEM E . 18.91 -26.70 4.61
HMCA HEM E . 20.26 -27.44 4.25
HMCB HEM E . 19.50 -26.59 3.15
HAC HEM E . 18.47 -23.18 6.05
HBC HEM E . 16.67 -24.16 5.04
HBCA HEM E . 17.70 -25.12 4.13
HMD HEM E . 21.12 -18.60 7.77
HMDA HEM E . 20.21 -19.81 7.25
HMDB HEM E . 20.70 -18.68 6.23
HAD HEM E . 23.22 -17.62 7.32
HADA HEM E . 24.73 -18.00 7.06
HBD HEM E . 24.78 -19.11 9.16
HBDA HEM E . 23.31 -18.59 9.43
HHA HEM E . 26.13 -20.04 7.09
S SO4 F . 55.45 -16.33 -2.07
O1 SO4 F . 54.13 -15.73 -2.02
O2 SO4 F . 56.43 -15.40 -1.52
O3 SO4 F . 55.79 -16.60 -3.47
O4 SO4 F . 55.46 -17.58 -1.30
S SO4 G . 37.14 -18.78 -19.74
O1 SO4 G . 38.12 -17.83 -19.22
O2 SO4 G . 36.11 -19.00 -18.73
O3 SO4 G . 36.52 -18.21 -20.94
O4 SO4 G . 37.80 -20.03 -20.10
S SO4 H . 3.37 -32.91 -5.12
O1 SO4 H . 2.43 -32.85 -6.23
O2 SO4 H . 2.66 -32.68 -3.86
O3 SO4 H . 3.99 -34.23 -5.08
O4 SO4 H . 4.41 -31.88 -5.27
S SO4 I . 42.33 -19.01 19.42
O1 SO4 I . 41.01 -18.65 19.94
O2 SO4 I . 43.13 -17.80 19.23
O3 SO4 I . 43.01 -19.87 20.38
O4 SO4 I . 42.18 -19.71 18.14
S SO4 J . 22.18 -21.16 16.98
O1 SO4 J . 23.09 -20.07 17.36
O2 SO4 J . 21.24 -21.43 18.07
O3 SO4 J . 21.41 -20.76 15.81
O4 SO4 J . 22.96 -22.35 16.68
S SO4 K . 34.43 -13.28 19.00
O1 SO4 K . 33.96 -12.04 19.59
O2 SO4 K . 33.65 -14.41 19.50
O3 SO4 K . 34.30 -13.20 17.55
O4 SO4 K . 35.84 -13.47 19.33
S SO4 L . 36.47 -48.67 -2.71
O1 SO4 L . 35.67 -48.06 -1.65
O2 SO4 L . 37.24 -47.65 -3.42
O3 SO4 L . 35.58 -49.38 -3.63
O4 SO4 L . 37.40 -49.63 -2.11
CL CL M . 39.55 -38.68 10.32
CL CL N . 30.62 0.66 3.00
C01 DQE O . -5.38 25.06 -21.40
C02 DQE O . -3.96 24.60 -21.07
C04 DQE O . -4.27 23.62 -18.96
C06 DQE O . -3.32 22.48 -18.61
C07 DQE O . -2.66 21.68 -19.53
C08 DQE O . -1.88 20.74 -18.78
C09 DQE O . -1.01 19.69 -19.12
C10 DQE O . -0.39 18.92 -18.13
C11 DQE O . 0.50 17.89 -18.48
C12 DQE O . 0.54 17.42 -19.77
C13 DQE O . 1.44 16.41 -20.09
C15 DQE O . 2.24 16.33 -17.94
C16 DQE O . 1.36 17.33 -17.55
C17 DQE O . -0.63 19.24 -16.78
C18 DQE O . -1.49 20.27 -16.45
C19 DQE O . -2.12 21.04 -17.47
N14 DQE O . 2.25 15.89 -19.19
N20 DQE O . -2.99 22.09 -17.38
O03 DQE O . -3.77 24.71 -19.69
O05 DQE O . -5.40 23.61 -18.62
H013 DQE O . -5.48 25.95 -21.16
H012 DQE O . -5.99 24.54 -20.92
H011 DQE O . -5.53 24.95 -22.32
H021 DQE O . -3.85 23.72 -21.34
H022 DQE O . -3.35 25.15 -21.52
H071 DQE O . -2.71 21.74 -20.46
H091 DQE O . -0.84 19.49 -20.02
H121 DQE O . -0.02 17.77 -20.43
H131 DQE O . 1.47 16.09 -20.97
H151 DQE O . 2.82 15.96 -17.32
H161 DQE O . 1.36 17.64 -16.67
H171 DQE O . -0.21 18.74 -16.12
H181 DQE O . -1.65 20.47 -15.55
H201 DQE O . -3.29 22.45 -16.65
CHA HEM P . 3.17 14.13 -22.23
CHB HEM P . 2.18 12.54 -17.78
CHC HEM P . 6.15 14.75 -16.13
CHD HEM P . 6.38 17.18 -20.31
C1A HEM P . 2.59 13.49 -21.17
C2A HEM P . 1.43 12.63 -21.26
C3A HEM P . 1.14 12.20 -20.03
C4A HEM P . 2.13 12.76 -19.13
CMA HEM P . -0.02 11.27 -19.62
CAA HEM P . 0.68 12.36 -22.57
CBA HEM P . 0.65 10.87 -22.88
CGA HEM P . 0.08 10.72 -24.27
O1A HEM P . 0.54 9.83 -25.02
O2A HEM P . -0.85 11.51 -24.61
C1B HEM P . 3.19 12.97 -16.95
C2B HEM P . 3.33 12.60 -15.56
C3B HEM P . 4.43 13.23 -15.10
C4B HEM P . 5.01 13.98 -16.18
CMB HEM P . 2.37 11.69 -14.78
CAB HEM P . 5.05 13.18 -13.70
CBB HEM P . 4.88 12.12 -12.89
C1C HEM P . 6.56 15.63 -17.10
C2C HEM P . 7.65 16.57 -16.99
C3C HEM P . 7.71 17.25 -18.16
C4C HEM P . 6.67 16.75 -19.02
CMC HEM P . 8.54 16.72 -15.74
CAC HEM P . 8.71 18.36 -18.56
CBC HEM P . 9.72 18.71 -17.76
C1D HEM P . 5.52 16.59 -21.20
C2D HEM P . 5.24 17.01 -22.56
C3D HEM P . 4.36 16.17 -23.10
C4D HEM P . 4.04 15.18 -22.10
CMD HEM P . 5.88 18.24 -23.25
CAD HEM P . 3.76 16.21 -24.52
CBD HEM P . 4.56 15.27 -25.41
CGD HEM P . 4.09 15.32 -26.85
O1D HEM P . 4.84 14.85 -27.75
O2D HEM P . 2.96 15.83 -27.08
NA HEM P . 2.99 13.54 -19.86
NB HEM P . 4.22 13.81 -17.30
NC HEM P . 5.99 15.77 -18.34
ND HEM P . 4.76 15.47 -20.95
FE HEM P . 4.52 14.64 -19.12
HHB HEM P . 1.44 12.04 -17.37
HHC HEM P . 6.71 14.66 -15.33
HHD HEM P . 6.84 17.99 -20.61
HMA HEM P . -0.86 11.64 -19.94
HMAA HEM P . -0.05 11.19 -18.64
HMAB HEM P . 0.11 10.39 -20.01
HAA HEM P . 1.13 12.82 -23.30
HAAA HEM P . -0.23 12.68 -22.49
HBA HEM P . 0.10 10.41 -22.24
HBAA HEM P . 1.55 10.51 -22.86
HMB HEM P . 1.47 11.83 -15.10
HMBA HEM P . 2.42 11.91 -13.83
HMBB HEM P . 2.63 10.76 -14.91
HAB HEM P . 5.58 13.92 -13.38
HBB HEM P . 5.29 12.11 -12.01
HBBA HEM P . 4.35 11.37 -13.19
HMC HEM P . 8.06 16.35 -14.96
HMCA HEM P . 8.72 17.65 -15.58
HMCB HEM P . 9.36 16.23 -15.86
HAC HEM P . 8.60 18.81 -19.40
HBC HEM P . 10.34 19.40 -18.03
HBCA HEM P . 9.83 18.26 -16.90
HMD HEM P . 5.65 18.22 -24.20
HMDA HEM P . 6.85 18.20 -23.14
HMDB HEM P . 5.53 19.06 -22.85
HAD HEM P . 3.81 17.11 -24.87
HADA HEM P . 2.83 15.92 -24.50
HBD HEM P . 4.46 14.36 -25.09
HBDA HEM P . 5.50 15.51 -25.38
HHA HEM P . 2.96 13.82 -23.14
S SO4 Q . -18.57 24.01 -13.99
O1 SO4 Q . -17.66 24.99 -13.41
O2 SO4 Q . -19.78 23.96 -13.19
O3 SO4 Q . -17.95 22.69 -14.02
O4 SO4 Q . -18.87 24.41 -15.36
S SO4 R . -19.13 21.41 -8.01
O1 SO4 R . -20.15 20.61 -7.34
O2 SO4 R . -19.38 22.83 -7.76
O3 SO4 R . -19.17 21.15 -9.45
O4 SO4 R . -17.81 21.06 -7.49
S SO4 S . 3.26 -6.45 -12.84
O1 SO4 S . 3.37 -4.99 -12.96
O2 SO4 S . 2.39 -6.74 -11.69
O3 SO4 S . 2.67 -7.00 -14.05
O4 SO4 S . 4.60 -7.01 -12.62
S SO4 T . -25.40 21.45 -26.05
O1 SO4 T . -26.32 20.43 -26.54
O2 SO4 T . -26.13 22.42 -25.24
O3 SO4 T . -24.35 20.83 -25.26
O4 SO4 T . -24.79 22.12 -27.19
C04 DQE U . -20.49 7.57 21.67
C06 DQE U . -21.77 7.89 20.90
C07 DQE U . -23.00 7.25 21.05
C08 DQE U . -23.89 7.89 20.14
C09 DQE U . -25.25 7.72 19.79
C10 DQE U . -25.84 8.53 18.81
C11 DQE U . -27.19 8.38 18.49
C12 DQE U . -27.90 9.40 17.87
C13 DQE U . -29.25 9.22 17.59
C15 DQE U . -29.19 7.09 18.47
C16 DQE U . -27.84 7.19 18.79
C17 DQE U . -25.07 9.51 18.19
C18 DQE U . -23.73 9.68 18.51
C19 DQE U . -23.14 8.85 19.51
N14 DQE U . -29.85 8.07 17.89
N20 DQE U . -21.87 8.82 19.99
O03 DQE U . -19.47 8.05 21.29
O05 DQE U . -20.51 6.74 22.79
H071 DQE U . -23.21 6.56 21.63
H091 DQE U . -25.76 7.07 20.23
H121 DQE U . -27.48 10.20 17.65
H131 DQE U . -29.73 9.90 17.18
H151 DQE U . -29.64 6.30 18.66
H161 DQE U . -27.40 6.50 19.21
H171 DQE U . -25.46 10.05 17.54
H181 DQE U . -23.22 10.33 18.08
H201 DQE U . -21.22 9.35 19.73
CHA HEM V . -32.19 5.17 18.20
CHB HEM V . -30.94 7.60 14.19
CHC HEM V . -32.38 11.74 16.25
CHD HEM V . -32.55 9.44 20.51
C1A HEM V . -31.81 5.44 16.90
C2A HEM V . -31.53 4.47 15.85
C3A HEM V . -31.20 5.17 14.75
C4A HEM V . -31.24 6.57 15.06
CMA HEM V . -30.82 4.57 13.38
CAA HEM V . -31.63 2.94 15.91
CBA HEM V . -30.91 2.30 17.09
CGA HEM V . -30.89 0.81 16.83
O1A HEM V . -31.84 0.29 16.19
O2A HEM V . -29.92 0.14 17.28
C1B HEM V . -31.26 8.92 14.37
C2B HEM V . -31.14 9.98 13.40
C3B HEM V . -31.52 11.13 13.98
C4B HEM V . -31.90 10.83 15.33
CMB HEM V . -30.63 9.78 11.96
CAB HEM V . -31.60 12.55 13.35
CBB HEM V . -31.75 12.72 12.04
C1C HEM V . -32.56 11.49 17.60
C2C HEM V . -32.96 12.46 18.59
C3C HEM V . -33.00 11.82 19.78
C4C HEM V . -32.64 10.43 19.56
CMC HEM V . -33.24 13.94 18.26
CAC HEM V . -33.36 12.40 21.17
CBC HEM V . -33.50 13.72 21.32
C1D HEM V . -32.49 8.08 20.25
C2D HEM V . -32.58 7.03 21.24
C3D HEM V . -32.48 5.85 20.60
C4D HEM V . -32.33 6.12 19.19
CMD HEM V . -32.75 7.21 22.75
CAD HEM V . -32.53 4.45 21.26
CBD HEM V . -33.97 4.03 21.45
CGD HEM V . -34.03 2.64 22.04
O1D HEM V . -32.94 2.03 22.23
O2D HEM V . -35.16 2.17 22.31
NA HEM V . -31.62 6.70 16.39
NB HEM V . -31.74 9.48 15.55
NC HEM V . -32.38 10.28 18.22
ND HEM V . -32.34 7.49 19.01
FE HEM V . -32.11 8.49 17.25
HHB HEM V . -30.48 7.35 13.36
HHC HEM V . -32.62 12.63 15.93
HHD HEM V . -32.55 9.71 21.44
HMA HEM V . -30.95 5.25 12.69
HMAA HEM V . -31.39 3.80 13.19
HMAB HEM V . -29.88 4.29 13.39
HAA HEM V . -31.25 2.58 15.09
HAAA HEM V . -32.57 2.69 15.96
HBA HEM V . -31.38 2.48 17.91
HBAA HEM V . -30.01 2.63 17.15
HMB HEM V . -29.96 9.08 11.94
HMBA HEM V . -30.23 10.60 11.64
HMBB HEM V . -31.36 9.53 11.38
HAB HEM V . -31.54 13.31 13.93
HBB HEM V . -31.81 13.62 11.68
HBBA HEM V . -31.82 11.95 11.45
HMC HEM V . -33.44 14.02 17.32
HMCA HEM V . -32.47 14.48 18.48
HMCB HEM V . -34.00 14.24 18.78
HAC HEM V . -33.48 11.82 21.91
HBC HEM V . -33.73 14.08 22.20
HBCA HEM V . -33.38 14.31 20.57
HMD HEM V . -32.90 6.33 23.18
HMDA HEM V . -33.53 7.79 22.93
HMDB HEM V . -31.95 7.62 23.13
HAD HEM V . -32.08 4.48 22.12
HADA HEM V . -32.08 3.81 20.69
HBD HEM V . -34.43 4.04 20.59
HBDA HEM V . -34.41 4.66 22.05
HHA HEM V . -32.39 4.24 18.42
S SO4 W . -7.35 3.61 14.90
O1 SO4 W . -7.19 4.95 15.47
O2 SO4 W . -7.90 2.72 15.93
O3 SO4 W . -8.28 3.63 13.78
O4 SO4 W . -6.05 3.12 14.45
S SO4 X . -6.48 6.69 9.25
O1 SO4 X . -7.58 7.64 9.00
O2 SO4 X . -5.45 7.34 10.06
O3 SO4 X . -6.98 5.53 9.97
O4 SO4 X . -5.89 6.27 7.98
S SO4 Y . -32.65 18.15 -9.95
O1 SO4 Y . -32.07 19.50 -9.98
O2 SO4 Y . -33.63 18.08 -8.86
O3 SO4 Y . -31.59 17.17 -9.74
O4 SO4 Y . -33.33 17.88 -11.22
S SO4 Z . -6.77 -9.74 18.16
O1 SO4 Z . -7.28 -8.70 17.27
O2 SO4 Z . -6.99 -9.36 19.55
O3 SO4 Z . -5.33 -9.90 17.94
O4 SO4 Z . -7.48 -10.99 17.88
CL CL AA . -9.47 -5.55 27.22
CL CL BA . -39.60 5.32 -2.76
#